data_2YRL
#
_entry.id   2YRL
#
_entity_poly.entity_id   1
_entity_poly.type   'polypeptide(L)'
_entity_poly.pdbx_seq_one_letter_code
;GSSGSSGQADAGPDKELTLPVDSTTLDGSKSSDDQKIISYLWEKTQGPDGVQLENANSSVATVTGLQVGTYVFTLTVKDE
RNLQSQSSVNVIVKEESGPSSG
;
_entity_poly.pdbx_strand_id   A
#
# COMPACT_ATOMS: atom_id res chain seq x y z
N GLY A 1 10.50 -30.40 -3.30
CA GLY A 1 10.32 -30.12 -4.71
C GLY A 1 10.68 -28.69 -5.06
N SER A 2 10.23 -28.24 -6.23
CA SER A 2 10.52 -26.89 -6.69
C SER A 2 9.41 -25.93 -6.26
N SER A 3 9.69 -24.63 -6.33
CA SER A 3 8.74 -23.61 -5.95
C SER A 3 7.78 -23.30 -7.09
N GLY A 4 6.50 -23.17 -6.77
CA GLY A 4 5.50 -22.89 -7.78
C GLY A 4 4.54 -21.80 -7.35
N SER A 5 4.03 -21.89 -6.13
CA SER A 5 3.09 -20.92 -5.61
C SER A 5 3.58 -19.49 -5.88
N SER A 6 2.72 -18.67 -6.45
CA SER A 6 3.06 -17.29 -6.76
C SER A 6 2.73 -16.37 -5.59
N GLY A 7 3.01 -15.08 -5.77
CA GLY A 7 2.73 -14.12 -4.71
C GLY A 7 1.26 -14.06 -4.36
N GLN A 8 0.95 -14.34 -3.10
CA GLN A 8 -0.43 -14.31 -2.62
C GLN A 8 -0.97 -12.89 -2.58
N ALA A 9 -0.19 -11.98 -2.00
CA ALA A 9 -0.58 -10.58 -1.90
C ALA A 9 0.59 -9.65 -2.20
N ASP A 10 0.42 -8.83 -3.24
CA ASP A 10 1.47 -7.90 -3.64
C ASP A 10 1.01 -6.45 -3.42
N ALA A 11 1.56 -5.82 -2.39
CA ALA A 11 1.22 -4.44 -2.07
C ALA A 11 2.07 -3.46 -2.87
N GLY A 12 2.42 -3.85 -4.09
CA GLY A 12 3.23 -2.99 -4.94
C GLY A 12 4.61 -2.73 -4.35
N PRO A 13 5.52 -2.22 -5.19
CA PRO A 13 6.89 -1.92 -4.77
C PRO A 13 6.95 -0.73 -3.80
N ASP A 14 8.17 -0.33 -3.44
CA ASP A 14 8.36 0.79 -2.54
C ASP A 14 7.75 2.07 -3.11
N LYS A 15 7.08 2.83 -2.25
CA LYS A 15 6.45 4.07 -2.67
C LYS A 15 7.26 5.27 -2.20
N GLU A 16 7.71 6.08 -3.15
CA GLU A 16 8.49 7.27 -2.84
C GLU A 16 7.86 8.52 -3.44
N LEU A 17 7.26 9.35 -2.58
CA LEU A 17 6.61 10.57 -3.03
C LEU A 17 7.45 11.79 -2.67
N THR A 18 7.32 12.85 -3.46
CA THR A 18 8.06 14.08 -3.21
C THR A 18 7.15 15.29 -3.27
N LEU A 19 6.97 15.94 -2.13
CA LEU A 19 6.12 17.13 -2.05
C LEU A 19 6.27 17.99 -3.29
N PRO A 20 5.26 18.84 -3.55
CA PRO A 20 4.07 18.93 -2.70
C PRO A 20 3.19 17.70 -2.79
N VAL A 21 3.58 16.76 -3.67
CA VAL A 21 2.83 15.53 -3.85
C VAL A 21 2.59 14.82 -2.52
N ASP A 22 1.50 15.17 -1.85
CA ASP A 22 1.17 14.56 -0.56
C ASP A 22 0.03 13.56 -0.72
N SER A 23 0.10 12.74 -1.76
CA SER A 23 -0.93 11.75 -2.02
C SER A 23 -0.39 10.64 -2.91
N THR A 24 -0.83 9.40 -2.65
CA THR A 24 -0.39 8.25 -3.42
C THR A 24 -1.51 7.24 -3.59
N THR A 25 -1.29 6.24 -4.43
CA THR A 25 -2.27 5.19 -4.68
C THR A 25 -1.65 3.81 -4.61
N LEU A 26 -2.22 2.96 -3.75
CA LEU A 26 -1.72 1.60 -3.59
C LEU A 26 -2.52 0.62 -4.46
N ASP A 27 -2.09 0.46 -5.70
CA ASP A 27 -2.76 -0.45 -6.62
C ASP A 27 -2.32 -1.89 -6.39
N GLY A 28 -3.20 -2.68 -5.78
CA GLY A 28 -2.87 -4.07 -5.51
C GLY A 28 -3.63 -5.03 -6.41
N SER A 29 -3.93 -4.58 -7.63
CA SER A 29 -4.65 -5.40 -8.59
C SER A 29 -3.85 -6.65 -8.95
N LYS A 30 -2.53 -6.54 -8.87
CA LYS A 30 -1.65 -7.66 -9.18
C LYS A 30 -1.30 -8.45 -7.92
N SER A 31 -2.35 -8.91 -7.22
CA SER A 31 -2.15 -9.68 -6.00
C SER A 31 -2.06 -11.18 -6.30
N SER A 32 -2.87 -11.62 -7.26
CA SER A 32 -2.89 -13.04 -7.64
C SER A 32 -2.83 -13.18 -9.16
N ASP A 33 -2.54 -14.39 -9.62
CA ASP A 33 -2.46 -14.67 -11.05
C ASP A 33 -3.52 -15.69 -11.47
N ASP A 34 -3.46 -16.87 -10.87
CA ASP A 34 -4.41 -17.93 -11.18
C ASP A 34 -5.60 -17.88 -10.22
N GLN A 35 -5.33 -18.01 -8.93
CA GLN A 35 -6.38 -17.99 -7.93
C GLN A 35 -6.86 -16.55 -7.66
N LYS A 36 -8.06 -16.23 -8.13
CA LYS A 36 -8.62 -14.91 -7.96
C LYS A 36 -8.74 -14.56 -6.48
N ILE A 37 -9.01 -13.30 -6.18
CA ILE A 37 -9.16 -12.85 -4.80
C ILE A 37 -10.51 -12.15 -4.59
N ILE A 38 -11.15 -12.46 -3.47
CA ILE A 38 -12.45 -11.87 -3.16
C ILE A 38 -12.40 -11.15 -1.81
N SER A 39 -11.27 -10.52 -1.52
CA SER A 39 -11.09 -9.80 -0.26
C SER A 39 -9.98 -8.75 -0.39
N TYR A 40 -10.23 -7.57 0.15
CA TYR A 40 -9.25 -6.49 0.10
C TYR A 40 -9.38 -5.59 1.33
N LEU A 41 -8.24 -5.34 1.98
CA LEU A 41 -8.22 -4.50 3.17
C LEU A 41 -6.94 -3.67 3.23
N TRP A 42 -7.09 -2.35 3.31
CA TRP A 42 -5.95 -1.45 3.37
C TRP A 42 -5.95 -0.67 4.68
N GLU A 43 -4.88 -0.85 5.46
CA GLU A 43 -4.75 -0.16 6.73
C GLU A 43 -3.30 0.22 7.00
N LYS A 44 -3.10 1.31 7.76
CA LYS A 44 -1.76 1.78 8.09
C LYS A 44 -1.28 1.16 9.41
N THR A 45 -0.31 0.27 9.32
CA THR A 45 0.24 -0.39 10.49
C THR A 45 1.14 0.56 11.28
N GLN A 46 2.09 1.17 10.58
CA GLN A 46 3.02 2.10 11.21
C GLN A 46 2.90 3.49 10.59
N GLY A 47 3.70 4.42 11.11
CA GLY A 47 3.67 5.79 10.59
C GLY A 47 2.82 6.70 11.43
N PRO A 48 2.91 8.02 11.17
CA PRO A 48 2.14 9.03 11.89
C PRO A 48 0.65 8.97 11.58
N ASP A 49 -0.18 9.18 12.60
CA ASP A 49 -1.63 9.16 12.43
C ASP A 49 -2.14 10.48 11.87
N GLY A 50 -2.76 10.44 10.71
CA GLY A 50 -3.29 11.64 10.09
C GLY A 50 -3.78 11.40 8.68
N VAL A 51 -2.94 10.79 7.86
CA VAL A 51 -3.30 10.51 6.47
C VAL A 51 -4.72 9.99 6.36
N GLN A 52 -5.33 10.14 5.20
CA GLN A 52 -6.69 9.69 4.97
C GLN A 52 -6.73 8.62 3.88
N LEU A 53 -7.23 7.44 4.23
CA LEU A 53 -7.33 6.33 3.29
C LEU A 53 -8.72 6.25 2.69
N GLU A 54 -8.79 6.12 1.36
CA GLU A 54 -10.07 6.03 0.67
C GLU A 54 -10.18 4.71 -0.08
N ASN A 55 -11.35 4.10 -0.02
CA ASN A 55 -11.60 2.83 -0.70
C ASN A 55 -10.67 1.74 -0.15
N ALA A 56 -10.39 1.81 1.15
CA ALA A 56 -9.53 0.83 1.78
C ALA A 56 -10.02 -0.60 1.52
N ASN A 57 -11.34 -0.74 1.36
CA ASN A 57 -11.93 -2.05 1.10
C ASN A 57 -11.94 -2.36 -0.39
N SER A 58 -10.90 -1.90 -1.09
CA SER A 58 -10.79 -2.14 -2.52
C SER A 58 -9.34 -2.43 -2.91
N SER A 59 -9.16 -3.16 -4.01
CA SER A 59 -7.84 -3.51 -4.49
C SER A 59 -6.96 -2.27 -4.65
N VAL A 60 -7.60 -1.15 -4.99
CA VAL A 60 -6.88 0.10 -5.18
C VAL A 60 -7.30 1.14 -4.14
N ALA A 61 -6.39 1.44 -3.22
CA ALA A 61 -6.67 2.41 -2.16
C ALA A 61 -5.90 3.70 -2.40
N THR A 62 -6.40 4.79 -1.82
CA THR A 62 -5.76 6.09 -1.97
C THR A 62 -5.52 6.74 -0.61
N VAL A 63 -4.30 7.25 -0.42
CA VAL A 63 -3.93 7.89 0.84
C VAL A 63 -3.55 9.36 0.61
N THR A 64 -4.36 10.26 1.17
CA THR A 64 -4.11 11.69 1.03
C THR A 64 -3.63 12.29 2.33
N GLY A 65 -2.99 13.46 2.25
CA GLY A 65 -2.49 14.13 3.44
C GLY A 65 -1.22 13.48 3.97
N LEU A 66 -0.30 13.16 3.07
CA LEU A 66 0.97 12.54 3.45
C LEU A 66 2.02 13.60 3.75
N GLN A 67 2.87 13.31 4.73
CA GLN A 67 3.94 14.24 5.11
C GLN A 67 5.28 13.52 5.16
N VAL A 68 6.35 14.31 5.25
CA VAL A 68 7.70 13.75 5.30
C VAL A 68 7.84 12.74 6.43
N GLY A 69 7.65 11.47 6.10
CA GLY A 69 7.77 10.43 7.10
C GLY A 69 7.67 9.03 6.51
N THR A 70 7.46 8.04 7.36
CA THR A 70 7.34 6.65 6.91
C THR A 70 5.96 6.09 7.21
N TYR A 71 5.25 5.71 6.16
CA TYR A 71 3.90 5.15 6.31
C TYR A 71 3.86 3.70 5.84
N VAL A 72 3.54 2.80 6.76
CA VAL A 72 3.46 1.38 6.45
C VAL A 72 2.01 0.91 6.36
N PHE A 73 1.59 0.54 5.15
CA PHE A 73 0.23 0.07 4.93
C PHE A 73 0.20 -1.43 4.64
N THR A 74 -0.49 -2.17 5.50
CA THR A 74 -0.60 -3.62 5.33
C THR A 74 -1.82 -4.00 4.52
N LEU A 75 -1.63 -4.88 3.54
CA LEU A 75 -2.73 -5.33 2.69
C LEU A 75 -3.12 -6.77 3.00
N THR A 76 -4.26 -6.93 3.67
CA THR A 76 -4.74 -8.26 4.04
C THR A 76 -5.84 -8.72 3.09
N VAL A 77 -5.55 -9.74 2.29
CA VAL A 77 -6.51 -10.28 1.34
C VAL A 77 -6.77 -11.76 1.59
N LYS A 78 -7.75 -12.32 0.89
CA LYS A 78 -8.09 -13.72 1.04
C LYS A 78 -8.49 -14.33 -0.30
N ASP A 79 -8.22 -15.62 -0.46
CA ASP A 79 -8.54 -16.32 -1.71
C ASP A 79 -9.70 -17.30 -1.48
N GLU A 80 -10.14 -17.93 -2.57
CA GLU A 80 -11.23 -18.89 -2.48
C GLU A 80 -11.00 -19.90 -1.36
N ARG A 81 -9.74 -20.19 -1.10
CA ARG A 81 -9.37 -21.14 -0.05
C ARG A 81 -9.20 -20.43 1.30
N ASN A 82 -9.97 -19.36 1.50
CA ASN A 82 -9.90 -18.60 2.73
C ASN A 82 -8.46 -18.46 3.20
N LEU A 83 -7.54 -18.33 2.26
CA LEU A 83 -6.13 -18.19 2.57
C LEU A 83 -5.82 -16.79 3.10
N GLN A 84 -5.35 -16.72 4.34
CA GLN A 84 -5.01 -15.44 4.96
C GLN A 84 -3.58 -15.04 4.63
N SER A 85 -3.43 -13.94 3.89
CA SER A 85 -2.12 -13.44 3.51
C SER A 85 -1.95 -11.98 3.88
N GLN A 86 -0.70 -11.54 4.00
CA GLN A 86 -0.41 -10.15 4.35
C GLN A 86 0.73 -9.60 3.50
N SER A 87 0.69 -8.30 3.23
CA SER A 87 1.72 -7.66 2.43
C SER A 87 1.73 -6.15 2.67
N SER A 88 2.78 -5.67 3.31
CA SER A 88 2.91 -4.24 3.60
C SER A 88 3.84 -3.56 2.60
N VAL A 89 3.81 -2.23 2.58
CA VAL A 89 4.66 -1.46 1.67
C VAL A 89 5.20 -0.20 2.35
N ASN A 90 6.48 0.05 2.17
CA ASN A 90 7.12 1.22 2.77
C ASN A 90 6.88 2.47 1.92
N VAL A 91 6.19 3.44 2.49
CA VAL A 91 5.89 4.68 1.79
C VAL A 91 6.70 5.83 2.34
N ILE A 92 7.75 6.21 1.62
CA ILE A 92 8.61 7.32 2.03
C ILE A 92 8.21 8.62 1.36
N VAL A 93 8.28 9.72 2.11
CA VAL A 93 7.93 11.03 1.58
C VAL A 93 9.09 12.00 1.71
N LYS A 94 9.64 12.41 0.57
CA LYS A 94 10.76 13.34 0.55
C LYS A 94 10.28 14.77 0.42
N GLU A 95 11.18 15.72 0.62
CA GLU A 95 10.84 17.14 0.53
C GLU A 95 10.98 17.64 -0.91
N GLU A 96 10.18 18.63 -1.27
CA GLU A 96 10.21 19.19 -2.62
C GLU A 96 11.57 19.83 -2.90
N SER A 97 12.38 19.15 -3.71
CA SER A 97 13.70 19.64 -4.05
C SER A 97 13.68 21.15 -4.29
N GLY A 98 14.78 21.81 -3.93
CA GLY A 98 14.86 23.25 -4.11
C GLY A 98 14.65 24.00 -2.81
N PRO A 99 15.31 25.16 -2.68
CA PRO A 99 15.21 26.00 -1.48
C PRO A 99 13.85 26.66 -1.35
N SER A 100 13.66 27.42 -0.28
CA SER A 100 12.39 28.10 -0.03
C SER A 100 12.60 29.29 0.91
N SER A 101 11.66 30.23 0.87
CA SER A 101 11.73 31.42 1.71
C SER A 101 10.36 31.74 2.32
N GLY A 102 10.37 32.25 3.54
CA GLY A 102 9.13 32.59 4.21
C GLY A 102 9.05 32.02 5.62
N GLY A 1 10.88 -14.60 -2.31
CA GLY A 1 11.37 -15.96 -2.42
C GLY A 1 11.68 -16.59 -1.08
N SER A 2 12.96 -16.86 -0.83
CA SER A 2 13.38 -17.47 0.42
C SER A 2 12.94 -16.61 1.62
N SER A 3 11.93 -17.10 2.34
CA SER A 3 11.42 -16.38 3.50
C SER A 3 11.21 -14.91 3.18
N GLY A 4 10.68 -14.64 1.99
CA GLY A 4 10.43 -13.26 1.59
C GLY A 4 8.98 -12.86 1.73
N SER A 5 8.33 -12.58 0.60
CA SER A 5 6.93 -12.18 0.60
C SER A 5 6.04 -13.28 1.19
N SER A 6 5.74 -13.17 2.48
CA SER A 6 4.91 -14.15 3.16
C SER A 6 3.54 -14.27 2.49
N GLY A 7 2.87 -13.13 2.33
CA GLY A 7 1.56 -13.13 1.70
C GLY A 7 1.63 -12.82 0.22
N GLN A 8 0.94 -13.63 -0.58
CA GLN A 8 0.93 -13.44 -2.02
C GLN A 8 0.52 -12.02 -2.38
N ALA A 9 -0.18 -11.36 -1.46
CA ALA A 9 -0.63 -9.99 -1.68
C ALA A 9 0.47 -9.14 -2.32
N ASP A 10 0.10 -8.37 -3.33
CA ASP A 10 1.06 -7.51 -4.03
C ASP A 10 0.77 -6.05 -3.75
N ALA A 11 1.46 -5.49 -2.76
CA ALA A 11 1.28 -4.08 -2.40
C ALA A 11 2.19 -3.19 -3.21
N GLY A 12 2.47 -3.59 -4.45
CA GLY A 12 3.33 -2.81 -5.31
C GLY A 12 4.71 -2.58 -4.71
N PRO A 13 5.66 -2.15 -5.55
CA PRO A 13 7.03 -1.89 -5.11
C PRO A 13 7.14 -0.66 -4.22
N ASP A 14 8.35 -0.33 -3.81
CA ASP A 14 8.58 0.83 -2.95
C ASP A 14 7.85 2.05 -3.48
N LYS A 15 7.33 2.86 -2.57
CA LYS A 15 6.60 4.07 -2.94
C LYS A 15 7.35 5.33 -2.49
N GLU A 16 7.74 6.16 -3.45
CA GLU A 16 8.46 7.39 -3.16
C GLU A 16 7.69 8.61 -3.63
N LEU A 17 7.46 9.55 -2.73
CA LEU A 17 6.72 10.77 -3.05
C LEU A 17 7.53 12.01 -2.68
N THR A 18 7.38 13.07 -3.47
CA THR A 18 8.09 14.32 -3.22
C THR A 18 7.13 15.50 -3.18
N LEU A 19 7.14 16.22 -2.05
CA LEU A 19 6.28 17.37 -1.89
C LEU A 19 6.27 18.25 -3.14
N PRO A 20 5.22 19.07 -3.30
CA PRO A 20 4.12 19.12 -2.34
C PRO A 20 3.26 17.86 -2.35
N VAL A 21 3.52 16.99 -3.32
CA VAL A 21 2.78 15.74 -3.45
C VAL A 21 2.58 15.08 -2.08
N ASP A 22 1.33 15.06 -1.62
CA ASP A 22 1.00 14.46 -0.35
C ASP A 22 -0.13 13.44 -0.49
N SER A 23 -0.17 12.77 -1.64
CA SER A 23 -1.20 11.77 -1.90
C SER A 23 -0.71 10.76 -2.94
N THR A 24 -1.00 9.49 -2.69
CA THR A 24 -0.60 8.42 -3.60
C THR A 24 -1.70 7.37 -3.73
N THR A 25 -1.50 6.42 -4.65
CA THR A 25 -2.47 5.37 -4.88
C THR A 25 -1.82 3.99 -4.79
N LEU A 26 -2.33 3.16 -3.90
CA LEU A 26 -1.79 1.81 -3.72
C LEU A 26 -2.66 0.78 -4.44
N ASP A 27 -2.38 0.57 -5.72
CA ASP A 27 -3.12 -0.39 -6.52
C ASP A 27 -2.60 -1.81 -6.31
N GLY A 28 -3.51 -2.72 -5.97
CA GLY A 28 -3.12 -4.10 -5.73
C GLY A 28 -3.91 -5.08 -6.57
N SER A 29 -4.18 -4.70 -7.82
CA SER A 29 -4.94 -5.56 -8.73
C SER A 29 -4.06 -6.67 -9.29
N LYS A 30 -2.76 -6.44 -9.31
CA LYS A 30 -1.81 -7.42 -9.82
C LYS A 30 -1.35 -8.36 -8.71
N SER A 31 -2.31 -8.95 -8.01
CA SER A 31 -2.01 -9.87 -6.91
C SER A 31 -1.95 -11.31 -7.42
N SER A 32 -0.77 -11.72 -7.88
CA SER A 32 -0.58 -13.06 -8.40
C SER A 32 -1.24 -14.10 -7.49
N ASP A 33 -1.99 -15.01 -8.10
CA ASP A 33 -2.68 -16.06 -7.34
C ASP A 33 -3.35 -17.05 -8.28
N ASP A 34 -3.57 -18.26 -7.78
CA ASP A 34 -4.20 -19.31 -8.58
C ASP A 34 -5.66 -18.97 -8.86
N GLN A 35 -6.39 -18.58 -7.82
CA GLN A 35 -7.80 -18.23 -7.96
C GLN A 35 -8.01 -16.75 -7.67
N LYS A 36 -8.80 -16.10 -8.53
CA LYS A 36 -9.09 -14.68 -8.37
C LYS A 36 -9.34 -14.34 -6.89
N ILE A 37 -8.84 -13.17 -6.47
CA ILE A 37 -9.01 -12.73 -5.10
C ILE A 37 -10.35 -12.03 -4.90
N ILE A 38 -11.16 -12.57 -4.00
CA ILE A 38 -12.47 -12.00 -3.71
C ILE A 38 -12.45 -11.22 -2.39
N SER A 39 -11.33 -10.60 -2.09
CA SER A 39 -11.18 -9.83 -0.86
C SER A 39 -10.02 -8.84 -0.97
N TYR A 40 -10.21 -7.65 -0.41
CA TYR A 40 -9.19 -6.62 -0.44
C TYR A 40 -9.30 -5.71 0.77
N LEU A 41 -8.15 -5.40 1.38
CA LEU A 41 -8.11 -4.54 2.56
C LEU A 41 -6.86 -3.66 2.55
N TRP A 42 -7.00 -2.46 3.07
CA TRP A 42 -5.89 -1.51 3.12
C TRP A 42 -5.86 -0.77 4.46
N GLU A 43 -4.78 -0.98 5.22
CA GLU A 43 -4.64 -0.33 6.52
C GLU A 43 -3.19 0.07 6.77
N LYS A 44 -2.99 1.10 7.58
CA LYS A 44 -1.65 1.58 7.90
C LYS A 44 -1.09 0.85 9.11
N THR A 45 -0.08 0.01 8.88
CA THR A 45 0.55 -0.76 9.95
C THR A 45 1.48 0.13 10.77
N GLN A 46 2.32 0.91 10.09
CA GLN A 46 3.25 1.80 10.76
C GLN A 46 3.16 3.21 10.20
N GLY A 47 3.99 4.10 10.72
CA GLY A 47 4.00 5.48 10.26
C GLY A 47 3.15 6.38 11.14
N PRO A 48 3.27 7.70 10.91
CA PRO A 48 2.52 8.70 11.68
C PRO A 48 1.02 8.67 11.37
N ASP A 49 0.20 8.89 12.39
CA ASP A 49 -1.24 8.89 12.23
C ASP A 49 -1.72 10.22 11.67
N GLY A 50 -2.94 10.22 11.12
CA GLY A 50 -3.49 11.44 10.56
C GLY A 50 -3.94 11.26 9.12
N VAL A 51 -3.14 10.56 8.33
CA VAL A 51 -3.46 10.32 6.93
C VAL A 51 -4.91 9.88 6.77
N GLN A 52 -5.40 9.87 5.53
CA GLN A 52 -6.76 9.47 5.25
C GLN A 52 -6.82 8.47 4.10
N LEU A 53 -7.28 7.26 4.40
CA LEU A 53 -7.38 6.20 3.41
C LEU A 53 -8.78 6.13 2.82
N GLU A 54 -8.88 6.17 1.50
CA GLU A 54 -10.17 6.11 0.82
C GLU A 54 -10.29 4.83 0.00
N ASN A 55 -11.48 4.23 0.03
CA ASN A 55 -11.73 2.99 -0.71
C ASN A 55 -10.82 1.87 -0.22
N ALA A 56 -10.41 1.96 1.05
CA ALA A 56 -9.54 0.95 1.64
C ALA A 56 -10.12 -0.45 1.46
N ASN A 57 -11.45 -0.53 1.34
CA ASN A 57 -12.13 -1.80 1.16
C ASN A 57 -12.21 -2.18 -0.31
N SER A 58 -11.20 -1.77 -1.08
CA SER A 58 -11.17 -2.05 -2.51
C SER A 58 -9.75 -2.41 -2.95
N SER A 59 -9.64 -3.01 -4.13
CA SER A 59 -8.35 -3.42 -4.68
C SER A 59 -7.40 -2.22 -4.73
N VAL A 60 -7.96 -1.03 -4.97
CA VAL A 60 -7.15 0.18 -5.05
C VAL A 60 -7.57 1.18 -3.97
N ALA A 61 -6.59 1.64 -3.20
CA ALA A 61 -6.84 2.60 -2.14
C ALA A 61 -6.08 3.90 -2.37
N THR A 62 -6.50 4.96 -1.68
CA THR A 62 -5.87 6.27 -1.83
C THR A 62 -5.56 6.88 -0.47
N VAL A 63 -4.29 7.17 -0.24
CA VAL A 63 -3.85 7.76 1.03
C VAL A 63 -3.54 9.25 0.86
N THR A 64 -4.30 10.08 1.56
CA THR A 64 -4.11 11.52 1.48
C THR A 64 -3.67 12.09 2.83
N GLY A 65 -3.04 13.26 2.81
CA GLY A 65 -2.60 13.89 4.04
C GLY A 65 -1.27 13.32 4.52
N LEU A 66 -0.38 13.03 3.58
CA LEU A 66 0.93 12.48 3.91
C LEU A 66 1.94 13.60 4.15
N GLN A 67 3.02 13.27 4.87
CA GLN A 67 4.06 14.25 5.16
C GLN A 67 5.42 13.56 5.31
N VAL A 68 6.47 14.38 5.43
CA VAL A 68 7.82 13.85 5.57
C VAL A 68 7.89 12.77 6.63
N GLY A 69 7.91 11.51 6.20
CA GLY A 69 7.96 10.40 7.15
C GLY A 69 7.83 9.06 6.46
N THR A 70 7.58 8.01 7.25
CA THR A 70 7.43 6.67 6.72
C THR A 70 6.01 6.15 6.91
N TYR A 71 5.50 5.45 5.90
CA TYR A 71 4.15 4.90 5.97
C TYR A 71 4.11 3.47 5.44
N VAL A 72 3.74 2.53 6.31
CA VAL A 72 3.66 1.13 5.93
C VAL A 72 2.22 0.65 5.87
N PHE A 73 1.74 0.34 4.67
CA PHE A 73 0.38 -0.14 4.49
C PHE A 73 0.36 -1.60 4.06
N THR A 74 -0.33 -2.42 4.84
CA THR A 74 -0.43 -3.86 4.56
C THR A 74 -1.75 -4.19 3.88
N LEU A 75 -1.67 -4.91 2.76
CA LEU A 75 -2.87 -5.30 2.02
C LEU A 75 -3.22 -6.76 2.29
N THR A 76 -4.23 -6.97 3.14
CA THR A 76 -4.68 -8.31 3.47
C THR A 76 -5.71 -8.83 2.47
N VAL A 77 -5.31 -9.80 1.68
CA VAL A 77 -6.21 -10.39 0.67
C VAL A 77 -6.51 -11.84 0.99
N LYS A 78 -7.61 -12.34 0.45
CA LYS A 78 -8.02 -13.73 0.67
C LYS A 78 -8.63 -14.32 -0.60
N ASP A 79 -8.47 -15.63 -0.76
CA ASP A 79 -9.01 -16.32 -1.93
C ASP A 79 -10.21 -17.19 -1.54
N GLU A 80 -10.72 -17.94 -2.51
CA GLU A 80 -11.87 -18.81 -2.28
C GLU A 80 -11.56 -19.83 -1.18
N ARG A 81 -10.30 -20.24 -1.10
CA ARG A 81 -9.89 -21.21 -0.10
C ARG A 81 -9.62 -20.53 1.25
N ASN A 82 -10.11 -19.30 1.39
CA ASN A 82 -9.93 -18.54 2.61
C ASN A 82 -8.44 -18.41 2.96
N LEU A 83 -7.60 -18.42 1.93
CA LEU A 83 -6.16 -18.30 2.12
C LEU A 83 -5.78 -16.90 2.58
N GLN A 84 -5.23 -16.81 3.78
CA GLN A 84 -4.82 -15.52 4.34
C GLN A 84 -3.41 -15.16 3.89
N SER A 85 -3.25 -13.93 3.40
CA SER A 85 -1.95 -13.46 2.92
C SER A 85 -1.96 -11.95 2.74
N GLN A 86 -1.07 -11.26 3.45
CA GLN A 86 -0.99 -9.81 3.37
C GLN A 86 0.45 -9.38 3.07
N SER A 87 0.59 -8.20 2.47
CA SER A 87 1.91 -7.67 2.13
C SER A 87 2.01 -6.19 2.48
N SER A 88 3.14 -5.80 3.04
CA SER A 88 3.37 -4.41 3.43
C SER A 88 4.22 -3.68 2.40
N VAL A 89 4.04 -2.37 2.30
CA VAL A 89 4.79 -1.56 1.36
C VAL A 89 5.41 -0.35 2.05
N ASN A 90 6.65 -0.02 1.66
CA ASN A 90 7.35 1.11 2.24
C ASN A 90 7.09 2.38 1.43
N VAL A 91 6.42 3.34 2.05
CA VAL A 91 6.10 4.60 1.39
C VAL A 91 6.87 5.76 2.02
N ILE A 92 7.93 6.20 1.34
CA ILE A 92 8.74 7.30 1.82
C ILE A 92 8.30 8.63 1.22
N VAL A 93 8.28 9.67 2.05
CA VAL A 93 7.89 11.00 1.60
C VAL A 93 9.00 12.01 1.83
N LYS A 94 9.45 12.65 0.76
CA LYS A 94 10.51 13.65 0.84
C LYS A 94 9.98 15.04 0.49
N GLU A 95 10.54 16.06 1.12
CA GLU A 95 10.13 17.44 0.87
C GLU A 95 10.78 17.98 -0.39
N GLU A 96 10.30 19.12 -0.86
CA GLU A 96 10.84 19.76 -2.05
C GLU A 96 12.29 20.19 -1.84
N SER A 97 13.18 19.72 -2.70
CA SER A 97 14.60 20.06 -2.61
C SER A 97 14.91 21.31 -3.42
N GLY A 98 14.87 22.46 -2.76
CA GLY A 98 15.15 23.71 -3.44
C GLY A 98 14.13 24.04 -4.51
N PRO A 99 14.25 25.24 -5.10
CA PRO A 99 13.34 25.69 -6.16
C PRO A 99 13.53 24.92 -7.46
N SER A 100 12.46 24.33 -7.96
CA SER A 100 12.51 23.55 -9.19
C SER A 100 11.30 23.86 -10.07
N SER A 101 11.54 24.56 -11.18
CA SER A 101 10.48 24.93 -12.10
C SER A 101 10.08 23.74 -12.97
N GLY A 102 11.07 23.12 -13.59
CA GLY A 102 10.81 21.98 -14.45
C GLY A 102 11.76 21.89 -15.62
N GLY A 1 1.38 -26.95 -13.82
CA GLY A 1 0.96 -28.16 -13.14
C GLY A 1 0.79 -27.95 -11.65
N SER A 2 1.76 -27.28 -11.04
CA SER A 2 1.73 -27.02 -9.60
C SER A 2 0.47 -26.24 -9.23
N SER A 3 0.22 -26.11 -7.93
CA SER A 3 -0.96 -25.40 -7.43
C SER A 3 -0.99 -23.97 -8.00
N GLY A 4 0.19 -23.40 -8.18
CA GLY A 4 0.27 -22.04 -8.71
C GLY A 4 1.63 -21.43 -8.52
N SER A 5 1.79 -20.18 -8.95
CA SER A 5 3.06 -19.47 -8.82
C SER A 5 3.33 -19.09 -7.37
N SER A 6 4.59 -18.80 -7.06
CA SER A 6 4.98 -18.41 -5.70
C SER A 6 4.50 -17.00 -5.37
N GLY A 7 3.88 -16.86 -4.22
CA GLY A 7 3.38 -15.56 -3.80
C GLY A 7 2.03 -15.64 -3.11
N GLN A 8 1.73 -14.66 -2.28
CA GLN A 8 0.47 -14.63 -1.56
C GLN A 8 -0.29 -13.33 -1.83
N ALA A 9 0.27 -12.22 -1.38
CA ALA A 9 -0.34 -10.91 -1.57
C ALA A 9 0.68 -9.88 -2.02
N ASP A 10 0.32 -9.07 -3.00
CA ASP A 10 1.21 -8.04 -3.52
C ASP A 10 0.62 -6.65 -3.29
N ALA A 11 1.25 -5.90 -2.37
CA ALA A 11 0.80 -4.56 -2.05
C ALA A 11 1.53 -3.52 -2.89
N GLY A 12 1.97 -3.92 -4.08
CA GLY A 12 2.68 -3.02 -4.96
C GLY A 12 4.11 -2.78 -4.52
N PRO A 13 4.95 -2.31 -5.45
CA PRO A 13 6.36 -2.04 -5.17
C PRO A 13 6.55 -0.83 -4.26
N ASP A 14 7.79 -0.61 -3.82
CA ASP A 14 8.10 0.50 -2.94
C ASP A 14 7.45 1.79 -3.45
N LYS A 15 6.97 2.62 -2.52
CA LYS A 15 6.33 3.88 -2.88
C LYS A 15 7.20 5.06 -2.48
N GLU A 16 7.63 5.85 -3.47
CA GLU A 16 8.46 7.01 -3.21
C GLU A 16 7.77 8.29 -3.69
N LEU A 17 7.21 9.03 -2.74
CA LEU A 17 6.52 10.29 -3.05
C LEU A 17 7.41 11.48 -2.75
N THR A 18 7.18 12.58 -3.47
CA THR A 18 7.94 13.80 -3.28
C THR A 18 7.05 15.04 -3.34
N LEU A 19 6.94 15.72 -2.21
CA LEU A 19 6.12 16.93 -2.11
C LEU A 19 6.25 17.76 -3.38
N PRO A 20 5.26 18.63 -3.63
CA PRO A 20 4.10 18.78 -2.73
C PRO A 20 3.17 17.56 -2.77
N VAL A 21 3.49 16.62 -3.66
CA VAL A 21 2.69 15.41 -3.79
C VAL A 21 2.46 14.75 -2.44
N ASP A 22 1.33 15.08 -1.81
CA ASP A 22 0.98 14.52 -0.51
C ASP A 22 -0.16 13.52 -0.64
N SER A 23 -0.12 12.71 -1.68
CA SER A 23 -1.17 11.71 -1.92
C SER A 23 -0.65 10.59 -2.82
N THR A 24 -1.14 9.38 -2.58
CA THR A 24 -0.73 8.22 -3.37
C THR A 24 -1.86 7.21 -3.50
N THR A 25 -1.64 6.18 -4.30
CA THR A 25 -2.65 5.15 -4.52
C THR A 25 -2.04 3.76 -4.41
N LEU A 26 -2.60 2.93 -3.54
CA LEU A 26 -2.11 1.57 -3.35
C LEU A 26 -3.00 0.57 -4.07
N ASP A 27 -2.69 0.34 -5.34
CA ASP A 27 -3.46 -0.60 -6.15
C ASP A 27 -3.01 -2.04 -5.90
N GLY A 28 -3.89 -2.85 -5.32
CA GLY A 28 -3.56 -4.23 -5.03
C GLY A 28 -4.19 -5.19 -6.01
N SER A 29 -4.60 -4.68 -7.16
CA SER A 29 -5.23 -5.50 -8.19
C SER A 29 -4.19 -6.33 -8.94
N LYS A 30 -2.94 -6.26 -8.48
CA LYS A 30 -1.86 -7.00 -9.09
C LYS A 30 -1.42 -8.17 -8.22
N SER A 31 -2.40 -8.91 -7.71
CA SER A 31 -2.11 -10.06 -6.86
C SER A 31 -1.16 -11.03 -7.55
N SER A 32 -0.91 -12.17 -6.91
CA SER A 32 -0.03 -13.19 -7.46
C SER A 32 -0.44 -13.56 -8.87
N ASP A 33 0.41 -14.31 -9.55
CA ASP A 33 0.14 -14.75 -10.91
C ASP A 33 -1.00 -15.75 -10.95
N ASP A 34 -1.72 -15.79 -12.07
CA ASP A 34 -2.84 -16.71 -12.22
C ASP A 34 -3.57 -16.91 -10.89
N GLN A 35 -3.65 -15.85 -10.10
CA GLN A 35 -4.32 -15.91 -8.81
C GLN A 35 -5.40 -14.84 -8.71
N LYS A 36 -6.59 -15.25 -8.28
CA LYS A 36 -7.72 -14.34 -8.13
C LYS A 36 -8.09 -14.16 -6.67
N ILE A 37 -8.42 -12.92 -6.29
CA ILE A 37 -8.79 -12.62 -4.92
C ILE A 37 -10.23 -12.12 -4.84
N ILE A 38 -10.83 -12.21 -3.66
CA ILE A 38 -12.20 -11.77 -3.45
C ILE A 38 -12.32 -10.91 -2.19
N SER A 39 -11.22 -10.24 -1.83
CA SER A 39 -11.20 -9.40 -0.66
C SER A 39 -10.03 -8.42 -0.71
N TYR A 40 -10.28 -7.18 -0.33
CA TYR A 40 -9.25 -6.14 -0.35
C TYR A 40 -9.39 -5.21 0.86
N LEU A 41 -8.31 -5.07 1.61
CA LEU A 41 -8.31 -4.21 2.80
C LEU A 41 -6.99 -3.46 2.93
N TRP A 42 -7.08 -2.18 3.25
CA TRP A 42 -5.89 -1.34 3.40
C TRP A 42 -5.92 -0.60 4.73
N GLU A 43 -4.82 -0.68 5.48
CA GLU A 43 -4.72 -0.01 6.77
C GLU A 43 -3.27 0.29 7.11
N LYS A 44 -3.05 1.43 7.76
CA LYS A 44 -1.71 1.85 8.14
C LYS A 44 -1.28 1.17 9.44
N THR A 45 -0.27 0.30 9.35
CA THR A 45 0.23 -0.41 10.51
C THR A 45 1.23 0.43 11.29
N GLN A 46 2.08 1.15 10.56
CA GLN A 46 3.09 2.00 11.19
C GLN A 46 3.12 3.38 10.53
N GLY A 47 3.67 4.36 11.23
CA GLY A 47 3.75 5.71 10.70
C GLY A 47 2.93 6.70 11.49
N PRO A 48 3.13 8.00 11.22
CA PRO A 48 2.42 9.08 11.91
C PRO A 48 0.94 9.12 11.52
N ASP A 49 0.08 8.79 12.49
CA ASP A 49 -1.37 8.79 12.26
C ASP A 49 -1.85 10.20 11.91
N GLY A 50 -2.51 10.31 10.75
CA GLY A 50 -3.01 11.60 10.32
C GLY A 50 -3.53 11.57 8.89
N VAL A 51 -3.02 10.63 8.10
CA VAL A 51 -3.44 10.49 6.71
C VAL A 51 -4.87 9.99 6.60
N GLN A 52 -5.43 10.08 5.41
CA GLN A 52 -6.80 9.63 5.17
C GLN A 52 -6.86 8.61 4.05
N LEU A 53 -7.43 7.44 4.35
CA LEU A 53 -7.55 6.38 3.36
C LEU A 53 -8.97 6.27 2.82
N GLU A 54 -9.11 6.37 1.50
CA GLU A 54 -10.41 6.30 0.86
C GLU A 54 -10.58 4.97 0.12
N ASN A 55 -11.75 4.37 0.25
CA ASN A 55 -12.05 3.10 -0.40
C ASN A 55 -11.04 2.03 0.02
N ALA A 56 -10.60 2.11 1.27
CA ALA A 56 -9.64 1.15 1.80
C ALA A 56 -10.14 -0.29 1.63
N ASN A 57 -11.46 -0.44 1.64
CA ASN A 57 -12.07 -1.77 1.48
C ASN A 57 -12.18 -2.14 0.00
N SER A 58 -11.39 -1.48 -0.84
CA SER A 58 -11.41 -1.73 -2.27
C SER A 58 -10.03 -2.17 -2.76
N SER A 59 -9.97 -2.70 -3.98
CA SER A 59 -8.72 -3.15 -4.56
C SER A 59 -7.74 -1.99 -4.72
N VAL A 60 -8.28 -0.77 -4.75
CA VAL A 60 -7.45 0.42 -4.90
C VAL A 60 -7.72 1.42 -3.79
N ALA A 61 -6.77 1.55 -2.87
CA ALA A 61 -6.91 2.47 -1.74
C ALA A 61 -6.19 3.78 -2.02
N THR A 62 -6.81 4.89 -1.65
CA THR A 62 -6.23 6.21 -1.86
C THR A 62 -5.85 6.86 -0.54
N VAL A 63 -4.59 7.24 -0.40
CA VAL A 63 -4.10 7.87 0.81
C VAL A 63 -3.85 9.36 0.59
N THR A 64 -4.46 10.19 1.43
CA THR A 64 -4.31 11.63 1.32
C THR A 64 -3.79 12.23 2.63
N GLY A 65 -3.12 13.38 2.53
CA GLY A 65 -2.59 14.03 3.71
C GLY A 65 -1.30 13.39 4.18
N LEU A 66 -0.38 13.14 3.25
CA LEU A 66 0.91 12.54 3.58
C LEU A 66 1.96 13.60 3.84
N GLN A 67 2.95 13.26 4.66
CA GLN A 67 4.03 14.19 4.99
C GLN A 67 5.35 13.46 5.16
N VAL A 68 6.44 14.20 5.12
CA VAL A 68 7.77 13.63 5.27
C VAL A 68 7.79 12.57 6.37
N GLY A 69 7.93 11.30 5.96
CA GLY A 69 7.96 10.22 6.93
C GLY A 69 7.79 8.86 6.27
N THR A 70 7.83 7.81 7.09
CA THR A 70 7.68 6.45 6.57
C THR A 70 6.31 5.87 6.95
N TYR A 71 5.56 5.45 5.94
CA TYR A 71 4.24 4.88 6.16
C TYR A 71 4.21 3.41 5.76
N VAL A 72 3.69 2.57 6.66
CA VAL A 72 3.60 1.14 6.41
C VAL A 72 2.15 0.69 6.31
N PHE A 73 1.68 0.47 5.08
CA PHE A 73 0.32 0.03 4.85
C PHE A 73 0.25 -1.47 4.58
N THR A 74 -0.52 -2.18 5.40
CA THR A 74 -0.66 -3.63 5.25
C THR A 74 -1.91 -3.98 4.45
N LEU A 75 -1.76 -4.85 3.47
CA LEU A 75 -2.87 -5.27 2.63
C LEU A 75 -3.32 -6.70 2.99
N THR A 76 -4.43 -6.80 3.71
CA THR A 76 -4.96 -8.09 4.12
C THR A 76 -6.03 -8.57 3.16
N VAL A 77 -5.71 -9.59 2.38
CA VAL A 77 -6.66 -10.15 1.41
C VAL A 77 -6.98 -11.61 1.74
N LYS A 78 -8.00 -12.15 1.07
CA LYS A 78 -8.41 -13.53 1.27
C LYS A 78 -8.89 -14.15 -0.02
N ASP A 79 -8.61 -15.44 -0.19
CA ASP A 79 -9.03 -16.16 -1.39
C ASP A 79 -10.25 -17.04 -1.10
N GLU A 80 -10.80 -17.63 -2.16
CA GLU A 80 -11.98 -18.48 -2.03
C GLU A 80 -11.76 -19.54 -0.93
N ARG A 81 -10.52 -19.98 -0.79
CA ARG A 81 -10.18 -20.98 0.22
C ARG A 81 -9.92 -20.33 1.57
N ASN A 82 -10.47 -19.13 1.77
CA ASN A 82 -10.30 -18.41 3.01
C ASN A 82 -8.82 -18.28 3.37
N LEU A 83 -7.97 -18.26 2.34
CA LEU A 83 -6.53 -18.15 2.54
C LEU A 83 -6.15 -16.75 3.01
N GLN A 84 -5.67 -16.64 4.25
CA GLN A 84 -5.27 -15.36 4.81
C GLN A 84 -3.83 -15.05 4.48
N SER A 85 -3.58 -13.82 4.03
CA SER A 85 -2.23 -13.39 3.67
C SER A 85 -1.98 -11.95 4.11
N GLN A 86 -0.73 -11.50 3.96
CA GLN A 86 -0.36 -10.15 4.34
C GLN A 86 0.75 -9.62 3.46
N SER A 87 0.69 -8.33 3.13
CA SER A 87 1.69 -7.71 2.28
C SER A 87 1.78 -6.21 2.55
N SER A 88 2.86 -5.79 3.21
CA SER A 88 3.06 -4.40 3.54
C SER A 88 4.01 -3.73 2.54
N VAL A 89 3.81 -2.43 2.32
CA VAL A 89 4.65 -1.68 1.39
C VAL A 89 5.26 -0.46 2.06
N ASN A 90 6.56 -0.27 1.86
CA ASN A 90 7.26 0.87 2.46
C ASN A 90 7.04 2.13 1.63
N VAL A 91 6.32 3.09 2.20
CA VAL A 91 6.04 4.34 1.51
C VAL A 91 6.90 5.48 2.08
N ILE A 92 7.88 5.91 1.31
CA ILE A 92 8.77 6.99 1.73
C ILE A 92 8.36 8.31 1.09
N VAL A 93 8.24 9.35 1.91
CA VAL A 93 7.87 10.67 1.43
C VAL A 93 9.00 11.68 1.62
N LYS A 94 9.43 12.28 0.51
CA LYS A 94 10.51 13.26 0.55
C LYS A 94 10.01 14.64 0.18
N GLU A 95 10.87 15.65 0.32
CA GLU A 95 10.51 17.02 -0.01
C GLU A 95 10.93 17.36 -1.44
N GLU A 96 10.33 18.43 -1.99
CA GLU A 96 10.64 18.86 -3.35
C GLU A 96 12.15 18.93 -3.56
N SER A 97 12.59 18.60 -4.77
CA SER A 97 14.00 18.63 -5.10
C SER A 97 14.51 20.07 -5.22
N GLY A 98 14.96 20.62 -4.10
CA GLY A 98 15.46 21.99 -4.09
C GLY A 98 16.73 22.13 -3.30
N PRO A 99 17.61 23.04 -3.74
CA PRO A 99 18.89 23.31 -3.09
C PRO A 99 18.72 23.99 -1.73
N SER A 100 19.74 23.88 -0.89
CA SER A 100 19.70 24.50 0.44
C SER A 100 19.71 26.02 0.34
N SER A 101 18.53 26.60 0.12
CA SER A 101 18.41 28.05 -0.01
C SER A 101 18.74 28.74 1.31
N GLY A 102 18.83 30.06 1.28
CA GLY A 102 19.14 30.82 2.48
C GLY A 102 20.20 31.88 2.22
N GLY A 1 -0.48 -25.82 10.67
CA GLY A 1 -1.02 -25.15 9.49
C GLY A 1 -1.69 -26.11 8.54
N SER A 2 -2.46 -25.57 7.61
CA SER A 2 -3.17 -26.39 6.62
C SER A 2 -2.67 -26.11 5.21
N SER A 3 -2.50 -24.83 4.90
CA SER A 3 -2.03 -24.42 3.58
C SER A 3 -0.50 -24.42 3.52
N GLY A 4 0.05 -24.78 2.36
CA GLY A 4 1.48 -24.82 2.19
C GLY A 4 2.05 -23.48 1.75
N SER A 5 1.56 -22.97 0.63
CA SER A 5 2.02 -21.69 0.10
C SER A 5 1.47 -20.52 0.93
N SER A 6 2.38 -19.72 1.47
CA SER A 6 1.98 -18.57 2.29
C SER A 6 2.49 -17.27 1.67
N GLY A 7 1.67 -16.23 1.75
CA GLY A 7 2.04 -14.94 1.20
C GLY A 7 1.66 -14.80 -0.26
N GLN A 8 0.35 -14.79 -0.52
CA GLN A 8 -0.15 -14.65 -1.88
C GLN A 8 -0.74 -13.27 -2.12
N ALA A 9 -0.05 -12.25 -1.63
CA ALA A 9 -0.50 -10.87 -1.79
C ALA A 9 0.66 -9.94 -2.15
N ASP A 10 0.35 -8.89 -2.89
CA ASP A 10 1.36 -7.93 -3.30
C ASP A 10 0.84 -6.49 -3.19
N ALA A 11 1.54 -5.67 -2.43
CA ALA A 11 1.15 -4.28 -2.24
C ALA A 11 2.03 -3.34 -3.05
N GLY A 12 2.41 -3.80 -4.25
CA GLY A 12 3.25 -2.99 -5.12
C GLY A 12 4.63 -2.77 -4.55
N PRO A 13 5.59 -2.38 -5.41
CA PRO A 13 6.96 -2.14 -5.01
C PRO A 13 7.10 -0.89 -4.15
N ASP A 14 8.32 -0.65 -3.65
CA ASP A 14 8.58 0.51 -2.81
C ASP A 14 7.87 1.75 -3.36
N LYS A 15 7.46 2.64 -2.45
CA LYS A 15 6.78 3.86 -2.85
C LYS A 15 7.55 5.10 -2.40
N GLU A 16 7.79 6.02 -3.34
CA GLU A 16 8.51 7.24 -3.04
C GLU A 16 7.75 8.47 -3.53
N LEU A 17 7.26 9.26 -2.59
CA LEU A 17 6.51 10.47 -2.92
C LEU A 17 7.30 11.72 -2.57
N THR A 18 7.06 12.80 -3.31
CA THR A 18 7.76 14.06 -3.08
C THR A 18 6.80 15.24 -3.20
N LEU A 19 6.56 15.92 -2.08
CA LEU A 19 5.67 17.07 -2.07
C LEU A 19 5.83 17.91 -3.33
N PRO A 20 4.80 18.69 -3.65
CA PRO A 20 3.58 18.77 -2.86
C PRO A 20 2.75 17.49 -2.94
N VAL A 21 3.21 16.54 -3.75
CA VAL A 21 2.52 15.27 -3.92
C VAL A 21 2.20 14.64 -2.57
N ASP A 22 0.96 14.81 -2.11
CA ASP A 22 0.53 14.26 -0.84
C ASP A 22 -0.53 13.18 -1.05
N SER A 23 -0.38 12.41 -2.12
CA SER A 23 -1.33 11.34 -2.43
C SER A 23 -0.68 10.27 -3.28
N THR A 24 -0.98 9.00 -2.97
CA THR A 24 -0.41 7.88 -3.71
C THR A 24 -1.43 6.76 -3.86
N THR A 25 -1.22 5.90 -4.86
CA THR A 25 -2.13 4.78 -5.10
C THR A 25 -1.47 3.46 -4.77
N LEU A 26 -2.22 2.57 -4.12
CA LEU A 26 -1.70 1.26 -3.74
C LEU A 26 -2.57 0.15 -4.33
N ASP A 27 -2.25 -0.25 -5.56
CA ASP A 27 -3.00 -1.31 -6.23
C ASP A 27 -2.55 -2.68 -5.75
N GLY A 28 -3.49 -3.45 -5.20
CA GLY A 28 -3.17 -4.78 -4.70
C GLY A 28 -3.49 -5.86 -5.71
N SER A 29 -3.93 -5.46 -6.90
CA SER A 29 -4.28 -6.41 -7.94
C SER A 29 -3.03 -7.09 -8.50
N LYS A 30 -1.98 -6.31 -8.68
CA LYS A 30 -0.71 -6.83 -9.20
C LYS A 30 -0.41 -8.21 -8.61
N SER A 31 -0.95 -8.48 -7.43
CA SER A 31 -0.74 -9.75 -6.76
C SER A 31 -0.95 -10.91 -7.73
N SER A 32 0.00 -11.84 -7.75
CA SER A 32 -0.08 -13.00 -8.63
C SER A 32 -1.51 -13.52 -8.71
N ASP A 33 -2.18 -13.58 -7.56
CA ASP A 33 -3.55 -14.06 -7.50
C ASP A 33 -4.54 -12.95 -7.84
N ASP A 34 -4.66 -12.65 -9.12
CA ASP A 34 -5.57 -11.59 -9.59
C ASP A 34 -6.93 -12.18 -9.95
N GLN A 35 -6.93 -13.37 -10.52
CA GLN A 35 -8.16 -14.04 -10.92
C GLN A 35 -8.88 -14.62 -9.71
N LYS A 36 -8.10 -15.20 -8.79
CA LYS A 36 -8.66 -15.79 -7.59
C LYS A 36 -8.50 -14.87 -6.39
N ILE A 37 -9.38 -13.88 -6.29
CA ILE A 37 -9.34 -12.93 -5.18
C ILE A 37 -10.70 -12.27 -4.97
N ILE A 38 -11.25 -12.43 -3.77
CA ILE A 38 -12.54 -11.85 -3.45
C ILE A 38 -12.49 -11.12 -2.10
N SER A 39 -11.35 -10.53 -1.80
CA SER A 39 -11.16 -9.81 -0.55
C SER A 39 -9.99 -8.83 -0.64
N TYR A 40 -10.21 -7.61 -0.19
CA TYR A 40 -9.17 -6.58 -0.22
C TYR A 40 -9.26 -5.67 0.99
N LEU A 41 -8.11 -5.38 1.59
CA LEU A 41 -8.06 -4.51 2.77
C LEU A 41 -6.80 -3.66 2.76
N TRP A 42 -6.95 -2.38 3.09
CA TRP A 42 -5.83 -1.46 3.12
C TRP A 42 -5.82 -0.65 4.42
N GLU A 43 -4.82 -0.91 5.25
CA GLU A 43 -4.69 -0.21 6.53
C GLU A 43 -3.24 0.13 6.83
N LYS A 44 -3.02 1.22 7.57
CA LYS A 44 -1.68 1.65 7.91
C LYS A 44 -1.19 0.94 9.18
N THR A 45 -0.15 0.14 9.04
CA THR A 45 0.41 -0.59 10.18
C THR A 45 1.25 0.32 11.06
N GLN A 46 2.24 0.97 10.45
CA GLN A 46 3.12 1.87 11.17
C GLN A 46 3.07 3.28 10.58
N GLY A 47 3.82 4.20 11.19
CA GLY A 47 3.85 5.57 10.70
C GLY A 47 2.97 6.50 11.53
N PRO A 48 3.09 7.81 11.28
CA PRO A 48 2.31 8.82 12.00
C PRO A 48 0.84 8.79 11.63
N ASP A 49 -0.02 8.78 12.64
CA ASP A 49 -1.47 8.76 12.43
C ASP A 49 -1.94 10.05 11.80
N GLY A 50 -3.08 9.99 11.11
CA GLY A 50 -3.63 11.17 10.46
C GLY A 50 -4.04 10.91 9.03
N VAL A 51 -3.11 10.38 8.24
CA VAL A 51 -3.37 10.08 6.83
C VAL A 51 -4.77 9.46 6.66
N GLN A 52 -5.28 9.51 5.43
CA GLN A 52 -6.59 8.96 5.13
C GLN A 52 -6.52 7.99 3.96
N LEU A 53 -7.14 6.83 4.11
CA LEU A 53 -7.15 5.83 3.06
C LEU A 53 -8.53 5.71 2.42
N GLU A 54 -8.57 5.89 1.10
CA GLU A 54 -9.84 5.81 0.36
C GLU A 54 -9.96 4.47 -0.35
N ASN A 55 -11.18 3.97 -0.44
CA ASN A 55 -11.45 2.70 -1.11
C ASN A 55 -10.63 1.58 -0.47
N ALA A 56 -10.38 1.70 0.83
CA ALA A 56 -9.62 0.70 1.57
C ALA A 56 -10.18 -0.70 1.33
N ASN A 57 -11.50 -0.78 1.18
CA ASN A 57 -12.16 -2.06 0.95
C ASN A 57 -12.19 -2.41 -0.54
N SER A 58 -11.14 -2.02 -1.25
CA SER A 58 -11.04 -2.28 -2.68
C SER A 58 -9.61 -2.60 -3.09
N SER A 59 -9.46 -3.26 -4.23
CA SER A 59 -8.14 -3.64 -4.72
C SER A 59 -7.24 -2.42 -4.84
N VAL A 60 -7.83 -1.28 -5.18
CA VAL A 60 -7.08 -0.04 -5.33
C VAL A 60 -7.42 0.95 -4.22
N ALA A 61 -6.40 1.38 -3.48
CA ALA A 61 -6.60 2.32 -2.39
C ALA A 61 -5.76 3.58 -2.59
N THR A 62 -6.19 4.67 -1.98
CA THR A 62 -5.48 5.94 -2.09
C THR A 62 -5.23 6.56 -0.72
N VAL A 63 -3.97 6.91 -0.45
CA VAL A 63 -3.61 7.52 0.82
C VAL A 63 -3.37 9.01 0.67
N THR A 64 -4.24 9.80 1.31
CA THR A 64 -4.13 11.26 1.25
C THR A 64 -3.69 11.83 2.59
N GLY A 65 -3.21 13.08 2.56
CA GLY A 65 -2.76 13.72 3.79
C GLY A 65 -1.43 13.20 4.26
N LEU A 66 -0.51 12.98 3.32
CA LEU A 66 0.82 12.47 3.64
C LEU A 66 1.81 13.62 3.81
N GLN A 67 2.92 13.35 4.49
CA GLN A 67 3.95 14.35 4.71
C GLN A 67 5.29 13.70 5.00
N VAL A 68 6.34 14.52 5.08
CA VAL A 68 7.68 14.02 5.34
C VAL A 68 7.68 13.00 6.48
N GLY A 69 7.99 11.75 6.13
CA GLY A 69 8.00 10.70 7.13
C GLY A 69 7.87 9.32 6.52
N THR A 70 7.71 8.31 7.37
CA THR A 70 7.57 6.94 6.91
C THR A 70 6.15 6.41 7.16
N TYR A 71 5.65 5.62 6.23
CA TYR A 71 4.31 5.05 6.35
C TYR A 71 4.29 3.61 5.86
N VAL A 72 3.93 2.70 6.75
CA VAL A 72 3.86 1.28 6.42
C VAL A 72 2.42 0.80 6.31
N PHE A 73 1.98 0.51 5.10
CA PHE A 73 0.61 0.04 4.87
C PHE A 73 0.60 -1.44 4.50
N THR A 74 -0.18 -2.21 5.26
CA THR A 74 -0.28 -3.65 5.02
C THR A 74 -1.51 -3.98 4.18
N LEU A 75 -1.34 -4.86 3.20
CA LEU A 75 -2.43 -5.27 2.33
C LEU A 75 -2.85 -6.71 2.61
N THR A 76 -3.95 -6.88 3.33
CA THR A 76 -4.47 -8.19 3.67
C THR A 76 -5.59 -8.60 2.73
N VAL A 77 -5.39 -9.70 2.00
CA VAL A 77 -6.39 -10.20 1.07
C VAL A 77 -6.67 -11.68 1.30
N LYS A 78 -7.81 -12.15 0.80
CA LYS A 78 -8.19 -13.54 0.95
C LYS A 78 -8.58 -14.15 -0.39
N ASP A 79 -8.61 -15.48 -0.45
CA ASP A 79 -8.97 -16.18 -1.67
C ASP A 79 -10.13 -17.15 -1.44
N GLU A 80 -10.52 -17.87 -2.48
CA GLU A 80 -11.61 -18.83 -2.38
C GLU A 80 -11.41 -19.77 -1.20
N ARG A 81 -10.16 -20.17 -0.98
CA ARG A 81 -9.83 -21.07 0.12
C ARG A 81 -9.54 -20.29 1.40
N ASN A 82 -10.20 -19.14 1.55
CA ASN A 82 -10.01 -18.31 2.73
C ASN A 82 -8.52 -18.18 3.06
N LEU A 83 -7.68 -18.22 2.04
CA LEU A 83 -6.24 -18.09 2.23
C LEU A 83 -5.87 -16.69 2.71
N GLN A 84 -5.41 -16.61 3.95
CA GLN A 84 -5.02 -15.32 4.53
C GLN A 84 -3.56 -15.01 4.20
N SER A 85 -3.32 -13.80 3.69
CA SER A 85 -1.97 -13.38 3.34
C SER A 85 -1.67 -11.99 3.92
N GLN A 86 -0.49 -11.46 3.58
CA GLN A 86 -0.08 -10.16 4.07
C GLN A 86 1.03 -9.58 3.21
N SER A 87 0.92 -8.30 2.88
CA SER A 87 1.91 -7.63 2.06
C SER A 87 2.03 -6.15 2.43
N SER A 88 3.15 -5.78 3.03
CA SER A 88 3.38 -4.40 3.45
C SER A 88 4.29 -3.68 2.46
N VAL A 89 4.09 -2.38 2.32
CA VAL A 89 4.89 -1.57 1.40
C VAL A 89 5.47 -0.35 2.11
N ASN A 90 6.70 0.01 1.76
CA ASN A 90 7.37 1.16 2.36
C ASN A 90 7.09 2.43 1.55
N VAL A 91 6.41 3.38 2.19
CA VAL A 91 6.09 4.64 1.53
C VAL A 91 6.90 5.79 2.12
N ILE A 92 7.91 6.24 1.38
CA ILE A 92 8.75 7.34 1.83
C ILE A 92 8.30 8.66 1.22
N VAL A 93 8.26 9.70 2.05
CA VAL A 93 7.84 11.02 1.59
C VAL A 93 8.95 12.04 1.82
N LYS A 94 9.26 12.81 0.78
CA LYS A 94 10.29 13.84 0.87
C LYS A 94 9.73 15.22 0.54
N GLU A 95 10.54 16.25 0.74
CA GLU A 95 10.12 17.62 0.46
C GLU A 95 10.37 17.98 -1.00
N GLU A 96 9.62 18.96 -1.50
CA GLU A 96 9.77 19.40 -2.89
C GLU A 96 11.24 19.67 -3.22
N SER A 97 11.87 18.72 -3.90
CA SER A 97 13.27 18.84 -4.28
C SER A 97 13.52 20.19 -4.96
N GLY A 98 14.56 20.88 -4.50
CA GLY A 98 14.90 22.18 -5.08
C GLY A 98 14.18 23.33 -4.40
N PRO A 99 14.70 24.55 -4.59
CA PRO A 99 14.11 25.76 -3.98
C PRO A 99 12.77 26.11 -4.60
N SER A 100 12.15 27.17 -4.09
CA SER A 100 10.85 27.62 -4.58
C SER A 100 10.53 29.01 -4.06
N SER A 101 9.58 29.68 -4.72
CA SER A 101 9.17 31.02 -4.33
C SER A 101 7.66 31.11 -4.18
N GLY A 102 7.20 32.13 -3.47
CA GLY A 102 5.78 32.32 -3.26
C GLY A 102 5.17 31.23 -2.39
N GLY A 1 3.86 -11.50 12.77
CA GLY A 1 3.08 -12.70 12.49
C GLY A 1 3.79 -13.63 11.53
N SER A 2 3.28 -13.69 10.30
CA SER A 2 3.86 -14.56 9.28
C SER A 2 3.74 -13.92 7.90
N SER A 3 4.40 -14.52 6.91
CA SER A 3 4.38 -14.01 5.55
C SER A 3 5.00 -15.02 4.58
N GLY A 4 4.57 -14.96 3.32
CA GLY A 4 5.09 -15.87 2.32
C GLY A 4 6.11 -15.21 1.41
N SER A 5 7.18 -15.94 1.09
CA SER A 5 8.23 -15.42 0.22
C SER A 5 7.78 -15.41 -1.24
N SER A 6 7.15 -16.51 -1.66
CA SER A 6 6.68 -16.64 -3.03
C SER A 6 6.04 -15.33 -3.51
N GLY A 7 4.96 -14.92 -2.86
CA GLY A 7 4.28 -13.70 -3.23
C GLY A 7 2.77 -13.86 -3.26
N GLN A 8 2.20 -14.16 -2.10
CA GLN A 8 0.75 -14.35 -1.99
C GLN A 8 0.01 -13.06 -2.34
N ALA A 9 0.42 -11.95 -1.70
CA ALA A 9 -0.20 -10.67 -1.95
C ALA A 9 0.81 -9.67 -2.50
N ASP A 10 0.34 -8.77 -3.36
CA ASP A 10 1.20 -7.75 -3.95
C ASP A 10 0.77 -6.35 -3.54
N ALA A 11 1.63 -5.67 -2.78
CA ALA A 11 1.35 -4.32 -2.32
C ALA A 11 2.10 -3.29 -3.14
N GLY A 12 2.51 -3.67 -4.34
CA GLY A 12 3.25 -2.76 -5.21
C GLY A 12 4.64 -2.48 -4.69
N PRO A 13 5.52 -2.01 -5.59
CA PRO A 13 6.92 -1.70 -5.24
C PRO A 13 7.03 -0.47 -4.34
N ASP A 14 8.18 -0.31 -3.70
CA ASP A 14 8.41 0.82 -2.82
C ASP A 14 7.76 2.09 -3.37
N LYS A 15 7.13 2.86 -2.49
CA LYS A 15 6.47 4.09 -2.88
C LYS A 15 7.29 5.31 -2.47
N GLU A 16 7.51 6.22 -3.42
CA GLU A 16 8.28 7.42 -3.16
C GLU A 16 7.54 8.66 -3.66
N LEU A 17 7.10 9.49 -2.72
CA LEU A 17 6.37 10.71 -3.06
C LEU A 17 7.20 11.95 -2.74
N THR A 18 7.07 12.98 -3.57
CA THR A 18 7.81 14.22 -3.37
C THR A 18 6.86 15.40 -3.21
N LEU A 19 6.81 15.96 -2.01
CA LEU A 19 5.94 17.11 -1.74
C LEU A 19 5.95 18.10 -2.89
N PRO A 20 4.91 18.93 -2.97
CA PRO A 20 3.81 18.92 -2.01
C PRO A 20 2.95 17.67 -2.14
N VAL A 21 3.25 16.85 -3.14
CA VAL A 21 2.50 15.62 -3.38
C VAL A 21 2.34 14.81 -2.09
N ASP A 22 1.30 15.11 -1.33
CA ASP A 22 1.04 14.40 -0.07
C ASP A 22 -0.11 13.42 -0.24
N SER A 23 -0.11 12.68 -1.34
CA SER A 23 -1.15 11.70 -1.61
C SER A 23 -0.70 10.69 -2.66
N THR A 24 -1.04 9.43 -2.44
CA THR A 24 -0.67 8.37 -3.37
C THR A 24 -1.76 7.31 -3.47
N THR A 25 -1.63 6.41 -4.44
CA THR A 25 -2.60 5.34 -4.64
C THR A 25 -1.95 3.97 -4.56
N LEU A 26 -2.45 3.13 -3.67
CA LEU A 26 -1.91 1.78 -3.50
C LEU A 26 -2.72 0.77 -4.31
N ASP A 27 -2.35 0.60 -5.57
CA ASP A 27 -3.04 -0.35 -6.45
C ASP A 27 -2.50 -1.76 -6.25
N GLY A 28 -3.40 -2.66 -5.86
CA GLY A 28 -2.99 -4.05 -5.63
C GLY A 28 -3.77 -5.02 -6.50
N SER A 29 -4.14 -4.59 -7.70
CA SER A 29 -4.90 -5.42 -8.61
C SER A 29 -4.04 -6.56 -9.16
N LYS A 30 -2.72 -6.33 -9.18
CA LYS A 30 -1.78 -7.34 -9.67
C LYS A 30 -1.33 -8.26 -8.53
N SER A 31 -2.30 -8.81 -7.80
CA SER A 31 -2.00 -9.71 -6.69
C SER A 31 -2.81 -11.00 -6.80
N SER A 32 -2.23 -12.00 -7.46
CA SER A 32 -2.90 -13.28 -7.64
C SER A 32 -1.88 -14.40 -7.87
N ASP A 33 -2.17 -15.57 -7.30
CA ASP A 33 -1.28 -16.71 -7.44
C ASP A 33 -1.79 -17.67 -8.52
N ASP A 34 -3.02 -18.14 -8.36
CA ASP A 34 -3.61 -19.06 -9.32
C ASP A 34 -4.95 -18.51 -9.82
N GLN A 35 -5.72 -17.92 -8.93
CA GLN A 35 -7.02 -17.36 -9.27
C GLN A 35 -7.14 -15.91 -8.81
N LYS A 36 -8.31 -15.32 -9.01
CA LYS A 36 -8.55 -13.94 -8.61
C LYS A 36 -9.02 -13.87 -7.17
N ILE A 37 -8.73 -12.75 -6.50
CA ILE A 37 -9.12 -12.56 -5.11
C ILE A 37 -10.50 -11.89 -5.01
N ILE A 38 -11.22 -12.20 -3.94
CA ILE A 38 -12.54 -11.62 -3.73
C ILE A 38 -12.59 -10.78 -2.46
N SER A 39 -11.41 -10.43 -1.95
CA SER A 39 -11.30 -9.62 -0.74
C SER A 39 -10.13 -8.66 -0.83
N TYR A 40 -10.34 -7.42 -0.39
CA TYR A 40 -9.30 -6.41 -0.41
C TYR A 40 -9.41 -5.50 0.80
N LEU A 41 -8.28 -5.30 1.48
CA LEU A 41 -8.24 -4.44 2.67
C LEU A 41 -6.92 -3.68 2.74
N TRP A 42 -7.00 -2.43 3.20
CA TRP A 42 -5.81 -1.60 3.32
C TRP A 42 -5.79 -0.87 4.66
N GLU A 43 -4.69 -1.03 5.41
CA GLU A 43 -4.55 -0.39 6.70
C GLU A 43 -3.10 0.03 6.95
N LYS A 44 -2.93 1.09 7.72
CA LYS A 44 -1.60 1.61 8.04
C LYS A 44 -1.06 0.96 9.31
N THR A 45 -0.12 0.04 9.14
CA THR A 45 0.48 -0.66 10.29
C THR A 45 1.41 0.28 11.06
N GLN A 46 2.21 1.05 10.33
CA GLN A 46 3.14 1.97 10.96
C GLN A 46 3.07 3.35 10.30
N GLY A 47 3.60 4.36 10.98
CA GLY A 47 3.57 5.71 10.44
C GLY A 47 2.77 6.67 11.30
N PRO A 48 2.89 7.97 11.02
CA PRO A 48 2.18 9.01 11.77
C PRO A 48 0.66 8.99 11.50
N ASP A 49 -0.12 8.91 12.56
CA ASP A 49 -1.57 8.88 12.44
C ASP A 49 -2.10 10.22 11.96
N GLY A 50 -3.04 10.18 11.02
CA GLY A 50 -3.61 11.40 10.49
C GLY A 50 -4.06 11.25 9.04
N VAL A 51 -3.26 10.55 8.25
CA VAL A 51 -3.56 10.34 6.84
C VAL A 51 -5.01 9.87 6.66
N GLN A 52 -5.50 9.96 5.44
CA GLN A 52 -6.86 9.54 5.13
C GLN A 52 -6.89 8.52 4.00
N LEU A 53 -7.33 7.31 4.32
CA LEU A 53 -7.40 6.23 3.33
C LEU A 53 -8.78 6.18 2.67
N GLU A 54 -8.79 6.08 1.35
CA GLU A 54 -10.03 6.02 0.59
C GLU A 54 -10.11 4.74 -0.23
N ASN A 55 -11.29 4.11 -0.21
CA ASN A 55 -11.50 2.87 -0.96
C ASN A 55 -10.59 1.76 -0.43
N ALA A 56 -10.24 1.84 0.85
CA ALA A 56 -9.39 0.84 1.46
C ALA A 56 -9.94 -0.56 1.27
N ASN A 57 -11.27 -0.65 1.12
CA ASN A 57 -11.93 -1.94 0.92
C ASN A 57 -11.99 -2.30 -0.56
N SER A 58 -11.09 -1.71 -1.34
CA SER A 58 -11.06 -1.97 -2.78
C SER A 58 -9.65 -2.35 -3.23
N SER A 59 -9.55 -3.02 -4.37
CA SER A 59 -8.27 -3.44 -4.91
C SER A 59 -7.28 -2.28 -4.97
N VAL A 60 -7.82 -1.07 -5.11
CA VAL A 60 -7.00 0.13 -5.18
C VAL A 60 -7.41 1.14 -4.11
N ALA A 61 -6.47 1.50 -3.24
CA ALA A 61 -6.72 2.45 -2.18
C ALA A 61 -5.93 3.73 -2.39
N THR A 62 -6.30 4.78 -1.65
CA THR A 62 -5.62 6.07 -1.76
C THR A 62 -5.41 6.69 -0.39
N VAL A 63 -4.19 7.14 -0.14
CA VAL A 63 -3.85 7.76 1.14
C VAL A 63 -3.51 9.24 0.96
N THR A 64 -4.21 10.10 1.69
CA THR A 64 -3.98 11.54 1.61
C THR A 64 -3.56 12.10 2.97
N GLY A 65 -2.99 13.30 2.95
CA GLY A 65 -2.57 13.93 4.19
C GLY A 65 -1.24 13.37 4.69
N LEU A 66 -0.36 13.02 3.77
CA LEU A 66 0.94 12.47 4.12
C LEU A 66 1.96 13.59 4.35
N GLN A 67 3.14 13.22 4.83
CA GLN A 67 4.19 14.19 5.09
C GLN A 67 5.54 13.49 5.31
N VAL A 68 6.62 14.24 5.16
CA VAL A 68 7.96 13.69 5.33
C VAL A 68 7.99 12.68 6.48
N GLY A 69 7.95 11.40 6.13
CA GLY A 69 7.98 10.35 7.13
C GLY A 69 7.93 8.97 6.53
N THR A 70 7.59 7.98 7.34
CA THR A 70 7.50 6.60 6.88
C THR A 70 6.12 6.01 7.13
N TYR A 71 5.45 5.63 6.05
CA TYR A 71 4.11 5.05 6.15
C TYR A 71 4.10 3.60 5.67
N VAL A 72 3.67 2.70 6.54
CA VAL A 72 3.61 1.28 6.20
C VAL A 72 2.16 0.80 6.09
N PHE A 73 1.78 0.37 4.89
CA PHE A 73 0.43 -0.11 4.64
C PHE A 73 0.43 -1.60 4.32
N THR A 74 -0.26 -2.39 5.14
CA THR A 74 -0.34 -3.82 4.95
C THR A 74 -1.61 -4.21 4.20
N LEU A 75 -1.45 -4.66 2.97
CA LEU A 75 -2.59 -5.07 2.15
C LEU A 75 -3.04 -6.48 2.50
N THR A 76 -4.15 -6.59 3.22
CA THR A 76 -4.69 -7.88 3.63
C THR A 76 -5.69 -8.41 2.60
N VAL A 77 -5.38 -9.56 2.03
CA VAL A 77 -6.26 -10.18 1.03
C VAL A 77 -6.62 -11.61 1.42
N LYS A 78 -7.70 -12.11 0.84
CA LYS A 78 -8.16 -13.47 1.12
C LYS A 78 -8.77 -14.11 -0.11
N ASP A 79 -8.35 -15.34 -0.41
CA ASP A 79 -8.86 -16.06 -1.56
C ASP A 79 -10.14 -16.82 -1.22
N GLU A 80 -10.67 -17.56 -2.19
CA GLU A 80 -11.90 -18.33 -1.99
C GLU A 80 -11.72 -19.33 -0.85
N ARG A 81 -10.47 -19.74 -0.61
CA ARG A 81 -10.17 -20.70 0.44
C ARG A 81 -9.90 -20.00 1.76
N ASN A 82 -10.51 -18.83 1.94
CA ASN A 82 -10.33 -18.05 3.16
C ASN A 82 -8.86 -17.98 3.55
N LEU A 83 -7.98 -18.11 2.57
CA LEU A 83 -6.54 -18.07 2.80
C LEU A 83 -6.11 -16.67 3.23
N GLN A 84 -5.51 -16.59 4.42
CA GLN A 84 -5.05 -15.31 4.96
C GLN A 84 -3.64 -14.99 4.47
N SER A 85 -3.50 -13.89 3.75
CA SER A 85 -2.21 -13.48 3.22
C SER A 85 -2.19 -11.98 2.92
N GLN A 86 -1.27 -11.27 3.55
CA GLN A 86 -1.15 -9.83 3.35
C GLN A 86 0.29 -9.44 3.00
N SER A 87 0.47 -8.20 2.54
CA SER A 87 1.79 -7.71 2.16
C SER A 87 1.98 -6.26 2.59
N SER A 88 3.12 -5.97 3.20
CA SER A 88 3.41 -4.62 3.65
C SER A 88 4.32 -3.90 2.67
N VAL A 89 4.11 -2.59 2.52
CA VAL A 89 4.90 -1.79 1.60
C VAL A 89 5.43 -0.54 2.30
N ASN A 90 6.65 -0.14 1.94
CA ASN A 90 7.27 1.05 2.52
C ASN A 90 6.99 2.28 1.67
N VAL A 91 6.36 3.29 2.28
CA VAL A 91 6.04 4.52 1.58
C VAL A 91 6.84 5.69 2.15
N ILE A 92 7.86 6.12 1.41
CA ILE A 92 8.70 7.22 1.84
C ILE A 92 8.26 8.53 1.17
N VAL A 93 8.22 9.60 1.94
CA VAL A 93 7.82 10.91 1.44
C VAL A 93 8.96 11.91 1.58
N LYS A 94 9.51 12.35 0.45
CA LYS A 94 10.60 13.32 0.44
C LYS A 94 10.07 14.72 0.18
N GLU A 95 10.92 15.72 0.41
CA GLU A 95 10.54 17.12 0.20
C GLU A 95 10.74 17.51 -1.26
N GLU A 96 10.17 18.65 -1.64
CA GLU A 96 10.28 19.15 -3.00
C GLU A 96 11.74 19.25 -3.43
N SER A 97 11.99 19.08 -4.73
CA SER A 97 13.35 19.15 -5.27
C SER A 97 13.40 20.08 -6.47
N GLY A 98 14.63 20.38 -6.92
CA GLY A 98 14.80 21.25 -8.06
C GLY A 98 15.07 22.68 -7.67
N PRO A 99 14.89 23.61 -8.62
CA PRO A 99 15.11 25.04 -8.39
C PRO A 99 14.06 25.65 -7.46
N SER A 100 14.43 26.72 -6.77
CA SER A 100 13.53 27.39 -5.85
C SER A 100 13.07 28.73 -6.41
N SER A 101 11.90 29.18 -5.97
CA SER A 101 11.35 30.46 -6.43
C SER A 101 11.24 31.45 -5.28
N GLY A 102 12.08 32.48 -5.31
CA GLY A 102 12.06 33.49 -4.27
C GLY A 102 12.04 34.90 -4.83
N GLY A 1 1.53 -31.33 -4.63
CA GLY A 1 0.72 -30.82 -5.72
C GLY A 1 0.35 -29.36 -5.55
N SER A 2 0.65 -28.56 -6.55
CA SER A 2 0.35 -27.12 -6.51
C SER A 2 -0.60 -26.73 -7.62
N SER A 3 -0.20 -27.00 -8.86
CA SER A 3 -1.01 -26.68 -10.02
C SER A 3 -1.28 -25.18 -10.09
N GLY A 4 -0.28 -24.39 -9.74
CA GLY A 4 -0.43 -22.95 -9.76
C GLY A 4 0.73 -22.23 -9.10
N SER A 5 1.16 -21.12 -9.70
CA SER A 5 2.27 -20.34 -9.16
C SER A 5 2.02 -19.96 -7.70
N SER A 6 2.88 -20.43 -6.81
CA SER A 6 2.73 -20.14 -5.39
C SER A 6 3.13 -18.69 -5.08
N GLY A 7 2.20 -17.95 -4.49
CA GLY A 7 2.47 -16.56 -4.17
C GLY A 7 1.42 -15.97 -3.25
N GLN A 8 1.73 -14.83 -2.64
CA GLN A 8 0.80 -14.16 -1.74
C GLN A 8 0.60 -12.71 -2.13
N ALA A 9 -0.21 -11.99 -1.37
CA ALA A 9 -0.48 -10.58 -1.64
C ALA A 9 0.79 -9.86 -2.07
N ASP A 10 0.64 -8.97 -3.04
CA ASP A 10 1.78 -8.20 -3.55
C ASP A 10 1.51 -6.70 -3.45
N ALA A 11 1.45 -6.21 -2.21
CA ALA A 11 1.21 -4.78 -1.97
C ALA A 11 1.92 -3.92 -3.01
N GLY A 12 3.09 -4.37 -3.44
CA GLY A 12 3.85 -3.62 -4.43
C GLY A 12 5.20 -3.16 -3.91
N PRO A 13 6.02 -2.57 -4.80
CA PRO A 13 7.34 -2.09 -4.44
C PRO A 13 7.29 -0.85 -3.55
N ASP A 14 8.45 -0.34 -3.17
CA ASP A 14 8.54 0.84 -2.32
C ASP A 14 7.91 2.05 -3.02
N LYS A 15 7.32 2.94 -2.22
CA LYS A 15 6.69 4.14 -2.76
C LYS A 15 7.45 5.39 -2.32
N GLU A 16 7.88 6.19 -3.30
CA GLU A 16 8.61 7.41 -3.02
C GLU A 16 7.92 8.62 -3.67
N LEU A 17 7.27 9.42 -2.85
CA LEU A 17 6.57 10.61 -3.33
C LEU A 17 7.35 11.87 -2.99
N THR A 18 7.07 12.95 -3.72
CA THR A 18 7.74 14.23 -3.50
C THR A 18 6.73 15.37 -3.41
N LEU A 19 6.69 16.02 -2.26
CA LEU A 19 5.78 17.14 -2.05
C LEU A 19 5.78 18.08 -3.26
N PRO A 20 4.70 18.86 -3.39
CA PRO A 20 3.56 18.83 -2.47
C PRO A 20 2.77 17.53 -2.57
N VAL A 21 3.15 16.69 -3.53
CA VAL A 21 2.47 15.40 -3.73
C VAL A 21 2.32 14.64 -2.41
N ASP A 22 1.19 14.83 -1.75
CA ASP A 22 0.92 14.16 -0.49
C ASP A 22 -0.22 13.16 -0.63
N SER A 23 -0.23 12.42 -1.73
CA SER A 23 -1.27 11.43 -1.98
C SER A 23 -0.82 10.45 -3.06
N THR A 24 -1.10 9.17 -2.83
CA THR A 24 -0.73 8.13 -3.78
C THR A 24 -1.81 7.05 -3.85
N THR A 25 -1.65 6.12 -4.79
CA THR A 25 -2.61 5.04 -4.97
C THR A 25 -1.94 3.68 -4.83
N LEU A 26 -2.32 2.92 -3.82
CA LEU A 26 -1.76 1.60 -3.58
C LEU A 26 -2.55 0.52 -4.32
N ASP A 27 -2.19 0.28 -5.57
CA ASP A 27 -2.86 -0.73 -6.38
C ASP A 27 -2.32 -2.12 -6.07
N GLY A 28 -3.23 -3.05 -5.80
CA GLY A 28 -2.83 -4.41 -5.50
C GLY A 28 -3.44 -5.43 -6.44
N SER A 29 -4.19 -4.94 -7.43
CA SER A 29 -4.84 -5.80 -8.40
C SER A 29 -3.94 -6.98 -8.77
N LYS A 30 -2.63 -6.72 -8.80
CA LYS A 30 -1.66 -7.75 -9.14
C LYS A 30 -1.24 -8.53 -7.90
N SER A 31 -2.21 -9.12 -7.21
CA SER A 31 -1.94 -9.88 -6.01
C SER A 31 -1.61 -11.33 -6.36
N SER A 32 -0.45 -11.79 -5.89
CA SER A 32 -0.01 -13.16 -6.15
C SER A 32 -0.24 -13.53 -7.61
N ASP A 33 -0.02 -12.57 -8.50
CA ASP A 33 -0.21 -12.80 -9.93
C ASP A 33 -1.47 -13.60 -10.20
N ASP A 34 -2.57 -13.17 -9.59
CA ASP A 34 -3.86 -13.85 -9.76
C ASP A 34 -5.01 -12.92 -9.38
N GLN A 35 -5.98 -12.79 -10.29
CA GLN A 35 -7.14 -11.94 -10.04
C GLN A 35 -8.35 -12.78 -9.63
N LYS A 36 -8.13 -13.74 -8.75
CA LYS A 36 -9.19 -14.61 -8.27
C LYS A 36 -9.67 -14.17 -6.89
N ILE A 37 -8.81 -13.46 -6.17
CA ILE A 37 -9.14 -12.99 -4.84
C ILE A 37 -10.47 -12.25 -4.82
N ILE A 38 -11.24 -12.43 -3.77
CA ILE A 38 -12.54 -11.78 -3.63
C ILE A 38 -12.61 -10.96 -2.36
N SER A 39 -11.48 -10.39 -1.96
CA SER A 39 -11.41 -9.57 -0.76
C SER A 39 -10.17 -8.68 -0.77
N TYR A 40 -10.34 -7.44 -0.33
CA TYR A 40 -9.23 -6.49 -0.29
C TYR A 40 -9.37 -5.54 0.89
N LEU A 41 -8.34 -5.48 1.73
CA LEU A 41 -8.35 -4.61 2.91
C LEU A 41 -7.04 -3.85 3.03
N TRP A 42 -7.14 -2.53 3.20
CA TRP A 42 -5.95 -1.70 3.34
C TRP A 42 -5.95 -0.97 4.68
N GLU A 43 -4.88 -1.17 5.44
CA GLU A 43 -4.75 -0.54 6.76
C GLU A 43 -3.30 -0.18 7.05
N LYS A 44 -3.09 0.98 7.65
CA LYS A 44 -1.75 1.44 8.00
C LYS A 44 -1.25 0.77 9.28
N THR A 45 -0.26 -0.11 9.14
CA THR A 45 0.29 -0.81 10.29
C THR A 45 1.20 0.10 11.11
N GLN A 46 2.09 0.81 10.42
CA GLN A 46 3.02 1.73 11.08
C GLN A 46 2.99 3.10 10.43
N GLY A 47 3.76 4.03 10.98
CA GLY A 47 3.81 5.37 10.44
C GLY A 47 2.97 6.35 11.24
N PRO A 48 3.13 7.65 10.95
CA PRO A 48 2.39 8.71 11.64
C PRO A 48 0.91 8.72 11.25
N ASP A 49 0.09 9.32 12.11
CA ASP A 49 -1.35 9.39 11.86
C ASP A 49 -1.71 10.70 11.16
N GLY A 50 -2.88 10.73 10.54
CA GLY A 50 -3.32 11.92 9.85
C GLY A 50 -3.83 11.62 8.44
N VAL A 51 -3.11 10.75 7.73
CA VAL A 51 -3.49 10.38 6.38
C VAL A 51 -4.93 9.86 6.32
N GLN A 52 -5.50 9.87 5.13
CA GLN A 52 -6.88 9.40 4.95
C GLN A 52 -6.94 8.31 3.89
N LEU A 53 -7.25 7.10 4.32
CA LEU A 53 -7.34 5.96 3.40
C LEU A 53 -8.73 5.88 2.76
N GLU A 54 -8.75 5.85 1.44
CA GLU A 54 -10.02 5.78 0.71
C GLU A 54 -10.12 4.46 -0.06
N ASN A 55 -11.34 3.93 -0.15
CA ASN A 55 -11.57 2.68 -0.86
C ASN A 55 -10.78 1.54 -0.24
N ALA A 56 -10.53 1.64 1.06
CA ALA A 56 -9.77 0.62 1.77
C ALA A 56 -10.37 -0.77 1.56
N ASN A 57 -11.67 -0.80 1.27
CA ASN A 57 -12.37 -2.06 1.04
C ASN A 57 -12.28 -2.47 -0.43
N SER A 58 -11.15 -2.15 -1.06
CA SER A 58 -10.93 -2.49 -2.45
C SER A 58 -9.45 -2.74 -2.73
N SER A 59 -9.18 -3.56 -3.74
CA SER A 59 -7.81 -3.90 -4.11
C SER A 59 -6.99 -2.63 -4.32
N VAL A 60 -7.66 -1.53 -4.61
CA VAL A 60 -7.00 -0.25 -4.83
C VAL A 60 -7.44 0.79 -3.81
N ALA A 61 -6.48 1.30 -3.04
CA ALA A 61 -6.77 2.30 -2.03
C ALA A 61 -6.08 3.63 -2.35
N THR A 62 -6.55 4.70 -1.71
CA THR A 62 -5.99 6.03 -1.95
C THR A 62 -5.75 6.75 -0.63
N VAL A 63 -4.48 6.94 -0.27
CA VAL A 63 -4.13 7.63 0.96
C VAL A 63 -3.74 9.08 0.70
N THR A 64 -4.40 10.00 1.39
CA THR A 64 -4.11 11.42 1.24
C THR A 64 -3.58 12.03 2.53
N GLY A 65 -3.20 13.30 2.47
CA GLY A 65 -2.68 13.98 3.64
C GLY A 65 -1.37 13.38 4.12
N LEU A 66 -0.50 13.04 3.17
CA LEU A 66 0.80 12.45 3.51
C LEU A 66 1.82 13.53 3.83
N GLN A 67 2.90 13.15 4.51
CA GLN A 67 3.95 14.09 4.88
C GLN A 67 5.30 13.39 4.93
N VAL A 68 6.37 14.18 5.03
CA VAL A 68 7.72 13.63 5.09
C VAL A 68 7.85 12.61 6.20
N GLY A 69 7.70 11.33 5.84
CA GLY A 69 7.80 10.26 6.82
C GLY A 69 7.65 8.89 6.20
N THR A 70 7.70 7.85 7.03
CA THR A 70 7.56 6.48 6.55
C THR A 70 6.20 5.90 6.92
N TYR A 71 5.50 5.37 5.91
CA TYR A 71 4.19 4.80 6.13
C TYR A 71 4.16 3.33 5.68
N VAL A 72 3.79 2.45 6.61
CA VAL A 72 3.71 1.02 6.31
C VAL A 72 2.27 0.55 6.22
N PHE A 73 1.78 0.38 4.98
CA PHE A 73 0.42 -0.06 4.76
C PHE A 73 0.38 -1.54 4.39
N THR A 74 -0.36 -2.32 5.18
CA THR A 74 -0.48 -3.76 4.94
C THR A 74 -1.78 -4.09 4.20
N LEU A 75 -1.71 -5.07 3.31
CA LEU A 75 -2.87 -5.49 2.54
C LEU A 75 -3.20 -6.95 2.80
N THR A 76 -4.25 -7.19 3.57
CA THR A 76 -4.67 -8.55 3.90
C THR A 76 -5.81 -9.00 2.98
N VAL A 77 -5.49 -9.89 2.04
CA VAL A 77 -6.47 -10.41 1.12
C VAL A 77 -6.80 -11.87 1.41
N LYS A 78 -8.06 -12.25 1.22
CA LYS A 78 -8.51 -13.61 1.46
C LYS A 78 -9.17 -14.20 0.22
N ASP A 79 -8.61 -15.31 -0.27
CA ASP A 79 -9.14 -15.97 -1.45
C ASP A 79 -10.40 -16.77 -1.11
N GLU A 80 -10.92 -17.51 -2.09
CA GLU A 80 -12.11 -18.31 -1.89
C GLU A 80 -11.86 -19.41 -0.86
N ARG A 81 -10.62 -19.86 -0.79
CA ARG A 81 -10.26 -20.92 0.15
C ARG A 81 -10.03 -20.35 1.55
N ASN A 82 -10.36 -19.08 1.72
CA ASN A 82 -10.20 -18.41 3.01
C ASN A 82 -8.72 -18.33 3.40
N LEU A 83 -7.87 -18.16 2.40
CA LEU A 83 -6.42 -18.06 2.64
C LEU A 83 -6.05 -16.67 3.14
N GLN A 84 -5.60 -16.59 4.38
CA GLN A 84 -5.20 -15.32 4.97
C GLN A 84 -3.75 -15.00 4.64
N SER A 85 -3.51 -13.84 4.04
CA SER A 85 -2.16 -13.42 3.67
C SER A 85 -1.84 -12.05 4.27
N GLN A 86 -0.67 -11.53 3.94
CA GLN A 86 -0.24 -10.24 4.45
C GLN A 86 0.93 -9.70 3.63
N SER A 87 0.89 -8.39 3.34
CA SER A 87 1.95 -7.75 2.56
C SER A 87 2.03 -6.26 2.88
N SER A 88 3.19 -5.83 3.38
CA SER A 88 3.40 -4.44 3.74
C SER A 88 4.23 -3.72 2.67
N VAL A 89 4.07 -2.41 2.58
CA VAL A 89 4.81 -1.62 1.61
C VAL A 89 5.38 -0.35 2.24
N ASN A 90 6.66 -0.08 1.97
CA ASN A 90 7.31 1.09 2.52
C ASN A 90 7.01 2.33 1.68
N VAL A 91 6.35 3.30 2.30
CA VAL A 91 5.99 4.54 1.62
C VAL A 91 6.69 5.73 2.25
N ILE A 92 7.68 6.28 1.56
CA ILE A 92 8.42 7.43 2.06
C ILE A 92 8.03 8.70 1.31
N VAL A 93 8.09 9.82 2.01
CA VAL A 93 7.74 11.12 1.42
C VAL A 93 8.90 12.10 1.51
N LYS A 94 9.35 12.58 0.35
CA LYS A 94 10.46 13.52 0.30
C LYS A 94 9.95 14.94 0.06
N GLU A 95 10.84 15.93 0.21
CA GLU A 95 10.47 17.32 0.01
C GLU A 95 10.68 17.73 -1.45
N GLU A 96 10.12 18.88 -1.81
CA GLU A 96 10.25 19.38 -3.18
C GLU A 96 11.71 19.41 -3.62
N SER A 97 11.93 19.79 -4.88
CA SER A 97 13.28 19.85 -5.42
C SER A 97 14.27 20.37 -4.39
N GLY A 98 15.24 19.53 -4.02
CA GLY A 98 16.23 19.93 -3.04
C GLY A 98 15.60 20.52 -1.79
N PRO A 99 16.45 21.06 -0.90
CA PRO A 99 16.00 21.66 0.35
C PRO A 99 15.24 22.96 0.14
N SER A 100 14.13 23.12 0.84
CA SER A 100 13.31 24.33 0.72
C SER A 100 13.31 25.11 2.02
N SER A 101 14.05 26.22 2.05
CA SER A 101 14.13 27.06 3.23
C SER A 101 13.09 28.18 3.18
N GLY A 102 12.61 28.58 4.35
CA GLY A 102 11.61 29.63 4.42
C GLY A 102 10.78 29.56 5.69
N GLY A 1 1.98 -31.26 1.58
CA GLY A 1 3.31 -31.54 2.09
C GLY A 1 3.65 -30.70 3.31
N SER A 2 3.46 -29.39 3.19
CA SER A 2 3.75 -28.48 4.29
C SER A 2 2.99 -27.16 4.12
N SER A 3 2.27 -26.77 5.18
CA SER A 3 1.49 -25.54 5.14
C SER A 3 2.37 -24.33 5.46
N GLY A 4 1.92 -23.15 5.04
CA GLY A 4 2.67 -21.94 5.30
C GLY A 4 2.87 -21.11 4.05
N SER A 5 4.13 -20.86 3.69
CA SER A 5 4.46 -20.06 2.51
C SER A 5 3.54 -18.85 2.41
N SER A 6 3.35 -18.16 3.52
CA SER A 6 2.49 -16.98 3.56
C SER A 6 3.13 -15.82 2.79
N GLY A 7 2.35 -15.21 1.89
CA GLY A 7 2.85 -14.11 1.11
C GLY A 7 2.18 -14.01 -0.25
N GLN A 8 0.90 -14.34 -0.29
CA GLN A 8 0.13 -14.29 -1.54
C GLN A 8 -0.64 -12.98 -1.65
N ALA A 9 0.10 -11.88 -1.73
CA ALA A 9 -0.52 -10.56 -1.85
C ALA A 9 0.47 -9.53 -2.39
N ASP A 10 0.13 -8.92 -3.52
CA ASP A 10 0.99 -7.92 -4.14
C ASP A 10 0.51 -6.51 -3.81
N ALA A 11 1.12 -5.90 -2.79
CA ALA A 11 0.75 -4.56 -2.39
C ALA A 11 1.36 -3.51 -3.31
N GLY A 12 2.39 -3.92 -4.05
CA GLY A 12 3.05 -3.00 -4.96
C GLY A 12 4.49 -2.73 -4.57
N PRO A 13 5.29 -2.26 -5.54
CA PRO A 13 6.71 -1.94 -5.31
C PRO A 13 6.90 -0.72 -4.43
N ASP A 14 8.11 -0.54 -3.92
CA ASP A 14 8.43 0.60 -3.06
C ASP A 14 7.72 1.86 -3.55
N LYS A 15 7.40 2.76 -2.63
CA LYS A 15 6.73 4.00 -2.98
C LYS A 15 7.58 5.21 -2.56
N GLU A 16 7.78 6.13 -3.49
CA GLU A 16 8.58 7.33 -3.21
C GLU A 16 7.85 8.57 -3.71
N LEU A 17 7.39 9.39 -2.78
CA LEU A 17 6.68 10.63 -3.12
C LEU A 17 7.50 11.85 -2.74
N THR A 18 7.25 12.96 -3.43
CA THR A 18 7.98 14.20 -3.16
C THR A 18 7.02 15.39 -3.18
N LEU A 19 6.89 16.05 -2.02
CA LEU A 19 6.03 17.21 -1.90
C LEU A 19 6.09 18.08 -3.15
N PRO A 20 5.05 18.88 -3.37
CA PRO A 20 3.88 18.94 -2.47
C PRO A 20 3.05 17.66 -2.53
N VAL A 21 3.45 16.74 -3.40
CA VAL A 21 2.74 15.47 -3.55
C VAL A 21 2.51 14.81 -2.19
N ASP A 22 1.36 15.09 -1.60
CA ASP A 22 1.00 14.51 -0.30
C ASP A 22 -0.13 13.50 -0.43
N SER A 23 -0.06 12.68 -1.48
CA SER A 23 -1.08 11.68 -1.72
C SER A 23 -0.59 10.61 -2.69
N THR A 24 -1.06 9.38 -2.50
CA THR A 24 -0.66 8.27 -3.36
C THR A 24 -1.73 7.19 -3.39
N THR A 25 -1.84 6.49 -4.52
CA THR A 25 -2.82 5.43 -4.68
C THR A 25 -2.16 4.05 -4.61
N LEU A 26 -2.66 3.21 -3.73
CA LEU A 26 -2.12 1.86 -3.56
C LEU A 26 -2.90 0.85 -4.40
N ASP A 27 -2.46 0.66 -5.64
CA ASP A 27 -3.11 -0.28 -6.55
C ASP A 27 -2.50 -1.67 -6.44
N GLY A 28 -3.27 -2.62 -5.93
CA GLY A 28 -2.78 -3.98 -5.78
C GLY A 28 -3.34 -4.92 -6.84
N SER A 29 -3.70 -4.36 -7.99
CA SER A 29 -4.26 -5.15 -9.08
C SER A 29 -3.23 -6.16 -9.59
N LYS A 30 -1.96 -5.85 -9.40
CA LYS A 30 -0.87 -6.72 -9.84
C LYS A 30 -0.72 -7.91 -8.89
N SER A 31 -1.83 -8.55 -8.55
CA SER A 31 -1.82 -9.69 -7.66
C SER A 31 -1.76 -11.00 -8.44
N SER A 32 -0.83 -11.07 -9.38
CA SER A 32 -0.66 -12.27 -10.21
C SER A 32 -0.77 -13.53 -9.36
N ASP A 33 0.16 -13.68 -8.43
CA ASP A 33 0.17 -14.85 -7.55
C ASP A 33 -1.25 -15.26 -7.17
N ASP A 34 -2.01 -14.31 -6.65
CA ASP A 34 -3.39 -14.56 -6.24
C ASP A 34 -4.35 -13.59 -6.92
N GLN A 35 -4.89 -13.99 -8.06
CA GLN A 35 -5.82 -13.16 -8.82
C GLN A 35 -7.26 -13.59 -8.56
N LYS A 36 -7.42 -14.80 -8.05
CA LYS A 36 -8.76 -15.32 -7.76
C LYS A 36 -9.10 -15.16 -6.28
N ILE A 37 -9.31 -13.92 -5.86
CA ILE A 37 -9.65 -13.63 -4.48
C ILE A 37 -10.95 -12.84 -4.38
N ILE A 38 -11.66 -13.01 -3.27
CA ILE A 38 -12.92 -12.30 -3.06
C ILE A 38 -12.88 -11.47 -1.78
N SER A 39 -11.76 -10.80 -1.56
CA SER A 39 -11.59 -9.97 -0.37
C SER A 39 -10.46 -8.96 -0.56
N TYR A 40 -10.72 -7.72 -0.17
CA TYR A 40 -9.73 -6.65 -0.31
C TYR A 40 -9.79 -5.69 0.88
N LEU A 41 -8.65 -5.48 1.52
CA LEU A 41 -8.57 -4.59 2.67
C LEU A 41 -7.27 -3.79 2.65
N TRP A 42 -7.33 -2.56 3.15
CA TRP A 42 -6.16 -1.69 3.20
C TRP A 42 -6.09 -0.94 4.52
N GLU A 43 -4.97 -1.11 5.24
CA GLU A 43 -4.79 -0.44 6.52
C GLU A 43 -3.32 -0.11 6.75
N LYS A 44 -3.07 1.02 7.40
CA LYS A 44 -1.70 1.45 7.68
C LYS A 44 -1.18 0.80 8.96
N THR A 45 -0.22 -0.11 8.81
CA THR A 45 0.37 -0.81 9.95
C THR A 45 1.28 0.11 10.75
N GLN A 46 2.11 0.87 10.04
CA GLN A 46 3.04 1.79 10.68
C GLN A 46 2.97 3.17 10.03
N GLY A 47 3.66 4.14 10.64
CA GLY A 47 3.66 5.49 10.10
C GLY A 47 2.96 6.48 11.02
N PRO A 48 3.14 7.78 10.74
CA PRO A 48 2.51 8.84 11.53
C PRO A 48 1.00 8.91 11.35
N ASP A 49 0.27 8.54 12.39
CA ASP A 49 -1.19 8.56 12.34
C ASP A 49 -1.70 9.90 11.82
N GLY A 50 -2.83 9.87 11.13
CA GLY A 50 -3.41 11.09 10.58
C GLY A 50 -3.91 10.91 9.16
N VAL A 51 -3.05 10.37 8.30
CA VAL A 51 -3.42 10.15 6.90
C VAL A 51 -4.82 9.54 6.79
N GLN A 52 -5.42 9.70 5.62
CA GLN A 52 -6.76 9.17 5.38
C GLN A 52 -6.75 8.18 4.22
N LEU A 53 -7.39 7.03 4.42
CA LEU A 53 -7.46 5.99 3.39
C LEU A 53 -8.87 5.90 2.82
N GLU A 54 -8.96 5.97 1.49
CA GLU A 54 -10.25 5.88 0.81
C GLU A 54 -10.34 4.61 -0.01
N ASN A 55 -11.52 3.98 -0.01
CA ASN A 55 -11.74 2.76 -0.76
C ASN A 55 -10.82 1.64 -0.26
N ALA A 56 -10.59 1.61 1.04
CA ALA A 56 -9.73 0.60 1.65
C ALA A 56 -10.30 -0.80 1.43
N ASN A 57 -11.60 -0.87 1.14
CA ASN A 57 -12.26 -2.14 0.92
C ASN A 57 -12.17 -2.55 -0.54
N SER A 58 -11.16 -2.05 -1.23
CA SER A 58 -10.95 -2.37 -2.64
C SER A 58 -9.48 -2.62 -2.94
N SER A 59 -9.20 -3.25 -4.07
CA SER A 59 -7.84 -3.56 -4.46
C SER A 59 -7.04 -2.27 -4.71
N VAL A 60 -7.75 -1.15 -4.75
CA VAL A 60 -7.11 0.15 -4.98
C VAL A 60 -7.53 1.15 -3.91
N ALA A 61 -6.57 1.52 -3.06
CA ALA A 61 -6.83 2.48 -1.99
C ALA A 61 -6.12 3.80 -2.25
N THR A 62 -6.58 4.86 -1.60
CA THR A 62 -6.00 6.19 -1.77
C THR A 62 -5.67 6.81 -0.42
N VAL A 63 -4.38 7.06 -0.19
CA VAL A 63 -3.93 7.66 1.06
C VAL A 63 -3.65 9.15 0.88
N THR A 64 -4.45 9.97 1.55
CA THR A 64 -4.29 11.42 1.47
C THR A 64 -3.77 11.99 2.79
N GLY A 65 -3.07 13.12 2.71
CA GLY A 65 -2.52 13.74 3.89
C GLY A 65 -1.18 13.15 4.30
N LEU A 66 -0.32 12.91 3.31
CA LEU A 66 1.00 12.36 3.56
C LEU A 66 2.04 13.46 3.77
N GLN A 67 3.19 13.09 4.31
CA GLN A 67 4.26 14.05 4.55
C GLN A 67 5.56 13.34 4.88
N VAL A 68 6.66 14.08 4.85
CA VAL A 68 7.98 13.52 5.15
C VAL A 68 7.89 12.44 6.23
N GLY A 69 8.30 11.23 5.87
CA GLY A 69 8.25 10.13 6.83
C GLY A 69 8.13 8.77 6.14
N THR A 70 7.93 7.73 6.94
CA THR A 70 7.80 6.38 6.40
C THR A 70 6.45 5.77 6.76
N TYR A 71 5.68 5.41 5.74
CA TYR A 71 4.35 4.82 5.95
C TYR A 71 4.33 3.38 5.47
N VAL A 72 3.77 2.49 6.29
CA VAL A 72 3.68 1.09 5.94
C VAL A 72 2.22 0.63 5.90
N PHE A 73 1.75 0.30 4.70
CA PHE A 73 0.37 -0.14 4.52
C PHE A 73 0.32 -1.63 4.17
N THR A 74 -0.38 -2.41 4.99
CA THR A 74 -0.50 -3.84 4.77
C THR A 74 -1.82 -4.19 4.12
N LEU A 75 -1.76 -4.75 2.92
CA LEU A 75 -2.96 -5.12 2.18
C LEU A 75 -3.32 -6.58 2.43
N THR A 76 -4.41 -6.81 3.16
CA THR A 76 -4.85 -8.15 3.48
C THR A 76 -5.95 -8.61 2.52
N VAL A 77 -5.76 -9.78 1.93
CA VAL A 77 -6.73 -10.34 0.99
C VAL A 77 -6.97 -11.82 1.25
N LYS A 78 -8.18 -12.28 0.92
CA LYS A 78 -8.53 -13.68 1.13
C LYS A 78 -8.95 -14.33 -0.19
N ASP A 79 -8.53 -15.58 -0.39
CA ASP A 79 -8.85 -16.31 -1.61
C ASP A 79 -10.00 -17.28 -1.37
N GLU A 80 -10.47 -17.92 -2.45
CA GLU A 80 -11.57 -18.86 -2.35
C GLU A 80 -11.35 -19.86 -1.20
N ARG A 81 -10.08 -20.15 -0.93
CA ARG A 81 -9.71 -21.08 0.13
C ARG A 81 -9.64 -20.37 1.47
N ASN A 82 -10.37 -19.26 1.60
CA ASN A 82 -10.38 -18.49 2.83
C ASN A 82 -8.97 -18.37 3.42
N LEU A 83 -7.97 -18.39 2.55
CA LEU A 83 -6.58 -18.29 2.97
C LEU A 83 -6.21 -16.85 3.31
N GLN A 84 -5.55 -16.66 4.43
CA GLN A 84 -5.14 -15.32 4.87
C GLN A 84 -3.77 -14.96 4.30
N SER A 85 -3.74 -13.93 3.45
CA SER A 85 -2.50 -13.49 2.83
C SER A 85 -2.48 -11.97 2.69
N GLN A 86 -1.43 -11.35 3.22
CA GLN A 86 -1.29 -9.90 3.17
C GLN A 86 0.16 -9.51 2.89
N SER A 87 0.37 -8.27 2.47
CA SER A 87 1.70 -7.77 2.16
C SER A 87 1.80 -6.27 2.46
N SER A 88 2.93 -5.87 3.03
CA SER A 88 3.16 -4.47 3.38
C SER A 88 4.06 -3.80 2.35
N VAL A 89 3.97 -2.47 2.27
CA VAL A 89 4.77 -1.71 1.32
C VAL A 89 5.40 -0.49 2.00
N ASN A 90 6.66 -0.20 1.64
CA ASN A 90 7.37 0.93 2.21
C ASN A 90 7.10 2.20 1.41
N VAL A 91 6.46 3.17 2.05
CA VAL A 91 6.14 4.44 1.40
C VAL A 91 6.95 5.58 2.01
N ILE A 92 7.98 6.02 1.28
CA ILE A 92 8.82 7.11 1.76
C ILE A 92 8.41 8.44 1.13
N VAL A 93 8.35 9.49 1.94
CA VAL A 93 7.96 10.81 1.47
C VAL A 93 9.10 11.80 1.66
N LYS A 94 9.40 12.57 0.62
CA LYS A 94 10.46 13.56 0.67
C LYS A 94 9.92 14.95 0.35
N GLU A 95 10.72 15.97 0.64
CA GLU A 95 10.31 17.35 0.38
C GLU A 95 10.68 17.77 -1.04
N GLU A 96 10.21 18.95 -1.44
CA GLU A 96 10.48 19.46 -2.77
C GLU A 96 11.80 20.25 -2.80
N SER A 97 12.50 20.17 -3.92
CA SER A 97 13.77 20.88 -4.08
C SER A 97 13.69 21.92 -5.19
N GLY A 98 13.08 23.05 -4.88
CA GLY A 98 12.94 24.12 -5.85
C GLY A 98 11.97 23.77 -6.96
N PRO A 99 12.09 24.45 -8.11
CA PRO A 99 11.22 24.22 -9.26
C PRO A 99 11.47 22.87 -9.92
N SER A 100 10.40 22.23 -10.37
CA SER A 100 10.50 20.93 -11.02
C SER A 100 10.00 20.99 -12.46
N SER A 101 10.93 20.79 -13.39
CA SER A 101 10.59 20.83 -14.81
C SER A 101 11.74 20.30 -15.66
N GLY A 102 11.41 19.53 -16.69
CA GLY A 102 12.42 18.96 -17.56
C GLY A 102 12.77 19.88 -18.71
N GLY A 1 15.22 -21.95 13.67
CA GLY A 1 15.62 -21.20 12.50
C GLY A 1 14.46 -20.92 11.57
N SER A 2 13.96 -19.68 11.63
CA SER A 2 12.83 -19.29 10.79
C SER A 2 13.14 -17.98 10.04
N SER A 3 12.66 -17.88 8.81
CA SER A 3 12.89 -16.70 7.99
C SER A 3 11.58 -16.18 7.41
N GLY A 4 11.38 -14.87 7.49
CA GLY A 4 10.16 -14.27 6.96
C GLY A 4 9.84 -14.73 5.56
N SER A 5 8.62 -15.23 5.36
CA SER A 5 8.20 -15.72 4.05
C SER A 5 7.41 -14.65 3.30
N SER A 6 7.04 -14.96 2.07
CA SER A 6 6.28 -14.02 1.24
C SER A 6 4.86 -14.53 1.00
N GLY A 7 3.94 -14.12 1.87
CA GLY A 7 2.56 -14.56 1.73
C GLY A 7 1.99 -14.23 0.37
N GLN A 8 0.87 -14.87 0.03
CA GLN A 8 0.21 -14.65 -1.25
C GLN A 8 -0.48 -13.29 -1.28
N ALA A 9 0.31 -12.23 -1.38
CA ALA A 9 -0.23 -10.88 -1.43
C ALA A 9 0.76 -9.90 -2.07
N ASP A 10 0.28 -9.15 -3.05
CA ASP A 10 1.13 -8.18 -3.75
C ASP A 10 0.56 -6.77 -3.60
N ALA A 11 1.23 -5.98 -2.77
CA ALA A 11 0.80 -4.59 -2.53
C ALA A 11 1.35 -3.66 -3.61
N GLY A 12 2.62 -3.87 -3.97
CA GLY A 12 3.24 -3.03 -4.98
C GLY A 12 4.65 -2.62 -4.61
N PRO A 13 5.38 -2.05 -5.58
CA PRO A 13 6.76 -1.59 -5.37
C PRO A 13 6.84 -0.38 -4.46
N ASP A 14 7.98 -0.21 -3.79
CA ASP A 14 8.19 0.91 -2.88
C ASP A 14 7.57 2.18 -3.47
N LYS A 15 7.13 3.07 -2.58
CA LYS A 15 6.53 4.34 -3.00
C LYS A 15 7.39 5.51 -2.58
N GLU A 16 7.66 6.41 -3.52
CA GLU A 16 8.48 7.58 -3.24
C GLU A 16 7.78 8.86 -3.71
N LEU A 17 7.18 9.58 -2.74
CA LEU A 17 6.47 10.81 -3.05
C LEU A 17 7.34 12.03 -2.76
N THR A 18 7.06 13.13 -3.45
CA THR A 18 7.83 14.35 -3.27
C THR A 18 6.90 15.57 -3.16
N LEU A 19 6.78 16.09 -1.95
CA LEU A 19 5.92 17.25 -1.70
C LEU A 19 6.00 18.24 -2.86
N PRO A 20 4.94 19.06 -3.01
CA PRO A 20 3.78 19.02 -2.11
C PRO A 20 2.95 17.75 -2.30
N VAL A 21 3.36 16.91 -3.24
CA VAL A 21 2.66 15.67 -3.51
C VAL A 21 2.54 14.81 -2.26
N ASP A 22 1.50 15.05 -1.48
CA ASP A 22 1.28 14.30 -0.23
C ASP A 22 0.10 13.34 -0.40
N SER A 23 -0.05 12.78 -1.59
CA SER A 23 -1.15 11.86 -1.87
C SER A 23 -0.72 10.82 -2.91
N THR A 24 -1.02 9.55 -2.63
CA THR A 24 -0.68 8.46 -3.53
C THR A 24 -1.81 7.46 -3.63
N THR A 25 -1.65 6.48 -4.53
CA THR A 25 -2.65 5.46 -4.73
C THR A 25 -2.04 4.06 -4.68
N LEU A 26 -2.58 3.21 -3.81
CA LEU A 26 -2.10 1.84 -3.67
C LEU A 26 -2.98 0.86 -4.43
N ASP A 27 -2.60 0.57 -5.66
CA ASP A 27 -3.36 -0.36 -6.50
C ASP A 27 -2.72 -1.74 -6.49
N GLY A 28 -3.45 -2.72 -5.97
CA GLY A 28 -2.93 -4.07 -5.90
C GLY A 28 -3.47 -4.95 -7.02
N SER A 29 -3.78 -4.34 -8.15
CA SER A 29 -4.32 -5.06 -9.30
C SER A 29 -3.44 -6.27 -9.63
N LYS A 30 -2.12 -6.06 -9.60
CA LYS A 30 -1.18 -7.12 -9.90
C LYS A 30 -1.03 -8.07 -8.71
N SER A 31 -2.15 -8.57 -8.20
CA SER A 31 -2.16 -9.48 -7.07
C SER A 31 -2.05 -10.93 -7.53
N SER A 32 -1.77 -11.83 -6.59
CA SER A 32 -1.64 -13.25 -6.90
C SER A 32 -2.64 -13.66 -7.98
N ASP A 33 -2.15 -14.34 -9.00
CA ASP A 33 -3.00 -14.79 -10.10
C ASP A 33 -3.46 -16.24 -9.87
N ASP A 34 -2.52 -17.09 -9.45
CA ASP A 34 -2.83 -18.50 -9.20
C ASP A 34 -4.20 -18.64 -8.54
N GLN A 35 -4.37 -17.99 -7.39
CA GLN A 35 -5.64 -18.05 -6.66
C GLN A 35 -6.47 -16.81 -6.92
N LYS A 36 -7.79 -16.97 -6.97
CA LYS A 36 -8.70 -15.86 -7.20
C LYS A 36 -8.87 -15.02 -5.94
N ILE A 37 -8.93 -13.70 -6.12
CA ILE A 37 -9.09 -12.78 -4.99
C ILE A 37 -10.46 -12.12 -5.02
N ILE A 38 -11.21 -12.29 -3.95
CA ILE A 38 -12.54 -11.70 -3.84
C ILE A 38 -12.64 -10.79 -2.63
N SER A 39 -11.50 -10.31 -2.16
CA SER A 39 -11.46 -9.42 -1.00
C SER A 39 -10.25 -8.50 -1.06
N TYR A 40 -10.42 -7.28 -0.57
CA TYR A 40 -9.34 -6.29 -0.58
C TYR A 40 -9.47 -5.34 0.60
N LEU A 41 -8.41 -5.20 1.38
CA LEU A 41 -8.39 -4.31 2.53
C LEU A 41 -7.09 -3.54 2.62
N TRP A 42 -7.18 -2.25 2.93
CA TRP A 42 -6.00 -1.41 3.06
C TRP A 42 -5.96 -0.71 4.40
N GLU A 43 -4.90 -0.94 5.16
CA GLU A 43 -4.75 -0.33 6.47
C GLU A 43 -3.29 -0.03 6.77
N LYS A 44 -3.05 1.07 7.48
CA LYS A 44 -1.69 1.47 7.84
C LYS A 44 -1.22 0.75 9.10
N THR A 45 -0.23 -0.13 8.93
CA THR A 45 0.31 -0.88 10.05
C THR A 45 1.22 0.00 10.91
N GLN A 46 2.14 0.69 10.26
CA GLN A 46 3.08 1.57 10.96
C GLN A 46 3.06 2.97 10.37
N GLY A 47 3.90 3.84 10.92
CA GLY A 47 3.96 5.21 10.43
C GLY A 47 3.15 6.17 11.28
N PRO A 48 3.31 7.47 11.04
CA PRO A 48 2.60 8.52 11.77
C PRO A 48 1.11 8.54 11.45
N ASP A 49 0.28 8.61 12.49
CA ASP A 49 -1.16 8.64 12.30
C ASP A 49 -1.61 9.99 11.75
N GLY A 50 -2.87 10.07 11.33
CA GLY A 50 -3.40 11.31 10.79
C GLY A 50 -3.89 11.16 9.37
N VAL A 51 -3.04 10.58 8.52
CA VAL A 51 -3.38 10.38 7.12
C VAL A 51 -4.81 9.85 6.97
N GLN A 52 -5.33 9.89 5.75
CA GLN A 52 -6.69 9.42 5.47
C GLN A 52 -6.68 8.43 4.32
N LEU A 53 -7.24 7.25 4.56
CA LEU A 53 -7.31 6.21 3.53
C LEU A 53 -8.73 6.10 2.96
N GLU A 54 -8.83 6.18 1.64
CA GLU A 54 -10.13 6.07 0.98
C GLU A 54 -10.21 4.82 0.11
N ASN A 55 -11.41 4.29 -0.05
CA ASN A 55 -11.63 3.10 -0.85
C ASN A 55 -10.74 1.95 -0.35
N ALA A 56 -10.52 1.91 0.95
CA ALA A 56 -9.70 0.87 1.55
C ALA A 56 -10.23 -0.52 1.21
N ASN A 57 -11.55 -0.63 1.09
CA ASN A 57 -12.19 -1.89 0.77
C ASN A 57 -12.20 -2.14 -0.74
N SER A 58 -11.26 -1.50 -1.44
CA SER A 58 -11.16 -1.65 -2.89
C SER A 58 -9.72 -1.92 -3.30
N SER A 59 -9.55 -2.82 -4.27
CA SER A 59 -8.22 -3.18 -4.77
C SER A 59 -7.32 -1.95 -4.83
N VAL A 60 -7.93 -0.79 -5.04
CA VAL A 60 -7.19 0.46 -5.12
C VAL A 60 -7.55 1.39 -3.97
N ALA A 61 -6.53 1.89 -3.27
CA ALA A 61 -6.74 2.79 -2.15
C ALA A 61 -6.03 4.13 -2.39
N THR A 62 -6.43 5.14 -1.62
CA THR A 62 -5.82 6.47 -1.74
C THR A 62 -5.46 7.02 -0.37
N VAL A 63 -4.16 7.28 -0.18
CA VAL A 63 -3.67 7.82 1.09
C VAL A 63 -3.34 9.31 0.96
N THR A 64 -4.07 10.13 1.70
CA THR A 64 -3.85 11.58 1.67
C THR A 64 -3.31 12.08 3.00
N GLY A 65 -2.84 13.32 3.01
CA GLY A 65 -2.29 13.90 4.23
C GLY A 65 -1.00 13.23 4.66
N LEU A 66 -0.08 13.05 3.71
CA LEU A 66 1.20 12.42 4.00
C LEU A 66 2.29 13.46 4.19
N GLN A 67 3.20 13.20 5.12
CA GLN A 67 4.30 14.12 5.40
C GLN A 67 5.63 13.37 5.49
N VAL A 68 6.73 14.10 5.41
CA VAL A 68 8.06 13.51 5.49
C VAL A 68 8.10 12.41 6.53
N GLY A 69 8.26 11.16 6.07
CA GLY A 69 8.32 10.04 6.98
C GLY A 69 8.15 8.71 6.25
N THR A 70 7.75 7.68 7.00
CA THR A 70 7.55 6.36 6.44
C THR A 70 6.20 5.79 6.84
N TYR A 71 5.43 5.34 5.84
CA TYR A 71 4.12 4.77 6.09
C TYR A 71 4.04 3.33 5.59
N VAL A 72 3.79 2.40 6.51
CA VAL A 72 3.69 0.99 6.17
C VAL A 72 2.24 0.56 6.03
N PHE A 73 1.81 0.33 4.80
CA PHE A 73 0.44 -0.09 4.52
C PHE A 73 0.38 -1.56 4.13
N THR A 74 -0.39 -2.34 4.86
CA THR A 74 -0.54 -3.76 4.58
C THR A 74 -1.85 -4.06 3.88
N LEU A 75 -1.77 -4.77 2.76
CA LEU A 75 -2.96 -5.13 1.99
C LEU A 75 -3.35 -6.59 2.23
N THR A 76 -4.38 -6.80 3.05
CA THR A 76 -4.85 -8.14 3.35
C THR A 76 -5.83 -8.64 2.29
N VAL A 77 -5.44 -9.68 1.57
CA VAL A 77 -6.27 -10.25 0.53
C VAL A 77 -6.53 -11.74 0.78
N LYS A 78 -7.77 -12.16 0.54
CA LYS A 78 -8.14 -13.55 0.74
C LYS A 78 -8.58 -14.20 -0.57
N ASP A 79 -8.51 -15.52 -0.63
CA ASP A 79 -8.90 -16.26 -1.83
C ASP A 79 -10.10 -17.15 -1.55
N GLU A 80 -10.50 -17.91 -2.56
CA GLU A 80 -11.65 -18.81 -2.43
C GLU A 80 -11.48 -19.74 -1.23
N ARG A 81 -10.23 -20.12 -0.96
CA ARG A 81 -9.93 -21.01 0.15
C ARG A 81 -9.70 -20.21 1.43
N ASN A 82 -10.35 -19.06 1.53
CA ASN A 82 -10.22 -18.21 2.71
C ASN A 82 -8.76 -18.09 3.13
N LEU A 83 -7.85 -18.25 2.16
CA LEU A 83 -6.42 -18.16 2.44
C LEU A 83 -6.03 -16.75 2.87
N GLN A 84 -5.36 -16.64 4.01
CA GLN A 84 -4.92 -15.35 4.52
C GLN A 84 -3.55 -14.98 3.98
N SER A 85 -3.44 -13.78 3.42
CA SER A 85 -2.18 -13.31 2.86
C SER A 85 -2.19 -11.79 2.72
N GLN A 86 -1.17 -11.15 3.29
CA GLN A 86 -1.06 -9.69 3.23
C GLN A 86 0.38 -9.26 2.92
N SER A 87 0.53 -8.07 2.36
CA SER A 87 1.85 -7.55 2.03
C SER A 87 1.97 -6.08 2.42
N SER A 88 3.12 -5.72 2.98
CA SER A 88 3.36 -4.35 3.41
C SER A 88 4.22 -3.60 2.38
N VAL A 89 3.99 -2.30 2.26
CA VAL A 89 4.73 -1.47 1.32
C VAL A 89 5.36 -0.27 2.02
N ASN A 90 6.61 0.02 1.67
CA ASN A 90 7.32 1.16 2.27
C ASN A 90 7.05 2.44 1.50
N VAL A 91 6.31 3.36 2.12
CA VAL A 91 5.97 4.63 1.50
C VAL A 91 6.82 5.76 2.07
N ILE A 92 7.79 6.23 1.28
CA ILE A 92 8.67 7.31 1.70
C ILE A 92 8.25 8.63 1.08
N VAL A 93 8.18 9.67 1.91
CA VAL A 93 7.79 11.00 1.44
C VAL A 93 8.92 12.00 1.62
N LYS A 94 9.28 12.69 0.55
CA LYS A 94 10.34 13.68 0.60
C LYS A 94 9.79 15.08 0.33
N GLU A 95 10.65 16.08 0.50
CA GLU A 95 10.25 17.47 0.27
C GLU A 95 10.56 17.91 -1.16
N GLU A 96 9.83 18.91 -1.62
CA GLU A 96 10.03 19.42 -2.98
C GLU A 96 11.50 19.73 -3.23
N SER A 97 12.05 19.13 -4.30
CA SER A 97 13.44 19.35 -4.66
C SER A 97 13.79 20.83 -4.68
N GLY A 98 14.90 21.18 -4.06
CA GLY A 98 15.33 22.58 -4.02
C GLY A 98 16.34 22.90 -5.10
N PRO A 99 16.30 24.15 -5.60
CA PRO A 99 17.21 24.61 -6.65
C PRO A 99 18.65 24.75 -6.15
N SER A 100 18.80 25.40 -5.00
CA SER A 100 20.13 25.60 -4.41
C SER A 100 20.79 24.27 -4.08
N SER A 101 22.06 24.32 -3.71
CA SER A 101 22.81 23.11 -3.37
C SER A 101 23.42 23.22 -1.98
N GLY A 102 24.11 24.33 -1.73
CA GLY A 102 24.74 24.54 -0.44
C GLY A 102 26.10 25.20 -0.56
N GLY A 1 -5.42 -25.80 2.60
CA GLY A 1 -4.16 -25.67 3.29
C GLY A 1 -2.98 -26.17 2.47
N SER A 2 -2.82 -25.60 1.28
CA SER A 2 -1.73 -25.99 0.39
C SER A 2 -1.27 -24.81 -0.46
N SER A 3 0.03 -24.78 -0.78
CA SER A 3 0.59 -23.71 -1.58
C SER A 3 0.80 -24.16 -3.03
N GLY A 4 0.72 -23.22 -3.96
CA GLY A 4 0.91 -23.53 -5.35
C GLY A 4 1.92 -22.62 -6.04
N SER A 5 1.46 -21.44 -6.44
CA SER A 5 2.32 -20.47 -7.10
C SER A 5 2.78 -19.39 -6.13
N SER A 6 3.88 -18.74 -6.47
CA SER A 6 4.43 -17.69 -5.62
C SER A 6 3.73 -16.36 -5.87
N GLY A 7 3.44 -15.63 -4.80
CA GLY A 7 2.77 -14.35 -4.93
C GLY A 7 1.33 -14.41 -4.48
N GLN A 8 1.09 -14.05 -3.22
CA GLN A 8 -0.26 -14.07 -2.66
C GLN A 8 -0.79 -12.65 -2.49
N ALA A 9 -0.07 -11.85 -1.74
CA ALA A 9 -0.47 -10.47 -1.48
C ALA A 9 0.53 -9.49 -2.09
N ASP A 10 0.12 -8.81 -3.15
CA ASP A 10 0.97 -7.83 -3.82
C ASP A 10 0.58 -6.41 -3.47
N ALA A 11 1.34 -5.79 -2.57
CA ALA A 11 1.07 -4.42 -2.14
C ALA A 11 1.96 -3.42 -2.88
N GLY A 12 2.27 -3.73 -4.13
CA GLY A 12 3.12 -2.86 -4.92
C GLY A 12 4.49 -2.68 -4.32
N PRO A 13 5.46 -2.25 -5.15
CA PRO A 13 6.84 -2.02 -4.71
C PRO A 13 6.98 -0.83 -3.77
N ASP A 14 8.20 -0.54 -3.37
CA ASP A 14 8.46 0.58 -2.46
C ASP A 14 7.85 1.86 -3.01
N LYS A 15 7.33 2.68 -2.11
CA LYS A 15 6.70 3.95 -2.49
C LYS A 15 7.58 5.13 -2.10
N GLU A 16 7.79 6.05 -3.04
CA GLU A 16 8.61 7.23 -2.79
C GLU A 16 7.94 8.49 -3.34
N LEU A 17 7.43 9.32 -2.44
CA LEU A 17 6.77 10.56 -2.85
C LEU A 17 7.61 11.78 -2.46
N THR A 18 7.44 12.86 -3.22
CA THR A 18 8.18 14.09 -2.96
C THR A 18 7.26 15.30 -2.99
N LEU A 19 7.06 15.92 -1.83
CA LEU A 19 6.20 17.09 -1.74
C LEU A 19 6.38 18.00 -2.95
N PRO A 20 5.36 18.82 -3.24
CA PRO A 20 4.11 18.84 -2.45
C PRO A 20 3.29 17.58 -2.63
N VAL A 21 3.78 16.68 -3.47
CA VAL A 21 3.09 15.41 -3.73
C VAL A 21 2.83 14.66 -2.44
N ASP A 22 1.68 14.91 -1.82
CA ASP A 22 1.32 14.24 -0.58
C ASP A 22 0.10 13.33 -0.78
N SER A 23 0.08 12.64 -1.92
CA SER A 23 -1.02 11.74 -2.24
C SER A 23 -0.57 10.64 -3.19
N THR A 24 -0.91 9.40 -2.84
CA THR A 24 -0.54 8.26 -3.67
C THR A 24 -1.62 7.18 -3.64
N THR A 25 -1.50 6.21 -4.55
CA THR A 25 -2.47 5.12 -4.61
C THR A 25 -1.77 3.76 -4.67
N LEU A 26 -1.98 2.97 -3.63
CA LEU A 26 -1.36 1.65 -3.55
C LEU A 26 -2.26 0.59 -4.20
N ASP A 27 -2.09 0.42 -5.51
CA ASP A 27 -2.87 -0.55 -6.25
C ASP A 27 -2.28 -1.95 -6.11
N GLY A 28 -2.99 -2.81 -5.37
CA GLY A 28 -2.51 -4.17 -5.16
C GLY A 28 -3.25 -5.18 -6.03
N SER A 29 -3.85 -4.70 -7.11
CA SER A 29 -4.60 -5.57 -8.01
C SER A 29 -3.65 -6.38 -8.89
N LYS A 30 -2.67 -7.01 -8.26
CA LYS A 30 -1.70 -7.83 -8.98
C LYS A 30 -1.52 -9.18 -8.30
N SER A 31 -2.53 -9.60 -7.54
CA SER A 31 -2.47 -10.87 -6.84
C SER A 31 -2.60 -12.04 -7.82
N SER A 32 -2.53 -13.26 -7.29
CA SER A 32 -2.63 -14.46 -8.11
C SER A 32 -3.62 -14.25 -9.25
N ASP A 33 -3.11 -14.14 -10.47
CA ASP A 33 -3.96 -13.94 -11.65
C ASP A 33 -4.75 -15.20 -11.96
N ASP A 34 -4.21 -16.35 -11.57
CA ASP A 34 -4.87 -17.63 -11.81
C ASP A 34 -6.03 -17.82 -10.85
N GLN A 35 -5.75 -17.70 -9.56
CA GLN A 35 -6.78 -17.87 -8.54
C GLN A 35 -7.23 -16.53 -7.99
N LYS A 36 -8.22 -15.92 -8.65
CA LYS A 36 -8.74 -14.62 -8.24
C LYS A 36 -9.19 -14.67 -6.78
N ILE A 37 -8.83 -13.63 -6.03
CA ILE A 37 -9.20 -13.54 -4.62
C ILE A 37 -10.55 -12.86 -4.45
N ILE A 38 -11.06 -12.91 -3.22
CA ILE A 38 -12.36 -12.30 -2.92
C ILE A 38 -12.30 -11.50 -1.63
N SER A 39 -11.19 -10.78 -1.44
CA SER A 39 -11.02 -9.96 -0.24
C SER A 39 -9.92 -8.91 -0.46
N TYR A 40 -10.21 -7.68 -0.06
CA TYR A 40 -9.25 -6.59 -0.20
C TYR A 40 -9.39 -5.59 0.93
N LEU A 41 -8.29 -5.37 1.65
CA LEU A 41 -8.29 -4.43 2.78
C LEU A 41 -7.02 -3.58 2.77
N TRP A 42 -7.14 -2.34 3.22
CA TRP A 42 -6.00 -1.44 3.26
C TRP A 42 -6.00 -0.62 4.56
N GLU A 43 -4.94 -0.73 5.32
CA GLU A 43 -4.82 0.00 6.59
C GLU A 43 -3.36 0.28 6.93
N LYS A 44 -3.12 1.42 7.56
CA LYS A 44 -1.76 1.81 7.95
C LYS A 44 -1.35 1.12 9.24
N THR A 45 -0.31 0.31 9.17
CA THR A 45 0.20 -0.41 10.35
C THR A 45 1.15 0.47 11.16
N GLN A 46 1.96 1.24 10.46
CA GLN A 46 2.92 2.13 11.12
C GLN A 46 2.90 3.52 10.49
N GLY A 47 3.49 4.49 11.18
CA GLY A 47 3.52 5.85 10.68
C GLY A 47 2.66 6.79 11.50
N PRO A 48 2.82 8.10 11.26
CA PRO A 48 2.06 9.13 11.96
C PRO A 48 0.58 9.14 11.58
N ASP A 49 -0.29 8.97 12.56
CA ASP A 49 -1.72 8.96 12.33
C ASP A 49 -2.21 10.32 11.85
N GLY A 50 -2.84 10.34 10.68
CA GLY A 50 -3.35 11.59 10.13
C GLY A 50 -3.85 11.44 8.71
N VAL A 51 -3.11 10.70 7.91
CA VAL A 51 -3.48 10.47 6.51
C VAL A 51 -4.89 9.90 6.40
N GLN A 52 -5.49 10.01 5.21
CA GLN A 52 -6.83 9.50 4.99
C GLN A 52 -6.83 8.46 3.87
N LEU A 53 -7.30 7.26 4.18
CA LEU A 53 -7.35 6.18 3.20
C LEU A 53 -8.75 6.08 2.58
N GLU A 54 -8.79 6.05 1.25
CA GLU A 54 -10.06 5.95 0.54
C GLU A 54 -10.16 4.64 -0.23
N ASN A 55 -11.35 4.04 -0.21
CA ASN A 55 -11.58 2.78 -0.90
C ASN A 55 -10.65 1.69 -0.36
N ALA A 56 -10.48 1.67 0.96
CA ALA A 56 -9.63 0.68 1.61
C ALA A 56 -10.19 -0.73 1.42
N ASN A 57 -11.44 -0.81 0.99
CA ASN A 57 -12.09 -2.10 0.77
C ASN A 57 -11.89 -2.57 -0.67
N SER A 58 -10.89 -2.02 -1.33
CA SER A 58 -10.60 -2.39 -2.71
C SER A 58 -9.12 -2.73 -2.88
N SER A 59 -8.81 -3.46 -3.96
CA SER A 59 -7.44 -3.87 -4.23
C SER A 59 -6.51 -2.66 -4.24
N VAL A 60 -7.06 -1.51 -4.61
CA VAL A 60 -6.28 -0.27 -4.66
C VAL A 60 -6.87 0.80 -3.75
N ALA A 61 -6.02 1.42 -2.95
CA ALA A 61 -6.46 2.47 -2.02
C ALA A 61 -5.73 3.78 -2.30
N THR A 62 -6.33 4.89 -1.87
CA THR A 62 -5.74 6.20 -2.07
C THR A 62 -5.49 6.90 -0.74
N VAL A 63 -4.23 7.19 -0.45
CA VAL A 63 -3.86 7.86 0.79
C VAL A 63 -3.57 9.34 0.55
N THR A 64 -4.31 10.20 1.24
CA THR A 64 -4.13 11.64 1.11
C THR A 64 -3.69 12.27 2.43
N GLY A 65 -3.04 13.43 2.34
CA GLY A 65 -2.58 14.11 3.53
C GLY A 65 -1.30 13.52 4.08
N LEU A 66 -0.39 13.15 3.19
CA LEU A 66 0.88 12.57 3.59
C LEU A 66 1.92 13.65 3.86
N GLN A 67 2.83 13.36 4.79
CA GLN A 67 3.87 14.32 5.15
C GLN A 67 5.20 13.61 5.38
N VAL A 68 6.28 14.38 5.44
CA VAL A 68 7.61 13.83 5.66
C VAL A 68 7.59 12.78 6.77
N GLY A 69 7.72 11.52 6.39
CA GLY A 69 7.71 10.44 7.36
C GLY A 69 7.66 9.07 6.71
N THR A 70 7.52 8.04 7.53
CA THR A 70 7.46 6.67 7.03
C THR A 70 6.06 6.08 7.24
N TYR A 71 5.42 5.70 6.14
CA TYR A 71 4.09 5.11 6.19
C TYR A 71 4.11 3.66 5.74
N VAL A 72 3.67 2.76 6.62
CA VAL A 72 3.63 1.34 6.31
C VAL A 72 2.19 0.83 6.21
N PHE A 73 1.71 0.70 4.98
CA PHE A 73 0.35 0.23 4.74
C PHE A 73 0.33 -1.26 4.44
N THR A 74 -0.40 -2.02 5.25
CA THR A 74 -0.50 -3.47 5.06
C THR A 74 -1.81 -3.85 4.39
N LEU A 75 -1.70 -4.50 3.23
CA LEU A 75 -2.88 -4.92 2.48
C LEU A 75 -3.27 -6.35 2.85
N THR A 76 -4.38 -6.50 3.55
CA THR A 76 -4.87 -7.82 3.96
C THR A 76 -5.85 -8.38 2.95
N VAL A 77 -5.45 -9.46 2.27
CA VAL A 77 -6.30 -10.09 1.27
C VAL A 77 -6.55 -11.56 1.62
N LYS A 78 -7.60 -12.12 1.05
CA LYS A 78 -7.95 -13.52 1.29
C LYS A 78 -8.40 -14.20 0.00
N ASP A 79 -8.04 -15.47 -0.15
CA ASP A 79 -8.40 -16.23 -1.33
C ASP A 79 -9.64 -17.08 -1.07
N GLU A 80 -10.02 -17.88 -2.06
CA GLU A 80 -11.20 -18.74 -1.94
C GLU A 80 -11.04 -19.71 -0.77
N ARG A 81 -9.80 -20.13 -0.51
CA ARG A 81 -9.52 -21.06 0.57
C ARG A 81 -9.35 -20.31 1.90
N ASN A 82 -9.89 -19.10 1.96
CA ASN A 82 -9.79 -18.29 3.16
C ASN A 82 -8.34 -18.12 3.61
N LEU A 83 -7.43 -18.19 2.64
CA LEU A 83 -6.00 -18.04 2.93
C LEU A 83 -5.68 -16.63 3.40
N GLN A 84 -5.01 -16.53 4.54
CA GLN A 84 -4.64 -15.23 5.09
C GLN A 84 -3.25 -14.82 4.63
N SER A 85 -3.17 -13.74 3.87
CA SER A 85 -1.90 -13.25 3.36
C SER A 85 -1.95 -11.74 3.11
N GLN A 86 -1.07 -11.01 3.79
CA GLN A 86 -1.02 -9.55 3.65
C GLN A 86 0.39 -9.09 3.32
N SER A 87 0.50 -7.95 2.64
CA SER A 87 1.80 -7.40 2.26
C SER A 87 1.88 -5.92 2.62
N SER A 88 3.02 -5.51 3.16
CA SER A 88 3.23 -4.12 3.55
C SER A 88 4.03 -3.38 2.48
N VAL A 89 3.97 -2.05 2.52
CA VAL A 89 4.68 -1.21 1.57
C VAL A 89 5.32 -0.01 2.26
N ASN A 90 6.60 0.21 1.98
CA ASN A 90 7.33 1.33 2.58
C ASN A 90 7.14 2.60 1.75
N VAL A 91 6.35 3.53 2.28
CA VAL A 91 6.08 4.79 1.60
C VAL A 91 6.89 5.93 2.21
N ILE A 92 7.97 6.32 1.54
CA ILE A 92 8.82 7.40 2.02
C ILE A 92 8.44 8.72 1.37
N VAL A 93 8.25 9.74 2.21
CA VAL A 93 7.88 11.07 1.71
C VAL A 93 9.01 12.06 1.94
N LYS A 94 9.39 12.76 0.88
CA LYS A 94 10.47 13.75 0.96
C LYS A 94 9.94 15.14 0.62
N GLU A 95 10.78 16.16 0.83
CA GLU A 95 10.40 17.54 0.55
C GLU A 95 10.77 17.91 -0.89
N GLU A 96 10.23 19.03 -1.35
CA GLU A 96 10.50 19.50 -2.70
C GLU A 96 11.99 19.70 -2.93
N SER A 97 12.44 19.44 -4.15
CA SER A 97 13.86 19.59 -4.49
C SER A 97 14.02 20.19 -5.88
N GLY A 98 14.72 21.32 -5.96
CA GLY A 98 14.94 21.97 -7.23
C GLY A 98 14.21 23.30 -7.34
N PRO A 99 14.78 24.22 -8.13
CA PRO A 99 14.19 25.55 -8.33
C PRO A 99 12.90 25.51 -9.14
N SER A 100 12.69 24.39 -9.82
CA SER A 100 11.49 24.23 -10.65
C SER A 100 11.07 22.76 -10.69
N SER A 101 9.76 22.52 -10.78
CA SER A 101 9.22 21.18 -10.82
C SER A 101 7.96 21.12 -11.67
N GLY A 102 7.95 20.21 -12.64
CA GLY A 102 6.80 20.06 -13.52
C GLY A 102 7.01 20.72 -14.87
N GLY A 1 -4.98 -32.79 -10.27
CA GLY A 1 -3.58 -32.47 -10.00
C GLY A 1 -3.17 -31.14 -10.61
N SER A 2 -2.05 -31.16 -11.34
CA SER A 2 -1.54 -29.96 -11.97
C SER A 2 -1.64 -28.75 -11.03
N SER A 3 -1.27 -28.98 -9.77
CA SER A 3 -1.32 -27.92 -8.77
C SER A 3 0.05 -27.25 -8.63
N GLY A 4 0.04 -25.92 -8.64
CA GLY A 4 1.28 -25.17 -8.51
C GLY A 4 1.09 -23.69 -8.72
N SER A 5 0.49 -23.03 -7.75
CA SER A 5 0.24 -21.58 -7.83
C SER A 5 1.37 -20.79 -7.19
N SER A 6 1.75 -19.69 -7.82
CA SER A 6 2.82 -18.85 -7.31
C SER A 6 2.35 -17.41 -7.14
N GLY A 7 2.43 -16.91 -5.91
CA GLY A 7 2.00 -15.55 -5.62
C GLY A 7 0.74 -15.50 -4.78
N GLN A 8 0.82 -14.86 -3.62
CA GLN A 8 -0.31 -14.75 -2.73
C GLN A 8 -0.76 -13.30 -2.60
N ALA A 9 0.08 -12.48 -1.97
CA ALA A 9 -0.22 -11.07 -1.77
C ALA A 9 1.00 -10.20 -2.06
N ASP A 10 0.83 -9.21 -2.93
CA ASP A 10 1.92 -8.31 -3.28
C ASP A 10 1.45 -6.86 -3.26
N ALA A 11 1.47 -6.26 -2.07
CA ALA A 11 1.04 -4.87 -1.91
C ALA A 11 1.70 -3.97 -2.95
N GLY A 12 2.95 -4.27 -3.30
CA GLY A 12 3.66 -3.48 -4.28
C GLY A 12 5.01 -3.01 -3.78
N PRO A 13 5.83 -2.48 -4.70
CA PRO A 13 7.16 -1.98 -4.37
C PRO A 13 7.11 -0.70 -3.53
N ASP A 14 8.27 -0.31 -2.99
CA ASP A 14 8.35 0.89 -2.17
C ASP A 14 7.74 2.09 -2.89
N LYS A 15 7.49 3.16 -2.15
CA LYS A 15 6.91 4.37 -2.71
C LYS A 15 7.71 5.60 -2.33
N GLU A 16 7.96 6.47 -3.31
CA GLU A 16 8.73 7.68 -3.07
C GLU A 16 8.02 8.90 -3.67
N LEU A 17 7.39 9.69 -2.81
CA LEU A 17 6.68 10.90 -3.26
C LEU A 17 7.48 12.15 -2.94
N THR A 18 7.20 13.23 -3.67
CA THR A 18 7.89 14.50 -3.46
C THR A 18 6.90 15.66 -3.42
N LEU A 19 6.87 16.36 -2.30
CA LEU A 19 5.97 17.50 -2.12
C LEU A 19 5.98 18.39 -3.36
N PRO A 20 4.90 19.17 -3.54
CA PRO A 20 3.77 19.19 -2.60
C PRO A 20 2.96 17.90 -2.66
N VAL A 21 3.30 17.03 -3.61
CA VAL A 21 2.61 15.76 -3.77
C VAL A 21 2.45 15.05 -2.43
N ASP A 22 1.28 15.20 -1.82
CA ASP A 22 1.01 14.57 -0.53
C ASP A 22 -0.11 13.53 -0.67
N SER A 23 -0.09 12.78 -1.76
CA SER A 23 -1.10 11.76 -2.00
C SER A 23 -0.59 10.72 -3.00
N THR A 24 -0.86 9.46 -2.72
CA THR A 24 -0.43 8.37 -3.59
C THR A 24 -1.52 7.31 -3.71
N THR A 25 -1.28 6.32 -4.58
CA THR A 25 -2.24 5.25 -4.81
C THR A 25 -1.61 3.89 -4.56
N LEU A 26 -2.25 3.09 -3.71
CA LEU A 26 -1.75 1.76 -3.38
C LEU A 26 -2.61 0.68 -4.03
N ASP A 27 -2.26 0.31 -5.26
CA ASP A 27 -3.00 -0.72 -6.00
C ASP A 27 -2.39 -2.10 -5.75
N GLY A 28 -3.26 -3.06 -5.43
CA GLY A 28 -2.81 -4.41 -5.18
C GLY A 28 -3.44 -5.43 -6.10
N SER A 29 -3.65 -5.04 -7.35
CA SER A 29 -4.28 -5.93 -8.33
C SER A 29 -3.33 -7.07 -8.71
N LYS A 30 -2.03 -6.83 -8.55
CA LYS A 30 -1.03 -7.83 -8.87
C LYS A 30 -0.69 -8.67 -7.64
N SER A 31 -1.72 -9.14 -6.95
CA SER A 31 -1.54 -9.96 -5.75
C SER A 31 -1.46 -11.43 -6.10
N SER A 32 -2.43 -11.89 -6.89
CA SER A 32 -2.48 -13.29 -7.32
C SER A 32 -2.59 -13.40 -8.83
N ASP A 33 -2.23 -14.57 -9.36
CA ASP A 33 -2.29 -14.81 -10.79
C ASP A 33 -3.33 -15.87 -11.12
N ASP A 34 -3.12 -17.08 -10.61
CA ASP A 34 -4.04 -18.18 -10.84
C ASP A 34 -5.20 -18.16 -9.85
N GLN A 35 -4.86 -18.05 -8.57
CA GLN A 35 -5.88 -18.02 -7.52
C GLN A 35 -6.84 -16.86 -7.72
N LYS A 36 -7.90 -16.81 -6.93
CA LYS A 36 -8.89 -15.76 -7.02
C LYS A 36 -8.88 -14.89 -5.77
N ILE A 37 -9.53 -13.73 -5.85
CA ILE A 37 -9.59 -12.80 -4.73
C ILE A 37 -10.96 -12.13 -4.64
N ILE A 38 -11.61 -12.28 -3.49
CA ILE A 38 -12.92 -11.68 -3.29
C ILE A 38 -12.95 -10.82 -2.03
N SER A 39 -11.78 -10.31 -1.65
CA SER A 39 -11.66 -9.47 -0.46
C SER A 39 -10.46 -8.53 -0.58
N TYR A 40 -10.62 -7.31 -0.07
CA TYR A 40 -9.56 -6.32 -0.11
C TYR A 40 -9.63 -5.38 1.10
N LEU A 41 -8.49 -5.18 1.74
CA LEU A 41 -8.42 -4.30 2.91
C LEU A 41 -7.11 -3.55 2.96
N TRP A 42 -7.16 -2.28 3.33
CA TRP A 42 -5.97 -1.45 3.41
C TRP A 42 -5.92 -0.70 4.74
N GLU A 43 -4.84 -0.92 5.49
CA GLU A 43 -4.68 -0.28 6.79
C GLU A 43 -3.21 0.07 7.03
N LYS A 44 -2.96 1.23 7.64
CA LYS A 44 -1.62 1.67 7.94
C LYS A 44 -1.10 1.04 9.23
N THR A 45 -0.13 0.15 9.10
CA THR A 45 0.45 -0.53 10.24
C THR A 45 1.34 0.41 11.04
N GLN A 46 2.24 1.10 10.36
CA GLN A 46 3.15 2.03 11.01
C GLN A 46 3.14 3.38 10.30
N GLY A 47 3.74 4.38 10.94
CA GLY A 47 3.79 5.72 10.35
C GLY A 47 3.01 6.73 11.16
N PRO A 48 3.24 8.02 10.87
CA PRO A 48 2.56 9.11 11.57
C PRO A 48 1.08 9.19 11.22
N ASP A 49 0.24 8.91 12.21
CA ASP A 49 -1.21 8.94 12.01
C ASP A 49 -1.67 10.35 11.60
N GLY A 50 -2.74 10.42 10.82
CA GLY A 50 -3.25 11.69 10.37
C GLY A 50 -3.76 11.64 8.95
N VAL A 51 -3.18 10.76 8.13
CA VAL A 51 -3.58 10.63 6.74
C VAL A 51 -4.98 10.02 6.64
N GLN A 52 -5.60 10.18 5.47
CA GLN A 52 -6.94 9.66 5.24
C GLN A 52 -6.93 8.64 4.11
N LEU A 53 -7.33 7.41 4.43
CA LEU A 53 -7.37 6.33 3.44
C LEU A 53 -8.74 6.26 2.77
N GLU A 54 -8.74 6.18 1.44
CA GLU A 54 -9.98 6.10 0.68
C GLU A 54 -10.04 4.82 -0.13
N ASN A 55 -11.21 4.19 -0.17
CA ASN A 55 -11.40 2.96 -0.92
C ASN A 55 -10.47 1.85 -0.40
N ALA A 56 -10.35 1.78 0.92
CA ALA A 56 -9.49 0.77 1.55
C ALA A 56 -10.05 -0.63 1.34
N ASN A 57 -11.38 -0.71 1.17
CA ASN A 57 -12.04 -2.00 0.96
C ASN A 57 -12.08 -2.35 -0.52
N SER A 58 -11.08 -1.88 -1.26
CA SER A 58 -11.00 -2.15 -2.70
C SER A 58 -9.60 -2.59 -3.10
N SER A 59 -9.42 -2.88 -4.38
CA SER A 59 -8.12 -3.31 -4.88
C SER A 59 -7.10 -2.18 -4.82
N VAL A 60 -7.58 -0.96 -5.07
CA VAL A 60 -6.70 0.20 -5.03
C VAL A 60 -7.19 1.23 -4.02
N ALA A 61 -6.28 1.70 -3.18
CA ALA A 61 -6.62 2.68 -2.15
C ALA A 61 -5.88 4.00 -2.38
N THR A 62 -6.33 5.05 -1.71
CA THR A 62 -5.71 6.36 -1.85
C THR A 62 -5.50 7.01 -0.48
N VAL A 63 -4.26 7.40 -0.21
CA VAL A 63 -3.93 8.04 1.06
C VAL A 63 -3.59 9.52 0.86
N THR A 64 -4.31 10.39 1.56
CA THR A 64 -4.08 11.83 1.46
C THR A 64 -3.58 12.40 2.78
N GLY A 65 -3.03 13.60 2.72
CA GLY A 65 -2.52 14.25 3.93
C GLY A 65 -1.24 13.61 4.43
N LEU A 66 -0.30 13.40 3.52
CA LEU A 66 0.98 12.78 3.88
C LEU A 66 2.01 13.85 4.23
N GLN A 67 2.96 13.48 5.09
CA GLN A 67 4.01 14.41 5.50
C GLN A 67 5.37 13.72 5.50
N VAL A 68 6.43 14.52 5.42
CA VAL A 68 7.78 13.98 5.41
C VAL A 68 7.95 12.91 6.48
N GLY A 69 7.91 11.65 6.05
CA GLY A 69 8.06 10.54 6.98
C GLY A 69 7.91 9.19 6.30
N THR A 70 7.60 8.17 7.09
CA THR A 70 7.42 6.82 6.55
C THR A 70 6.04 6.26 6.90
N TYR A 71 5.43 5.58 5.94
CA TYR A 71 4.11 4.99 6.15
C TYR A 71 4.08 3.54 5.70
N VAL A 72 3.78 2.64 6.63
CA VAL A 72 3.71 1.22 6.33
C VAL A 72 2.27 0.75 6.18
N PHE A 73 1.85 0.50 4.94
CA PHE A 73 0.50 0.06 4.66
C PHE A 73 0.47 -1.45 4.37
N THR A 74 -0.23 -2.19 5.21
CA THR A 74 -0.34 -3.64 5.05
C THR A 74 -1.64 -4.01 4.34
N LEU A 75 -1.53 -4.85 3.32
CA LEU A 75 -2.70 -5.29 2.57
C LEU A 75 -3.10 -6.71 2.97
N THR A 76 -4.41 -6.93 3.08
CA THR A 76 -4.93 -8.24 3.47
C THR A 76 -5.98 -8.73 2.47
N VAL A 77 -5.60 -9.75 1.70
CA VAL A 77 -6.51 -10.32 0.70
C VAL A 77 -6.86 -11.76 1.03
N LYS A 78 -7.97 -12.25 0.48
CA LYS A 78 -8.41 -13.61 0.71
C LYS A 78 -8.81 -14.28 -0.60
N ASP A 79 -8.75 -15.61 -0.62
CA ASP A 79 -9.12 -16.37 -1.82
C ASP A 79 -10.28 -17.32 -1.53
N GLU A 80 -10.74 -18.02 -2.56
CA GLU A 80 -11.84 -18.95 -2.41
C GLU A 80 -11.63 -19.87 -1.22
N ARG A 81 -10.38 -20.27 -1.00
CA ARG A 81 -10.03 -21.15 0.10
C ARG A 81 -9.80 -20.35 1.38
N ASN A 82 -10.41 -19.17 1.45
CA ASN A 82 -10.25 -18.32 2.62
C ASN A 82 -8.79 -18.17 3.02
N LEU A 83 -7.91 -18.21 2.02
CA LEU A 83 -6.48 -18.09 2.26
C LEU A 83 -6.13 -16.71 2.78
N GLN A 84 -5.61 -16.65 4.00
CA GLN A 84 -5.23 -15.38 4.61
C GLN A 84 -3.80 -14.99 4.23
N SER A 85 -3.67 -13.86 3.53
CA SER A 85 -2.36 -13.39 3.10
C SER A 85 -2.02 -12.06 3.77
N GLN A 86 -0.88 -11.49 3.39
CA GLN A 86 -0.44 -10.22 3.96
C GLN A 86 0.78 -9.68 3.20
N SER A 87 0.84 -8.35 3.07
CA SER A 87 1.95 -7.71 2.37
C SER A 87 2.03 -6.24 2.72
N SER A 88 3.19 -5.82 3.23
CA SER A 88 3.40 -4.43 3.61
C SER A 88 4.29 -3.71 2.60
N VAL A 89 4.16 -2.39 2.54
CA VAL A 89 4.96 -1.59 1.62
C VAL A 89 5.48 -0.33 2.29
N ASN A 90 6.74 -0.01 2.04
CA ASN A 90 7.37 1.16 2.63
C ASN A 90 7.10 2.41 1.78
N VAL A 91 6.39 3.37 2.36
CA VAL A 91 6.07 4.61 1.67
C VAL A 91 6.85 5.79 2.24
N ILE A 92 7.84 6.26 1.49
CA ILE A 92 8.66 7.38 1.92
C ILE A 92 8.23 8.67 1.24
N VAL A 93 8.20 9.76 2.00
CA VAL A 93 7.81 11.07 1.47
C VAL A 93 8.93 12.08 1.64
N LYS A 94 9.21 12.83 0.57
CA LYS A 94 10.25 13.84 0.60
C LYS A 94 9.68 15.21 0.25
N GLU A 95 10.30 16.26 0.81
CA GLU A 95 9.85 17.62 0.56
C GLU A 95 10.46 18.16 -0.74
N GLU A 96 9.99 19.34 -1.15
CA GLU A 96 10.47 19.96 -2.38
C GLU A 96 11.80 20.69 -2.13
N SER A 97 12.66 20.69 -3.14
CA SER A 97 13.96 21.34 -3.03
C SER A 97 14.00 22.62 -3.87
N GLY A 98 14.76 23.60 -3.40
CA GLY A 98 14.87 24.85 -4.12
C GLY A 98 15.29 26.00 -3.23
N PRO A 99 15.09 27.24 -3.71
CA PRO A 99 15.45 28.45 -2.96
C PRO A 99 14.54 28.67 -1.76
N SER A 100 14.91 28.09 -0.62
CA SER A 100 14.13 28.23 0.61
C SER A 100 14.18 29.66 1.13
N SER A 101 13.19 30.03 1.92
CA SER A 101 13.10 31.37 2.49
C SER A 101 13.76 31.41 3.86
N GLY A 102 13.20 30.63 4.80
CA GLY A 102 13.74 30.60 6.15
C GLY A 102 12.65 30.47 7.19
N GLY A 1 -4.12 -27.17 5.86
CA GLY A 1 -3.35 -28.23 6.48
C GLY A 1 -1.94 -28.30 5.95
N SER A 2 -1.19 -27.20 6.11
CA SER A 2 0.19 -27.15 5.64
C SER A 2 0.90 -25.90 6.16
N SER A 3 1.94 -26.13 6.96
CA SER A 3 2.69 -25.02 7.55
C SER A 3 3.23 -24.09 6.45
N GLY A 4 2.97 -22.79 6.62
CA GLY A 4 3.43 -21.83 5.65
C GLY A 4 3.69 -20.46 6.26
N SER A 5 4.53 -19.67 5.61
CA SER A 5 4.86 -18.34 6.10
C SER A 5 4.57 -17.28 5.04
N SER A 6 5.04 -17.53 3.82
CA SER A 6 4.83 -16.60 2.72
C SER A 6 3.35 -16.48 2.37
N GLY A 7 3.03 -15.59 1.44
CA GLY A 7 1.66 -15.40 1.04
C GLY A 7 1.54 -14.84 -0.36
N GLN A 8 0.33 -14.91 -0.92
CA GLN A 8 0.08 -14.40 -2.28
C GLN A 8 -0.49 -12.99 -2.23
N ALA A 9 0.37 -12.01 -2.01
CA ALA A 9 -0.05 -10.62 -1.95
C ALA A 9 1.09 -9.68 -2.32
N ASP A 10 0.85 -8.81 -3.29
CA ASP A 10 1.86 -7.86 -3.75
C ASP A 10 1.39 -6.43 -3.52
N ALA A 11 1.98 -5.76 -2.53
CA ALA A 11 1.63 -4.38 -2.22
C ALA A 11 2.43 -3.41 -3.05
N GLY A 12 2.60 -3.73 -4.33
CA GLY A 12 3.35 -2.86 -5.23
C GLY A 12 4.74 -2.58 -4.71
N PRO A 13 5.61 -2.07 -5.60
CA PRO A 13 7.00 -1.75 -5.25
C PRO A 13 7.10 -0.53 -4.33
N ASP A 14 8.27 -0.31 -3.77
CA ASP A 14 8.50 0.81 -2.87
C ASP A 14 7.91 2.09 -3.45
N LYS A 15 7.39 2.94 -2.57
CA LYS A 15 6.79 4.20 -2.99
C LYS A 15 7.62 5.39 -2.51
N GLU A 16 8.01 6.25 -3.45
CA GLU A 16 8.81 7.42 -3.13
C GLU A 16 8.13 8.70 -3.62
N LEU A 17 7.50 9.43 -2.70
CA LEU A 17 6.82 10.66 -3.04
C LEU A 17 7.67 11.88 -2.68
N THR A 18 7.50 12.96 -3.42
CA THR A 18 8.25 14.18 -3.17
C THR A 18 7.32 15.40 -3.13
N LEU A 19 7.18 15.99 -1.95
CA LEU A 19 6.33 17.15 -1.78
C LEU A 19 6.43 18.09 -2.97
N PRO A 20 5.39 18.90 -3.18
CA PRO A 20 4.20 18.90 -2.32
C PRO A 20 3.37 17.63 -2.49
N VAL A 21 3.81 16.77 -3.40
CA VAL A 21 3.11 15.50 -3.65
C VAL A 21 2.87 14.73 -2.36
N ASP A 22 1.64 14.79 -1.86
CA ASP A 22 1.28 14.10 -0.62
C ASP A 22 0.07 13.20 -0.85
N SER A 23 -0.01 12.60 -2.03
CA SER A 23 -1.13 11.72 -2.37
C SER A 23 -0.65 10.56 -3.25
N THR A 24 -1.13 9.36 -2.93
CA THR A 24 -0.76 8.17 -3.69
C THR A 24 -1.85 7.10 -3.59
N THR A 25 -2.03 6.35 -4.67
CA THR A 25 -3.03 5.29 -4.70
C THR A 25 -2.39 3.92 -4.60
N LEU A 26 -2.82 3.13 -3.63
CA LEU A 26 -2.28 1.79 -3.42
C LEU A 26 -3.11 0.75 -4.18
N ASP A 27 -2.69 0.46 -5.41
CA ASP A 27 -3.39 -0.53 -6.24
C ASP A 27 -2.71 -1.89 -6.14
N GLY A 28 -3.44 -2.86 -5.60
CA GLY A 28 -2.89 -4.20 -5.46
C GLY A 28 -3.55 -5.20 -6.40
N SER A 29 -3.85 -4.75 -7.62
CA SER A 29 -4.49 -5.61 -8.60
C SER A 29 -3.59 -6.79 -8.96
N LYS A 30 -2.28 -6.59 -8.86
CA LYS A 30 -1.32 -7.63 -9.16
C LYS A 30 -1.01 -8.47 -7.93
N SER A 31 -2.06 -8.95 -7.27
CA SER A 31 -1.90 -9.77 -6.08
C SER A 31 -1.69 -11.24 -6.43
N SER A 32 -2.55 -11.76 -7.31
CA SER A 32 -2.46 -13.15 -7.73
C SER A 32 -3.11 -13.34 -9.10
N ASP A 33 -2.55 -14.24 -9.90
CA ASP A 33 -3.07 -14.52 -11.23
C ASP A 33 -3.69 -15.91 -11.28
N ASP A 34 -2.89 -16.93 -11.02
CA ASP A 34 -3.35 -18.31 -11.05
C ASP A 34 -4.75 -18.42 -10.44
N GLN A 35 -4.94 -17.81 -9.28
CA GLN A 35 -6.22 -17.83 -8.60
C GLN A 35 -6.84 -16.44 -8.53
N LYS A 36 -8.07 -16.36 -8.02
CA LYS A 36 -8.76 -15.08 -7.90
C LYS A 36 -8.91 -14.68 -6.44
N ILE A 37 -9.01 -13.38 -6.20
CA ILE A 37 -9.16 -12.87 -4.84
C ILE A 37 -10.49 -12.13 -4.68
N ILE A 38 -11.17 -12.40 -3.56
CA ILE A 38 -12.45 -11.76 -3.28
C ILE A 38 -12.42 -11.03 -1.94
N SER A 39 -11.30 -10.35 -1.67
CA SER A 39 -11.14 -9.62 -0.42
C SER A 39 -10.01 -8.59 -0.53
N TYR A 40 -10.22 -7.42 0.06
CA TYR A 40 -9.23 -6.36 0.03
C TYR A 40 -9.33 -5.49 1.27
N LEU A 41 -8.18 -5.25 1.91
CA LEU A 41 -8.12 -4.43 3.11
C LEU A 41 -6.85 -3.59 3.15
N TRP A 42 -7.01 -2.29 3.33
CA TRP A 42 -5.87 -1.38 3.39
C TRP A 42 -5.83 -0.64 4.72
N GLU A 43 -4.81 -0.91 5.52
CA GLU A 43 -4.66 -0.27 6.81
C GLU A 43 -3.20 0.05 7.11
N LYS A 44 -2.96 1.16 7.78
CA LYS A 44 -1.61 1.58 8.12
C LYS A 44 -1.13 0.90 9.40
N THR A 45 -0.07 0.12 9.30
CA THR A 45 0.48 -0.58 10.45
C THR A 45 1.47 0.29 11.21
N GLN A 46 2.26 1.06 10.48
CA GLN A 46 3.25 1.94 11.08
C GLN A 46 3.19 3.34 10.46
N GLY A 47 3.85 4.30 11.11
CA GLY A 47 3.86 5.65 10.59
C GLY A 47 2.94 6.58 11.37
N PRO A 48 3.05 7.90 11.11
CA PRO A 48 2.23 8.91 11.77
C PRO A 48 0.77 8.84 11.35
N ASP A 49 -0.13 8.98 12.32
CA ASP A 49 -1.56 8.95 12.05
C ASP A 49 -2.09 10.33 11.70
N GLY A 50 -2.67 10.46 10.51
CA GLY A 50 -3.21 11.74 10.08
C GLY A 50 -3.73 11.69 8.66
N VAL A 51 -3.21 10.77 7.86
CA VAL A 51 -3.62 10.62 6.47
C VAL A 51 -5.06 10.10 6.39
N GLN A 52 -5.63 10.16 5.20
CA GLN A 52 -7.00 9.70 4.98
C GLN A 52 -7.04 8.61 3.91
N LEU A 53 -7.38 7.39 4.34
CA LEU A 53 -7.45 6.26 3.42
C LEU A 53 -8.87 6.07 2.89
N GLU A 54 -9.02 6.17 1.57
CA GLU A 54 -10.33 6.01 0.95
C GLU A 54 -10.41 4.69 0.18
N ASN A 55 -11.60 4.13 0.10
CA ASN A 55 -11.81 2.87 -0.61
C ASN A 55 -10.90 1.78 -0.06
N ALA A 56 -10.63 1.84 1.24
CA ALA A 56 -9.77 0.86 1.90
C ALA A 56 -10.31 -0.55 1.69
N ASN A 57 -11.63 -0.69 1.65
CA ASN A 57 -12.26 -1.98 1.46
C ASN A 57 -12.36 -2.32 -0.02
N SER A 58 -11.39 -1.86 -0.79
CA SER A 58 -11.37 -2.11 -2.23
C SER A 58 -9.96 -2.49 -2.70
N SER A 59 -9.87 -3.01 -3.91
CA SER A 59 -8.59 -3.41 -4.48
C SER A 59 -7.64 -2.22 -4.58
N VAL A 60 -8.21 -1.04 -4.81
CA VAL A 60 -7.42 0.18 -4.94
C VAL A 60 -7.79 1.19 -3.85
N ALA A 61 -6.79 1.68 -3.15
CA ALA A 61 -7.01 2.66 -2.08
C ALA A 61 -6.28 3.96 -2.37
N THR A 62 -6.68 5.02 -1.68
CA THR A 62 -6.07 6.34 -1.87
C THR A 62 -5.74 6.98 -0.53
N VAL A 63 -4.48 7.39 -0.37
CA VAL A 63 -4.03 8.03 0.86
C VAL A 63 -3.72 9.50 0.63
N THR A 64 -4.46 10.37 1.31
CA THR A 64 -4.26 11.80 1.17
C THR A 64 -3.88 12.43 2.52
N GLY A 65 -3.02 13.45 2.46
CA GLY A 65 -2.59 14.11 3.69
C GLY A 65 -1.32 13.50 4.26
N LEU A 66 -0.38 13.15 3.38
CA LEU A 66 0.87 12.55 3.82
C LEU A 66 1.92 13.62 4.10
N GLN A 67 2.72 13.39 5.13
CA GLN A 67 3.77 14.34 5.51
C GLN A 67 5.12 13.64 5.60
N VAL A 68 6.20 14.41 5.46
CA VAL A 68 7.55 13.87 5.53
C VAL A 68 7.66 12.81 6.63
N GLY A 69 7.72 11.55 6.22
CA GLY A 69 7.83 10.47 7.18
C GLY A 69 7.69 9.10 6.53
N THR A 70 7.57 8.06 7.36
CA THR A 70 7.43 6.70 6.86
C THR A 70 6.02 6.17 7.09
N TYR A 71 5.49 5.48 6.09
CA TYR A 71 4.15 4.91 6.18
C TYR A 71 4.14 3.47 5.71
N VAL A 72 3.80 2.56 6.62
CA VAL A 72 3.74 1.14 6.29
C VAL A 72 2.30 0.65 6.22
N PHE A 73 1.82 0.44 5.00
CA PHE A 73 0.45 -0.02 4.79
C PHE A 73 0.43 -1.51 4.45
N THR A 74 -0.25 -2.30 5.29
CA THR A 74 -0.34 -3.74 5.08
C THR A 74 -1.64 -4.10 4.38
N LEU A 75 -1.54 -4.56 3.14
CA LEU A 75 -2.70 -4.96 2.37
C LEU A 75 -2.97 -6.45 2.50
N THR A 76 -4.10 -6.80 3.12
CA THR A 76 -4.47 -8.19 3.31
C THR A 76 -5.54 -8.62 2.31
N VAL A 77 -5.31 -9.76 1.67
CA VAL A 77 -6.25 -10.29 0.68
C VAL A 77 -6.51 -11.77 0.90
N LYS A 78 -7.75 -12.19 0.67
CA LYS A 78 -8.12 -13.59 0.84
C LYS A 78 -8.51 -14.21 -0.50
N ASP A 79 -8.44 -15.54 -0.57
CA ASP A 79 -8.79 -16.25 -1.79
C ASP A 79 -9.95 -17.22 -1.55
N GLU A 80 -10.37 -17.91 -2.60
CA GLU A 80 -11.47 -18.87 -2.49
C GLU A 80 -11.25 -19.82 -1.32
N ARG A 81 -9.99 -20.19 -1.10
CA ARG A 81 -9.65 -21.11 -0.01
C ARG A 81 -9.46 -20.35 1.29
N ASN A 82 -10.15 -19.22 1.42
CA ASN A 82 -10.06 -18.40 2.63
C ASN A 82 -8.62 -18.27 3.08
N LEU A 83 -7.69 -18.34 2.14
CA LEU A 83 -6.27 -18.22 2.43
C LEU A 83 -5.90 -16.78 2.78
N GLN A 84 -5.32 -16.59 3.96
CA GLN A 84 -4.92 -15.25 4.40
C GLN A 84 -3.51 -14.92 3.92
N SER A 85 -3.40 -13.79 3.22
CA SER A 85 -2.12 -13.35 2.69
C SER A 85 -2.08 -11.84 2.51
N GLN A 86 -1.16 -11.18 3.22
CA GLN A 86 -1.03 -9.73 3.15
C GLN A 86 0.42 -9.34 2.92
N SER A 87 0.63 -8.09 2.51
CA SER A 87 1.97 -7.59 2.26
C SER A 87 2.07 -6.10 2.60
N SER A 88 3.17 -5.71 3.24
CA SER A 88 3.39 -4.33 3.62
C SER A 88 4.29 -3.62 2.62
N VAL A 89 3.97 -2.36 2.34
CA VAL A 89 4.76 -1.57 1.39
C VAL A 89 5.35 -0.34 2.08
N ASN A 90 6.64 -0.08 1.81
CA ASN A 90 7.32 1.07 2.39
C ASN A 90 7.07 2.32 1.58
N VAL A 91 6.38 3.28 2.18
CA VAL A 91 6.07 4.54 1.50
C VAL A 91 6.86 5.70 2.11
N ILE A 92 7.90 6.14 1.42
CA ILE A 92 8.73 7.24 1.88
C ILE A 92 8.30 8.56 1.26
N VAL A 93 8.32 9.63 2.06
CA VAL A 93 7.94 10.94 1.58
C VAL A 93 9.05 11.97 1.81
N LYS A 94 9.57 12.52 0.72
CA LYS A 94 10.65 13.50 0.81
C LYS A 94 10.11 14.91 0.55
N GLU A 95 10.98 15.91 0.70
CA GLU A 95 10.60 17.29 0.48
C GLU A 95 10.98 17.75 -0.93
N GLU A 96 10.17 18.63 -1.50
CA GLU A 96 10.42 19.15 -2.84
C GLU A 96 11.90 19.50 -3.02
N SER A 97 12.50 19.01 -4.09
CA SER A 97 13.90 19.26 -4.38
C SER A 97 14.05 20.36 -5.43
N GLY A 98 14.43 21.56 -4.97
CA GLY A 98 14.60 22.67 -5.88
C GLY A 98 15.98 22.70 -6.52
N PRO A 99 16.40 23.88 -7.00
CA PRO A 99 17.70 24.06 -7.64
C PRO A 99 18.86 23.94 -6.65
N SER A 100 20.02 23.58 -7.15
CA SER A 100 21.21 23.42 -6.31
C SER A 100 22.33 24.35 -6.77
N SER A 101 23.17 24.77 -5.83
CA SER A 101 24.28 25.67 -6.13
C SER A 101 24.89 25.33 -7.49
N GLY A 102 25.05 26.36 -8.32
CA GLY A 102 25.62 26.16 -9.64
C GLY A 102 25.05 24.94 -10.34
N GLY A 1 6.33 -32.57 0.92
CA GLY A 1 5.77 -33.11 -0.30
C GLY A 1 5.85 -32.13 -1.46
N SER A 2 5.39 -30.91 -1.23
CA SER A 2 5.40 -29.88 -2.27
C SER A 2 6.46 -28.83 -1.96
N SER A 3 7.04 -28.25 -3.01
CA SER A 3 8.07 -27.23 -2.87
C SER A 3 8.05 -26.26 -4.05
N GLY A 4 7.89 -24.97 -3.75
CA GLY A 4 7.86 -23.97 -4.79
C GLY A 4 7.29 -22.66 -4.32
N SER A 5 7.08 -21.73 -5.25
CA SER A 5 6.54 -20.42 -4.92
C SER A 5 5.11 -20.53 -4.39
N SER A 6 4.76 -19.68 -3.43
CA SER A 6 3.43 -19.70 -2.85
C SER A 6 2.53 -18.66 -3.52
N GLY A 7 3.09 -17.49 -3.79
CA GLY A 7 2.32 -16.42 -4.41
C GLY A 7 1.32 -15.80 -3.48
N GLN A 8 1.66 -14.63 -2.94
CA GLN A 8 0.77 -13.93 -2.03
C GLN A 8 0.51 -12.50 -2.50
N ALA A 9 -0.22 -11.73 -1.69
CA ALA A 9 -0.53 -10.35 -2.04
C ALA A 9 0.72 -9.59 -2.46
N ASP A 10 0.55 -8.62 -3.34
CA ASP A 10 1.67 -7.82 -3.83
C ASP A 10 1.38 -6.33 -3.67
N ALA A 11 1.37 -5.86 -2.43
CA ALA A 11 1.10 -4.47 -2.13
C ALA A 11 1.72 -3.56 -3.19
N GLY A 12 2.88 -3.97 -3.71
CA GLY A 12 3.56 -3.18 -4.72
C GLY A 12 4.94 -2.75 -4.30
N PRO A 13 5.71 -2.17 -5.23
CA PRO A 13 7.07 -1.70 -4.96
C PRO A 13 7.10 -0.48 -4.06
N ASP A 14 8.28 -0.15 -3.55
CA ASP A 14 8.43 1.00 -2.66
C ASP A 14 7.84 2.26 -3.30
N LYS A 15 7.21 3.09 -2.47
CA LYS A 15 6.60 4.32 -2.95
C LYS A 15 7.44 5.53 -2.56
N GLU A 16 7.63 6.45 -3.50
CA GLU A 16 8.42 7.66 -3.24
C GLU A 16 7.68 8.90 -3.73
N LEU A 17 7.09 9.64 -2.80
CA LEU A 17 6.35 10.85 -3.14
C LEU A 17 7.16 12.09 -2.80
N THR A 18 6.89 13.18 -3.50
CA THR A 18 7.59 14.44 -3.27
C THR A 18 6.62 15.61 -3.19
N LEU A 19 6.52 16.21 -2.01
CA LEU A 19 5.64 17.34 -1.79
C LEU A 19 5.70 18.31 -2.97
N PRO A 20 4.64 19.13 -3.12
CA PRO A 20 3.48 19.10 -2.22
C PRO A 20 2.65 17.84 -2.38
N VAL A 21 3.02 17.00 -3.35
CA VAL A 21 2.31 15.76 -3.61
C VAL A 21 2.13 14.96 -2.33
N ASP A 22 1.01 15.19 -1.65
CA ASP A 22 0.72 14.48 -0.40
C ASP A 22 -0.41 13.47 -0.61
N SER A 23 -0.33 12.73 -1.72
CA SER A 23 -1.34 11.72 -2.04
C SER A 23 -0.78 10.69 -3.02
N THR A 24 -1.03 9.42 -2.73
CA THR A 24 -0.56 8.34 -3.59
C THR A 24 -1.63 7.27 -3.77
N THR A 25 -1.37 6.31 -4.64
CA THR A 25 -2.31 5.23 -4.90
C THR A 25 -1.68 3.86 -4.62
N LEU A 26 -2.41 3.04 -3.89
CA LEU A 26 -1.92 1.70 -3.55
C LEU A 26 -2.70 0.63 -4.31
N ASP A 27 -2.24 0.33 -5.52
CA ASP A 27 -2.88 -0.68 -6.36
C ASP A 27 -2.40 -2.08 -5.98
N GLY A 28 -3.34 -3.01 -5.84
CA GLY A 28 -2.99 -4.37 -5.48
C GLY A 28 -3.79 -5.39 -6.26
N SER A 29 -3.98 -5.14 -7.56
CA SER A 29 -4.74 -6.04 -8.41
C SER A 29 -4.06 -7.40 -8.49
N LYS A 30 -2.77 -7.40 -8.82
CA LYS A 30 -2.00 -8.63 -8.95
C LYS A 30 -1.56 -9.13 -7.57
N SER A 31 -2.51 -9.18 -6.63
CA SER A 31 -2.21 -9.64 -5.28
C SER A 31 -2.54 -11.11 -5.11
N SER A 32 -2.16 -11.91 -6.10
CA SER A 32 -2.44 -13.34 -6.06
C SER A 32 -1.78 -14.06 -7.25
N ASP A 33 -1.35 -15.29 -7.03
CA ASP A 33 -0.71 -16.07 -8.08
C ASP A 33 -1.61 -17.21 -8.53
N ASP A 34 -1.86 -17.28 -9.83
CA ASP A 34 -2.71 -18.33 -10.39
C ASP A 34 -3.98 -18.49 -9.57
N GLN A 35 -4.51 -17.38 -9.07
CA GLN A 35 -5.73 -17.40 -8.27
C GLN A 35 -6.52 -16.11 -8.45
N LYS A 36 -7.66 -16.02 -7.78
CA LYS A 36 -8.51 -14.84 -7.85
C LYS A 36 -8.73 -14.23 -6.47
N ILE A 37 -8.81 -12.91 -6.43
CA ILE A 37 -9.02 -12.20 -5.16
C ILE A 37 -10.48 -12.28 -4.73
N ILE A 38 -10.71 -12.23 -3.42
CA ILE A 38 -12.07 -12.29 -2.89
C ILE A 38 -12.42 -11.00 -2.15
N SER A 39 -11.42 -10.41 -1.49
CA SER A 39 -11.63 -9.17 -0.74
C SER A 39 -10.38 -8.30 -0.78
N TYR A 40 -10.53 -7.04 -0.38
CA TYR A 40 -9.42 -6.10 -0.37
C TYR A 40 -9.43 -5.25 0.89
N LEU A 41 -8.26 -5.04 1.47
CA LEU A 41 -8.13 -4.23 2.68
C LEU A 41 -6.86 -3.38 2.64
N TRP A 42 -6.97 -2.15 3.12
CA TRP A 42 -5.83 -1.24 3.15
C TRP A 42 -5.79 -0.46 4.45
N GLU A 43 -4.78 -0.75 5.28
CA GLU A 43 -4.63 -0.08 6.56
C GLU A 43 -3.16 0.18 6.87
N LYS A 44 -2.91 1.22 7.66
CA LYS A 44 -1.54 1.59 8.03
C LYS A 44 -1.09 0.82 9.27
N THR A 45 -0.03 0.03 9.12
CA THR A 45 0.50 -0.75 10.22
C THR A 45 1.48 0.06 11.05
N GLN A 46 2.27 0.88 10.38
CA GLN A 46 3.25 1.72 11.06
C GLN A 46 3.23 3.14 10.51
N GLY A 47 3.93 4.05 11.20
CA GLY A 47 3.98 5.43 10.76
C GLY A 47 3.08 6.33 11.60
N PRO A 48 3.24 7.65 11.42
CA PRO A 48 2.45 8.65 12.17
C PRO A 48 0.99 8.66 11.73
N ASP A 49 0.11 8.20 12.60
CA ASP A 49 -1.32 8.17 12.32
C ASP A 49 -1.84 9.57 12.03
N GLY A 50 -2.49 9.73 10.88
CA GLY A 50 -3.03 11.03 10.51
C GLY A 50 -3.51 11.07 9.07
N VAL A 51 -2.96 10.19 8.23
CA VAL A 51 -3.34 10.13 6.83
C VAL A 51 -4.77 9.63 6.67
N GLN A 52 -5.34 9.84 5.49
CA GLN A 52 -6.71 9.41 5.21
C GLN A 52 -6.74 8.43 4.04
N LEU A 53 -7.12 7.19 4.33
CA LEU A 53 -7.20 6.16 3.30
C LEU A 53 -8.60 6.09 2.70
N GLU A 54 -8.66 6.24 1.37
CA GLU A 54 -9.94 6.19 0.67
C GLU A 54 -10.12 4.86 -0.05
N ASN A 55 -11.35 4.37 -0.08
CA ASN A 55 -11.65 3.11 -0.74
C ASN A 55 -10.74 1.99 -0.24
N ALA A 56 -10.48 2.00 1.07
CA ALA A 56 -9.64 0.98 1.68
C ALA A 56 -10.19 -0.42 1.47
N ASN A 57 -11.52 -0.51 1.36
CA ASN A 57 -12.19 -1.79 1.17
C ASN A 57 -12.28 -2.12 -0.32
N SER A 58 -11.35 -1.59 -1.10
CA SER A 58 -11.35 -1.83 -2.54
C SER A 58 -9.94 -2.24 -3.01
N SER A 59 -9.88 -2.81 -4.20
CA SER A 59 -8.60 -3.24 -4.76
C SER A 59 -7.57 -2.13 -4.70
N VAL A 60 -7.94 -0.95 -5.18
CA VAL A 60 -7.04 0.20 -5.17
C VAL A 60 -7.46 1.21 -4.10
N ALA A 61 -6.48 1.68 -3.33
CA ALA A 61 -6.74 2.65 -2.28
C ALA A 61 -5.97 3.95 -2.51
N THR A 62 -6.46 5.03 -1.94
CA THR A 62 -5.82 6.34 -2.09
C THR A 62 -5.64 7.02 -0.74
N VAL A 63 -4.38 7.27 -0.38
CA VAL A 63 -4.07 7.92 0.89
C VAL A 63 -3.83 9.41 0.70
N THR A 64 -4.42 10.22 1.57
CA THR A 64 -4.26 11.66 1.49
C THR A 64 -3.78 12.24 2.82
N GLY A 65 -2.97 13.29 2.75
CA GLY A 65 -2.46 13.92 3.96
C GLY A 65 -1.16 13.28 4.42
N LEU A 66 -0.25 13.06 3.50
CA LEU A 66 1.04 12.45 3.82
C LEU A 66 2.08 13.52 4.18
N GLN A 67 3.01 13.17 5.04
CA GLN A 67 4.06 14.09 5.46
C GLN A 67 5.41 13.39 5.56
N VAL A 68 6.49 14.17 5.47
CA VAL A 68 7.83 13.61 5.56
C VAL A 68 7.94 12.58 6.67
N GLY A 69 7.86 11.30 6.31
CA GLY A 69 7.95 10.24 7.29
C GLY A 69 7.81 8.87 6.67
N THR A 70 7.84 7.83 7.51
CA THR A 70 7.71 6.45 7.03
C THR A 70 6.29 5.94 7.21
N TYR A 71 5.69 5.50 6.12
CA TYR A 71 4.32 4.98 6.15
C TYR A 71 4.27 3.54 5.64
N VAL A 72 3.88 2.63 6.52
CA VAL A 72 3.79 1.21 6.16
C VAL A 72 2.34 0.76 6.09
N PHE A 73 1.86 0.52 4.86
CA PHE A 73 0.49 0.09 4.65
C PHE A 73 0.44 -1.40 4.29
N THR A 74 -0.30 -2.16 5.08
CA THR A 74 -0.42 -3.60 4.85
C THR A 74 -1.67 -3.92 4.02
N LEU A 75 -1.51 -4.84 3.06
CA LEU A 75 -2.62 -5.23 2.20
C LEU A 75 -3.08 -6.65 2.52
N THR A 76 -4.27 -6.76 3.08
CA THR A 76 -4.83 -8.07 3.43
C THR A 76 -5.89 -8.49 2.42
N VAL A 77 -5.55 -9.48 1.59
CA VAL A 77 -6.48 -9.99 0.58
C VAL A 77 -6.84 -11.45 0.86
N LYS A 78 -8.06 -11.82 0.50
CA LYS A 78 -8.53 -13.19 0.70
C LYS A 78 -8.87 -13.84 -0.63
N ASP A 79 -9.00 -15.17 -0.63
CA ASP A 79 -9.33 -15.92 -1.83
C ASP A 79 -10.48 -16.88 -1.58
N GLU A 80 -10.93 -17.55 -2.64
CA GLU A 80 -12.03 -18.51 -2.52
C GLU A 80 -11.78 -19.48 -1.38
N ARG A 81 -10.50 -19.76 -1.11
CA ARG A 81 -10.14 -20.69 -0.04
C ARG A 81 -9.93 -19.94 1.28
N ASN A 82 -10.53 -18.77 1.39
CA ASN A 82 -10.41 -17.95 2.59
C ASN A 82 -8.95 -17.78 2.99
N LEU A 83 -8.06 -17.86 1.99
CA LEU A 83 -6.63 -17.70 2.24
C LEU A 83 -6.31 -16.27 2.62
N GLN A 84 -5.95 -16.06 3.88
CA GLN A 84 -5.60 -14.73 4.37
C GLN A 84 -4.13 -14.44 4.16
N SER A 85 -3.84 -13.48 3.29
CA SER A 85 -2.45 -13.10 2.98
C SER A 85 -2.10 -11.76 3.63
N GLN A 86 -0.85 -11.35 3.47
CA GLN A 86 -0.38 -10.09 4.03
C GLN A 86 0.84 -9.57 3.28
N SER A 87 0.87 -8.27 3.05
CA SER A 87 1.98 -7.64 2.34
C SER A 87 2.02 -6.14 2.59
N SER A 88 3.09 -5.67 3.22
CA SER A 88 3.24 -4.26 3.53
C SER A 88 4.16 -3.58 2.51
N VAL A 89 3.93 -2.29 2.27
CA VAL A 89 4.72 -1.53 1.33
C VAL A 89 5.37 -0.32 2.00
N ASN A 90 6.62 -0.05 1.63
CA ASN A 90 7.35 1.08 2.21
C ASN A 90 7.07 2.37 1.44
N VAL A 91 6.40 3.31 2.09
CA VAL A 91 6.06 4.58 1.47
C VAL A 91 6.91 5.71 2.04
N ILE A 92 7.91 6.14 1.27
CA ILE A 92 8.79 7.22 1.70
C ILE A 92 8.39 8.55 1.06
N VAL A 93 8.33 9.59 1.88
CA VAL A 93 7.95 10.92 1.40
C VAL A 93 9.13 11.88 1.51
N LYS A 94 9.37 12.63 0.44
CA LYS A 94 10.47 13.59 0.41
C LYS A 94 9.93 15.01 0.21
N GLU A 95 10.79 16.00 0.42
CA GLU A 95 10.40 17.40 0.26
C GLU A 95 10.74 17.90 -1.14
N GLU A 96 9.95 18.85 -1.63
CA GLU A 96 10.17 19.41 -2.96
C GLU A 96 11.66 19.61 -3.23
N SER A 97 12.04 19.48 -4.50
CA SER A 97 13.44 19.64 -4.89
C SER A 97 13.69 21.03 -5.46
N GLY A 98 14.96 21.37 -5.64
CA GLY A 98 15.31 22.67 -6.17
C GLY A 98 15.44 23.72 -5.10
N PRO A 99 16.04 24.87 -5.45
CA PRO A 99 16.24 25.98 -4.53
C PRO A 99 14.93 26.68 -4.17
N SER A 100 14.76 26.99 -2.89
CA SER A 100 13.55 27.64 -2.41
C SER A 100 13.88 28.96 -1.72
N SER A 101 14.74 28.90 -0.72
CA SER A 101 15.14 30.09 0.03
C SER A 101 16.31 30.78 -0.65
N GLY A 102 16.04 31.93 -1.28
CA GLY A 102 17.08 32.67 -1.95
C GLY A 102 17.04 32.48 -3.47
N GLY A 1 1.19 -28.45 4.12
CA GLY A 1 0.52 -27.18 3.88
C GLY A 1 0.91 -26.56 2.56
N SER A 2 1.92 -25.71 2.56
CA SER A 2 2.38 -25.04 1.36
C SER A 2 3.80 -25.48 1.00
N SER A 3 4.12 -25.44 -0.29
CA SER A 3 5.45 -25.85 -0.76
C SER A 3 6.35 -24.63 -0.92
N GLY A 4 7.22 -24.41 0.06
CA GLY A 4 8.13 -23.28 -0.01
C GLY A 4 7.65 -22.10 0.82
N SER A 5 6.84 -21.24 0.21
CA SER A 5 6.31 -20.06 0.90
C SER A 5 4.93 -19.71 0.38
N SER A 6 4.19 -18.91 1.15
CA SER A 6 2.85 -18.50 0.77
C SER A 6 2.80 -17.00 0.48
N GLY A 7 3.17 -16.62 -0.73
CA GLY A 7 3.16 -15.23 -1.12
C GLY A 7 1.93 -14.85 -1.92
N GLN A 8 0.76 -15.00 -1.31
CA GLN A 8 -0.50 -14.67 -1.98
C GLN A 8 -0.97 -13.28 -1.59
N ALA A 9 -0.07 -12.30 -1.71
CA ALA A 9 -0.40 -10.92 -1.38
C ALA A 9 0.71 -9.97 -1.80
N ASP A 10 0.39 -9.05 -2.70
CA ASP A 10 1.37 -8.08 -3.19
C ASP A 10 0.87 -6.66 -3.01
N ALA A 11 1.52 -5.90 -2.14
CA ALA A 11 1.14 -4.52 -1.88
C ALA A 11 2.01 -3.55 -2.67
N GLY A 12 2.39 -3.94 -3.88
CA GLY A 12 3.22 -3.10 -4.71
C GLY A 12 4.57 -2.83 -4.10
N PRO A 13 5.54 -2.43 -4.93
CA PRO A 13 6.91 -2.13 -4.48
C PRO A 13 6.97 -0.86 -3.65
N ASP A 14 8.18 -0.44 -3.30
CA ASP A 14 8.39 0.75 -2.49
C ASP A 14 7.76 1.97 -3.17
N LYS A 15 7.37 2.96 -2.37
CA LYS A 15 6.76 4.18 -2.89
C LYS A 15 7.52 5.41 -2.42
N GLU A 16 7.97 6.22 -3.38
CA GLU A 16 8.71 7.44 -3.07
C GLU A 16 8.07 8.65 -3.74
N LEU A 17 7.33 9.44 -2.97
CA LEU A 17 6.67 10.62 -3.49
C LEU A 17 7.47 11.88 -3.16
N THR A 18 7.20 12.95 -3.89
CA THR A 18 7.89 14.22 -3.67
C THR A 18 6.91 15.39 -3.66
N LEU A 19 6.78 16.03 -2.50
CA LEU A 19 5.88 17.17 -2.36
C LEU A 19 5.94 18.07 -3.59
N PRO A 20 4.88 18.88 -3.78
CA PRO A 20 3.73 18.91 -2.87
C PRO A 20 2.90 17.63 -2.95
N VAL A 21 3.30 16.73 -3.85
CA VAL A 21 2.58 15.46 -4.02
C VAL A 21 2.46 14.72 -2.71
N ASP A 22 1.32 14.88 -2.04
CA ASP A 22 1.06 14.22 -0.77
C ASP A 22 -0.11 13.25 -0.88
N SER A 23 -0.15 12.52 -1.99
CA SER A 23 -1.22 11.55 -2.22
C SER A 23 -0.78 10.48 -3.20
N THR A 24 -1.02 9.22 -2.86
CA THR A 24 -0.65 8.11 -3.71
C THR A 24 -1.72 7.03 -3.71
N THR A 25 -1.65 6.12 -4.68
CA THR A 25 -2.62 5.03 -4.79
C THR A 25 -1.94 3.68 -4.71
N LEU A 26 -2.34 2.87 -3.73
CA LEU A 26 -1.77 1.55 -3.54
C LEU A 26 -2.62 0.49 -4.23
N ASP A 27 -2.34 0.24 -5.51
CA ASP A 27 -3.08 -0.75 -6.28
C ASP A 27 -2.52 -2.15 -6.04
N GLY A 28 -3.38 -3.06 -5.59
CA GLY A 28 -2.96 -4.42 -5.33
C GLY A 28 -3.48 -5.40 -6.36
N SER A 29 -3.90 -4.88 -7.51
CA SER A 29 -4.43 -5.71 -8.58
C SER A 29 -3.61 -6.98 -8.74
N LYS A 30 -2.29 -6.82 -8.85
CA LYS A 30 -1.39 -7.95 -9.01
C LYS A 30 -1.04 -8.57 -7.64
N SER A 31 -2.07 -8.78 -6.83
CA SER A 31 -1.88 -9.37 -5.51
C SER A 31 -1.57 -10.86 -5.61
N SER A 32 -2.31 -11.55 -6.46
CA SER A 32 -2.13 -12.99 -6.64
C SER A 32 -2.33 -13.37 -8.11
N ASP A 33 -1.61 -14.41 -8.55
CA ASP A 33 -1.70 -14.88 -9.92
C ASP A 33 -3.15 -15.18 -10.28
N ASP A 34 -3.86 -15.86 -9.39
CA ASP A 34 -5.25 -16.20 -9.62
C ASP A 34 -6.00 -15.05 -10.29
N GLN A 35 -7.11 -15.37 -10.95
CA GLN A 35 -7.92 -14.38 -11.64
C GLN A 35 -8.05 -13.11 -10.79
N LYS A 36 -8.50 -13.28 -9.55
CA LYS A 36 -8.68 -12.16 -8.64
C LYS A 36 -9.06 -12.64 -7.25
N ILE A 37 -9.02 -11.73 -6.28
CA ILE A 37 -9.36 -12.07 -4.90
C ILE A 37 -10.73 -11.52 -4.52
N ILE A 38 -11.48 -12.30 -3.76
CA ILE A 38 -12.81 -11.90 -3.33
C ILE A 38 -12.75 -11.13 -2.01
N SER A 39 -11.61 -10.52 -1.73
CA SER A 39 -11.42 -9.76 -0.50
C SER A 39 -10.29 -8.76 -0.64
N TYR A 40 -10.50 -7.55 -0.11
CA TYR A 40 -9.50 -6.50 -0.19
C TYR A 40 -9.60 -5.57 1.02
N LEU A 41 -8.49 -5.42 1.74
CA LEU A 41 -8.45 -4.56 2.91
C LEU A 41 -7.16 -3.74 2.94
N TRP A 42 -7.28 -2.49 3.37
CA TRP A 42 -6.12 -1.61 3.46
C TRP A 42 -6.10 -0.85 4.79
N GLU A 43 -5.05 -1.07 5.57
CA GLU A 43 -4.92 -0.41 6.86
C GLU A 43 -3.47 -0.04 7.14
N LYS A 44 -3.26 1.09 7.82
CA LYS A 44 -1.93 1.56 8.15
C LYS A 44 -1.43 0.91 9.44
N THR A 45 -0.36 0.13 9.33
CA THR A 45 0.20 -0.54 10.50
C THR A 45 1.11 0.40 11.28
N GLN A 46 2.05 1.04 10.58
CA GLN A 46 2.98 1.96 11.23
C GLN A 46 2.92 3.33 10.57
N GLY A 47 3.71 4.27 11.08
CA GLY A 47 3.73 5.61 10.52
C GLY A 47 2.93 6.60 11.35
N PRO A 48 3.10 7.90 11.07
CA PRO A 48 2.40 8.96 11.79
C PRO A 48 0.90 8.99 11.47
N ASP A 49 0.08 8.68 12.47
CA ASP A 49 -1.37 8.66 12.29
C ASP A 49 -1.87 10.03 11.85
N GLY A 50 -2.73 10.04 10.84
CA GLY A 50 -3.28 11.28 10.32
C GLY A 50 -3.78 11.16 8.90
N VAL A 51 -3.00 10.49 8.06
CA VAL A 51 -3.38 10.31 6.66
C VAL A 51 -4.82 9.85 6.53
N GLN A 52 -5.33 9.86 5.31
CA GLN A 52 -6.71 9.44 5.05
C GLN A 52 -6.77 8.38 3.97
N LEU A 53 -7.26 7.19 4.34
CA LEU A 53 -7.36 6.08 3.40
C LEU A 53 -8.77 6.01 2.81
N GLU A 54 -8.84 5.94 1.49
CA GLU A 54 -10.12 5.86 0.80
C GLU A 54 -10.24 4.56 0.01
N ASN A 55 -11.44 3.99 0.00
CA ASN A 55 -11.68 2.75 -0.72
C ASN A 55 -10.78 1.63 -0.19
N ALA A 56 -10.38 1.75 1.07
CA ALA A 56 -9.52 0.75 1.69
C ALA A 56 -10.08 -0.65 1.52
N ASN A 57 -11.40 -0.74 1.31
CA ASN A 57 -12.06 -2.02 1.12
C ASN A 57 -12.06 -2.43 -0.36
N SER A 58 -11.10 -1.91 -1.10
CA SER A 58 -10.99 -2.22 -2.52
C SER A 58 -9.55 -2.58 -2.90
N SER A 59 -9.38 -3.17 -4.08
CA SER A 59 -8.06 -3.56 -4.56
C SER A 59 -7.15 -2.34 -4.69
N VAL A 60 -7.75 -1.19 -4.96
CA VAL A 60 -6.99 0.05 -5.12
C VAL A 60 -7.39 1.07 -4.07
N ALA A 61 -6.45 1.38 -3.17
CA ALA A 61 -6.70 2.35 -2.11
C ALA A 61 -5.94 3.64 -2.36
N THR A 62 -6.46 4.74 -1.82
CA THR A 62 -5.83 6.04 -1.98
C THR A 62 -5.59 6.72 -0.63
N VAL A 63 -4.32 6.99 -0.34
CA VAL A 63 -3.95 7.63 0.92
C VAL A 63 -3.58 9.10 0.70
N THR A 64 -4.34 10.00 1.32
CA THR A 64 -4.08 11.43 1.19
C THR A 64 -3.58 12.01 2.51
N GLY A 65 -3.08 13.24 2.45
CA GLY A 65 -2.57 13.90 3.64
C GLY A 65 -1.24 13.32 4.10
N LEU A 66 -0.37 13.00 3.14
CA LEU A 66 0.94 12.44 3.46
C LEU A 66 1.95 13.54 3.77
N GLN A 67 2.85 13.26 4.71
CA GLN A 67 3.87 14.24 5.10
C GLN A 67 5.23 13.56 5.25
N VAL A 68 6.29 14.33 5.02
CA VAL A 68 7.64 13.80 5.13
C VAL A 68 7.76 12.81 6.28
N GLY A 69 7.81 11.53 5.95
CA GLY A 69 7.92 10.50 6.97
C GLY A 69 7.79 9.10 6.41
N THR A 70 7.66 8.12 7.28
CA THR A 70 7.55 6.73 6.86
C THR A 70 6.15 6.18 7.15
N TYR A 71 5.54 5.58 6.13
CA TYR A 71 4.19 5.03 6.27
C TYR A 71 4.17 3.56 5.85
N VAL A 72 3.72 2.69 6.75
CA VAL A 72 3.64 1.26 6.47
C VAL A 72 2.19 0.81 6.38
N PHE A 73 1.74 0.54 5.15
CA PHE A 73 0.37 0.09 4.91
C PHE A 73 0.34 -1.39 4.57
N THR A 74 -0.34 -2.18 5.40
CA THR A 74 -0.45 -3.61 5.18
C THR A 74 -1.69 -3.94 4.36
N LEU A 75 -1.58 -4.97 3.52
CA LEU A 75 -2.68 -5.40 2.68
C LEU A 75 -3.06 -6.85 2.95
N THR A 76 -4.25 -7.06 3.52
CA THR A 76 -4.72 -8.41 3.83
C THR A 76 -5.81 -8.84 2.86
N VAL A 77 -5.54 -9.92 2.12
CA VAL A 77 -6.49 -10.44 1.16
C VAL A 77 -6.64 -11.96 1.29
N LYS A 78 -7.83 -12.47 1.02
CA LYS A 78 -8.10 -13.90 1.10
C LYS A 78 -8.52 -14.45 -0.25
N ASP A 79 -7.70 -15.31 -0.83
CA ASP A 79 -7.99 -15.91 -2.12
C ASP A 79 -9.02 -17.02 -1.97
N GLU A 80 -9.38 -17.64 -3.10
CA GLU A 80 -10.36 -18.72 -3.09
C GLU A 80 -9.97 -19.81 -2.10
N ARG A 81 -8.68 -19.84 -1.75
CA ARG A 81 -8.18 -20.83 -0.81
C ARG A 81 -8.51 -20.43 0.63
N ASN A 82 -9.28 -19.36 0.78
CA ASN A 82 -9.66 -18.88 2.10
C ASN A 82 -8.44 -18.68 2.98
N LEU A 83 -7.29 -18.45 2.35
CA LEU A 83 -6.05 -18.24 3.07
C LEU A 83 -5.78 -16.75 3.27
N GLN A 84 -5.52 -16.35 4.51
CA GLN A 84 -5.25 -14.95 4.84
C GLN A 84 -3.77 -14.63 4.65
N SER A 85 -3.49 -13.63 3.83
CA SER A 85 -2.11 -13.23 3.56
C SER A 85 -1.88 -11.78 3.98
N GLN A 86 -0.63 -11.44 4.26
CA GLN A 86 -0.28 -10.09 4.67
C GLN A 86 0.90 -9.56 3.85
N SER A 87 0.80 -8.30 3.41
CA SER A 87 1.85 -7.69 2.62
C SER A 87 1.95 -6.20 2.93
N SER A 88 3.04 -5.80 3.57
CA SER A 88 3.27 -4.41 3.92
C SER A 88 4.20 -3.73 2.92
N VAL A 89 3.96 -2.45 2.67
CA VAL A 89 4.78 -1.68 1.74
C VAL A 89 5.40 -0.46 2.42
N ASN A 90 6.56 -0.04 1.92
CA ASN A 90 7.26 1.10 2.48
C ASN A 90 7.01 2.36 1.65
N VAL A 91 6.25 3.29 2.21
CA VAL A 91 5.93 4.53 1.53
C VAL A 91 6.72 5.70 2.10
N ILE A 92 7.76 6.11 1.39
CA ILE A 92 8.60 7.21 1.83
C ILE A 92 8.19 8.52 1.15
N VAL A 93 8.08 9.57 1.94
CA VAL A 93 7.70 10.88 1.41
C VAL A 93 8.89 11.85 1.43
N LYS A 94 9.35 12.23 0.24
CA LYS A 94 10.47 13.15 0.12
C LYS A 94 9.98 14.59 0.08
N GLU A 95 10.93 15.52 0.03
CA GLU A 95 10.60 16.95 -0.01
C GLU A 95 10.84 17.52 -1.40
N GLU A 96 10.27 18.70 -1.66
CA GLU A 96 10.42 19.35 -2.96
C GLU A 96 11.89 19.51 -3.31
N SER A 97 12.21 19.35 -4.59
CA SER A 97 13.58 19.48 -5.07
C SER A 97 13.68 20.52 -6.18
N GLY A 98 14.36 21.62 -5.88
CA GLY A 98 14.52 22.68 -6.86
C GLY A 98 15.56 23.71 -6.45
N PRO A 99 16.25 24.29 -7.45
CA PRO A 99 17.29 25.29 -7.20
C PRO A 99 16.71 26.61 -6.69
N SER A 100 15.39 26.69 -6.63
CA SER A 100 14.72 27.90 -6.16
C SER A 100 15.50 28.54 -5.02
N SER A 101 15.62 27.83 -3.91
CA SER A 101 16.35 28.33 -2.75
C SER A 101 16.49 27.24 -1.68
N GLY A 102 17.73 26.86 -1.41
CA GLY A 102 17.98 25.84 -0.41
C GLY A 102 18.62 24.59 -1.00
N GLY A 1 15.09 -27.49 -5.05
CA GLY A 1 14.44 -27.06 -3.82
C GLY A 1 12.93 -27.10 -3.92
N SER A 2 12.28 -26.05 -3.46
CA SER A 2 10.83 -25.95 -3.50
C SER A 2 10.36 -25.28 -4.78
N SER A 3 9.46 -25.94 -5.50
CA SER A 3 8.93 -25.40 -6.75
C SER A 3 7.45 -25.05 -6.60
N GLY A 4 7.18 -23.79 -6.23
CA GLY A 4 5.80 -23.35 -6.07
C GLY A 4 5.68 -21.84 -6.13
N SER A 5 4.63 -21.32 -5.48
CA SER A 5 4.40 -19.88 -5.47
C SER A 5 5.16 -19.22 -4.33
N SER A 6 5.72 -18.04 -4.61
CA SER A 6 6.49 -17.30 -3.61
C SER A 6 5.97 -15.88 -3.47
N GLY A 7 5.03 -15.67 -2.55
CA GLY A 7 4.47 -14.36 -2.33
C GLY A 7 3.02 -14.40 -1.93
N GLN A 8 2.72 -14.02 -0.70
CA GLN A 8 1.34 -14.03 -0.20
C GLN A 8 0.49 -13.03 -0.96
N ALA A 9 0.78 -11.74 -0.78
CA ALA A 9 0.03 -10.69 -1.45
C ALA A 9 0.98 -9.70 -2.13
N ASP A 10 0.41 -8.86 -3.01
CA ASP A 10 1.20 -7.88 -3.73
C ASP A 10 0.70 -6.47 -3.44
N ALA A 11 1.50 -5.69 -2.72
CA ALA A 11 1.14 -4.31 -2.38
C ALA A 11 2.01 -3.32 -3.12
N GLY A 12 2.53 -3.72 -4.27
CA GLY A 12 3.38 -2.85 -5.05
C GLY A 12 4.70 -2.55 -4.37
N PRO A 13 5.70 -2.12 -5.16
CA PRO A 13 7.03 -1.81 -4.64
C PRO A 13 7.04 -0.55 -3.79
N ASP A 14 8.23 -0.13 -3.36
CA ASP A 14 8.36 1.06 -2.53
C ASP A 14 7.80 2.29 -3.24
N LYS A 15 7.33 3.25 -2.46
CA LYS A 15 6.76 4.48 -3.02
C LYS A 15 7.47 5.71 -2.45
N GLU A 16 8.03 6.52 -3.34
CA GLU A 16 8.74 7.73 -2.94
C GLU A 16 8.09 8.97 -3.55
N LEU A 17 7.30 9.68 -2.75
CA LEU A 17 6.61 10.88 -3.20
C LEU A 17 7.42 12.12 -2.85
N THR A 18 7.09 13.24 -3.50
CA THR A 18 7.79 14.49 -3.25
C THR A 18 6.78 15.65 -3.11
N LEU A 19 6.64 16.14 -1.89
CA LEU A 19 5.72 17.25 -1.61
C LEU A 19 5.73 18.26 -2.75
N PRO A 20 4.63 19.02 -2.89
CA PRO A 20 3.47 18.89 -2.00
C PRO A 20 2.72 17.58 -2.22
N VAL A 21 3.20 16.77 -3.17
CA VAL A 21 2.57 15.50 -3.48
C VAL A 21 2.55 14.58 -2.26
N ASP A 22 1.56 14.79 -1.39
CA ASP A 22 1.43 13.98 -0.18
C ASP A 22 0.25 13.04 -0.29
N SER A 23 -0.04 12.58 -1.50
CA SER A 23 -1.15 11.67 -1.75
C SER A 23 -0.80 10.66 -2.84
N THR A 24 -1.03 9.38 -2.56
CA THR A 24 -0.75 8.33 -3.51
C THR A 24 -1.62 7.10 -3.26
N THR A 25 -1.91 6.35 -4.32
CA THR A 25 -2.73 5.15 -4.21
C THR A 25 -1.89 3.90 -4.42
N LEU A 26 -2.30 2.81 -3.76
CA LEU A 26 -1.59 1.54 -3.87
C LEU A 26 -2.36 0.56 -4.75
N ASP A 27 -1.79 0.25 -5.90
CA ASP A 27 -2.42 -0.68 -6.85
C ASP A 27 -2.16 -2.12 -6.43
N GLY A 28 -3.15 -2.75 -5.80
CA GLY A 28 -3.00 -4.12 -5.37
C GLY A 28 -3.72 -5.10 -6.28
N SER A 29 -3.91 -4.70 -7.54
CA SER A 29 -4.59 -5.54 -8.51
C SER A 29 -3.70 -6.70 -8.94
N LYS A 30 -2.42 -6.44 -9.09
CA LYS A 30 -1.45 -7.46 -9.49
C LYS A 30 -1.11 -8.37 -8.32
N SER A 31 -2.12 -9.04 -7.78
CA SER A 31 -1.92 -9.94 -6.65
C SER A 31 -1.25 -11.24 -7.10
N SER A 32 -0.97 -12.12 -6.14
CA SER A 32 -0.34 -13.40 -6.45
C SER A 32 -1.08 -14.11 -7.57
N ASP A 33 -0.33 -14.86 -8.38
CA ASP A 33 -0.91 -15.60 -9.50
C ASP A 33 -1.93 -16.62 -8.99
N ASP A 34 -3.19 -16.21 -8.94
CA ASP A 34 -4.26 -17.09 -8.48
C ASP A 34 -5.62 -16.48 -8.78
N GLN A 35 -6.66 -17.31 -8.68
CA GLN A 35 -8.02 -16.85 -8.95
C GLN A 35 -8.29 -15.52 -8.26
N LYS A 36 -9.00 -14.64 -8.95
CA LYS A 36 -9.33 -13.32 -8.42
C LYS A 36 -9.74 -13.42 -6.95
N ILE A 37 -9.36 -12.43 -6.16
CA ILE A 37 -9.69 -12.40 -4.74
C ILE A 37 -10.99 -11.65 -4.49
N ILE A 38 -11.88 -12.26 -3.71
CA ILE A 38 -13.16 -11.66 -3.39
C ILE A 38 -13.09 -10.86 -2.10
N SER A 39 -11.89 -10.36 -1.78
CA SER A 39 -11.69 -9.58 -0.57
C SER A 39 -10.45 -8.70 -0.68
N TYR A 40 -10.58 -7.45 -0.27
CA TYR A 40 -9.47 -6.50 -0.34
C TYR A 40 -9.53 -5.52 0.83
N LEU A 41 -8.43 -5.41 1.57
CA LEU A 41 -8.35 -4.51 2.70
C LEU A 41 -7.06 -3.69 2.66
N TRP A 42 -7.15 -2.44 3.07
CA TRP A 42 -5.98 -1.56 3.09
C TRP A 42 -5.90 -0.79 4.41
N GLU A 43 -4.85 -1.05 5.18
CA GLU A 43 -4.66 -0.38 6.46
C GLU A 43 -3.18 -0.04 6.68
N LYS A 44 -2.94 1.03 7.43
CA LYS A 44 -1.58 1.46 7.71
C LYS A 44 -1.03 0.77 8.95
N THR A 45 -0.03 -0.09 8.75
CA THR A 45 0.57 -0.83 9.86
C THR A 45 1.45 0.09 10.71
N GLN A 46 2.34 0.82 10.05
CA GLN A 46 3.24 1.74 10.75
C GLN A 46 3.15 3.14 10.17
N GLY A 47 3.93 4.06 10.71
CA GLY A 47 3.93 5.43 10.23
C GLY A 47 3.09 6.34 11.10
N PRO A 48 3.21 7.66 10.87
CA PRO A 48 2.45 8.66 11.63
C PRO A 48 0.97 8.64 11.30
N ASP A 49 0.16 8.22 12.27
CA ASP A 49 -1.28 8.15 12.09
C ASP A 49 -1.85 9.51 11.66
N GLY A 50 -2.97 9.49 10.97
CA GLY A 50 -3.59 10.72 10.52
C GLY A 50 -4.10 10.62 9.09
N VAL A 51 -3.25 10.14 8.18
CA VAL A 51 -3.62 10.00 6.79
C VAL A 51 -5.04 9.48 6.64
N GLN A 52 -5.61 9.64 5.44
CA GLN A 52 -6.97 9.18 5.18
C GLN A 52 -7.00 8.20 4.01
N LEU A 53 -7.39 6.97 4.30
CA LEU A 53 -7.46 5.93 3.27
C LEU A 53 -8.85 5.88 2.64
N GLU A 54 -8.90 5.93 1.31
CA GLU A 54 -10.16 5.87 0.59
C GLU A 54 -10.32 4.55 -0.16
N ASN A 55 -11.54 4.01 -0.14
CA ASN A 55 -11.81 2.76 -0.81
C ASN A 55 -10.85 1.66 -0.36
N ALA A 56 -10.39 1.78 0.89
CA ALA A 56 -9.48 0.80 1.45
C ALA A 56 -9.96 -0.63 1.19
N ASN A 57 -11.26 -0.77 0.95
CA ASN A 57 -11.85 -2.08 0.70
C ASN A 57 -11.71 -2.47 -0.77
N SER A 58 -10.70 -1.91 -1.43
CA SER A 58 -10.45 -2.18 -2.84
C SER A 58 -8.95 -2.20 -3.15
N SER A 59 -8.54 -3.14 -3.98
CA SER A 59 -7.13 -3.26 -4.35
C SER A 59 -6.49 -1.90 -4.50
N VAL A 60 -7.27 -0.91 -4.94
CA VAL A 60 -6.78 0.44 -5.11
C VAL A 60 -7.24 1.36 -3.99
N ALA A 61 -6.33 1.69 -3.09
CA ALA A 61 -6.65 2.56 -1.96
C ALA A 61 -5.90 3.88 -2.07
N THR A 62 -6.65 4.98 -2.03
CA THR A 62 -6.05 6.31 -2.12
C THR A 62 -5.78 6.88 -0.74
N VAL A 63 -4.53 7.25 -0.49
CA VAL A 63 -4.14 7.83 0.80
C VAL A 63 -3.71 9.28 0.64
N THR A 64 -4.39 10.16 1.36
CA THR A 64 -4.08 11.59 1.30
C THR A 64 -3.76 12.13 2.69
N GLY A 65 -2.87 13.12 2.75
CA GLY A 65 -2.50 13.71 4.02
C GLY A 65 -1.18 13.18 4.54
N LEU A 66 -0.28 12.84 3.63
CA LEU A 66 1.03 12.30 4.01
C LEU A 66 1.99 13.42 4.39
N GLN A 67 3.12 13.05 4.97
CA GLN A 67 4.12 14.03 5.39
C GLN A 67 5.50 13.39 5.50
N VAL A 68 6.54 14.19 5.25
CA VAL A 68 7.91 13.68 5.32
C VAL A 68 8.08 12.69 6.46
N GLY A 69 7.96 11.41 6.14
CA GLY A 69 8.10 10.38 7.16
C GLY A 69 8.02 8.98 6.57
N THR A 70 7.63 8.02 7.40
CA THR A 70 7.52 6.63 6.96
C THR A 70 6.09 6.14 7.06
N TYR A 71 5.62 5.48 5.99
CA TYR A 71 4.26 4.96 5.96
C TYR A 71 4.25 3.51 5.48
N VAL A 72 3.81 2.60 6.35
CA VAL A 72 3.75 1.19 6.01
C VAL A 72 2.31 0.70 5.97
N PHE A 73 1.87 0.28 4.79
CA PHE A 73 0.51 -0.21 4.61
C PHE A 73 0.51 -1.71 4.31
N THR A 74 -0.30 -2.45 5.07
CA THR A 74 -0.39 -3.89 4.89
C THR A 74 -1.66 -4.28 4.15
N LEU A 75 -1.51 -4.64 2.88
CA LEU A 75 -2.65 -5.02 2.05
C LEU A 75 -3.08 -6.46 2.35
N THR A 76 -4.18 -6.60 3.08
CA THR A 76 -4.70 -7.91 3.44
C THR A 76 -5.74 -8.39 2.44
N VAL A 77 -5.69 -9.66 2.09
CA VAL A 77 -6.64 -10.24 1.14
C VAL A 77 -7.01 -11.66 1.54
N LYS A 78 -8.13 -12.14 1.00
CA LYS A 78 -8.59 -13.49 1.30
C LYS A 78 -9.22 -14.13 0.06
N ASP A 79 -8.57 -15.17 -0.45
CA ASP A 79 -9.06 -15.87 -1.63
C ASP A 79 -10.31 -16.68 -1.31
N GLU A 80 -10.83 -17.39 -2.30
CA GLU A 80 -12.02 -18.21 -2.12
C GLU A 80 -11.85 -19.19 -0.98
N ARG A 81 -10.61 -19.67 -0.81
CA ARG A 81 -10.31 -20.63 0.25
C ARG A 81 -10.01 -19.91 1.57
N ASN A 82 -10.67 -18.78 1.77
CA ASN A 82 -10.48 -18.00 2.99
C ASN A 82 -9.01 -17.96 3.38
N LEU A 83 -8.13 -18.10 2.40
CA LEU A 83 -6.69 -18.09 2.64
C LEU A 83 -6.23 -16.70 3.09
N GLN A 84 -5.52 -16.65 4.20
CA GLN A 84 -5.03 -15.39 4.73
C GLN A 84 -3.67 -15.04 4.12
N SER A 85 -3.59 -13.86 3.52
CA SER A 85 -2.35 -13.41 2.89
C SER A 85 -2.33 -11.88 2.79
N GLN A 86 -1.30 -11.28 3.37
CA GLN A 86 -1.16 -9.82 3.35
C GLN A 86 0.25 -9.42 2.93
N SER A 87 0.38 -8.22 2.38
CA SER A 87 1.68 -7.72 1.94
C SER A 87 1.89 -6.28 2.40
N SER A 88 3.06 -6.00 2.96
CA SER A 88 3.38 -4.67 3.44
C SER A 88 4.27 -3.93 2.43
N VAL A 89 4.05 -2.62 2.32
CA VAL A 89 4.82 -1.80 1.39
C VAL A 89 5.36 -0.56 2.09
N ASN A 90 6.60 -0.19 1.76
CA ASN A 90 7.23 0.99 2.35
C ASN A 90 6.96 2.23 1.51
N VAL A 91 6.35 3.24 2.12
CA VAL A 91 6.04 4.48 1.43
C VAL A 91 6.76 5.67 2.07
N ILE A 92 7.81 6.15 1.40
CA ILE A 92 8.58 7.28 1.91
C ILE A 92 8.14 8.58 1.24
N VAL A 93 8.20 9.67 2.01
CA VAL A 93 7.80 10.97 1.50
C VAL A 93 8.98 11.95 1.54
N LYS A 94 9.14 12.72 0.47
CA LYS A 94 10.22 13.69 0.37
C LYS A 94 9.67 15.09 0.15
N GLU A 95 10.57 16.08 0.11
CA GLU A 95 10.16 17.46 -0.10
C GLU A 95 10.26 17.83 -1.59
N GLU A 96 9.38 18.73 -2.02
CA GLU A 96 9.36 19.17 -3.41
C GLU A 96 10.78 19.40 -3.92
N SER A 97 10.95 19.30 -5.24
CA SER A 97 12.25 19.48 -5.86
C SER A 97 12.12 19.67 -7.37
N GLY A 98 13.16 20.22 -7.98
CA GLY A 98 13.14 20.46 -9.41
C GLY A 98 14.51 20.80 -9.97
N PRO A 99 14.68 20.65 -11.29
CA PRO A 99 15.94 20.94 -11.96
C PRO A 99 16.24 22.43 -12.01
N SER A 100 15.25 23.24 -11.65
CA SER A 100 15.41 24.70 -11.66
C SER A 100 16.45 25.12 -10.62
N SER A 101 17.33 26.03 -11.02
CA SER A 101 18.38 26.52 -10.13
C SER A 101 19.18 25.37 -9.53
N GLY A 102 19.51 24.39 -10.38
CA GLY A 102 20.27 23.24 -9.92
C GLY A 102 21.43 22.92 -10.83
N GLY A 1 4.71 -27.45 6.03
CA GLY A 1 5.16 -27.38 4.65
C GLY A 1 6.61 -26.98 4.53
N SER A 2 7.37 -27.70 3.70
CA SER A 2 8.78 -27.42 3.50
C SER A 2 8.98 -26.41 2.37
N SER A 3 7.88 -26.05 1.71
CA SER A 3 7.94 -25.10 0.61
C SER A 3 6.58 -24.45 0.38
N GLY A 4 6.53 -23.50 -0.54
CA GLY A 4 5.28 -22.82 -0.85
C GLY A 4 5.35 -21.33 -0.55
N SER A 5 5.71 -20.54 -1.56
CA SER A 5 5.81 -19.09 -1.39
C SER A 5 4.55 -18.53 -0.74
N SER A 6 4.60 -18.36 0.59
CA SER A 6 3.46 -17.83 1.33
C SER A 6 3.36 -16.33 1.17
N GLY A 7 2.13 -15.81 1.18
CA GLY A 7 1.92 -14.40 1.04
C GLY A 7 1.46 -14.02 -0.37
N GLN A 8 0.15 -13.89 -0.55
CA GLN A 8 -0.40 -13.54 -1.85
C GLN A 8 -1.22 -12.25 -1.76
N ALA A 9 -0.61 -11.20 -1.22
CA ALA A 9 -1.28 -9.91 -1.07
C ALA A 9 -0.42 -8.79 -1.64
N ASP A 10 0.22 -9.04 -2.77
CA ASP A 10 1.07 -8.05 -3.41
C ASP A 10 0.51 -6.64 -3.22
N ALA A 11 1.13 -5.89 -2.32
CA ALA A 11 0.70 -4.53 -2.03
C ALA A 11 1.23 -3.55 -3.08
N GLY A 12 2.45 -3.80 -3.55
CA GLY A 12 3.06 -2.93 -4.53
C GLY A 12 4.50 -2.61 -4.22
N PRO A 13 5.24 -2.14 -5.23
CA PRO A 13 6.67 -1.78 -5.09
C PRO A 13 6.86 -0.54 -4.24
N ASP A 14 8.07 -0.39 -3.70
CA ASP A 14 8.39 0.75 -2.86
C ASP A 14 7.71 2.02 -3.38
N LYS A 15 7.19 2.83 -2.47
CA LYS A 15 6.52 4.06 -2.84
C LYS A 15 7.36 5.28 -2.46
N GLU A 16 7.64 6.13 -3.44
CA GLU A 16 8.44 7.33 -3.19
C GLU A 16 7.74 8.57 -3.74
N LEU A 17 7.14 9.34 -2.84
CA LEU A 17 6.43 10.56 -3.23
C LEU A 17 7.26 11.80 -2.89
N THR A 18 7.04 12.87 -3.66
CA THR A 18 7.76 14.12 -3.44
C THR A 18 6.82 15.31 -3.52
N LEU A 19 6.71 16.05 -2.41
CA LEU A 19 5.83 17.22 -2.37
C LEU A 19 5.93 18.02 -3.67
N PRO A 20 4.89 18.82 -3.94
CA PRO A 20 3.73 18.94 -3.06
C PRO A 20 2.87 17.68 -3.05
N VAL A 21 3.20 16.75 -3.94
CA VAL A 21 2.46 15.49 -4.02
C VAL A 21 2.25 14.87 -2.65
N ASP A 22 1.13 15.20 -2.02
CA ASP A 22 0.81 14.66 -0.69
C ASP A 22 -0.27 13.60 -0.78
N SER A 23 -0.20 12.77 -1.81
CA SER A 23 -1.19 11.71 -2.01
C SER A 23 -0.62 10.61 -2.91
N THR A 24 -1.02 9.38 -2.63
CA THR A 24 -0.56 8.23 -3.41
C THR A 24 -1.66 7.19 -3.54
N THR A 25 -1.42 6.20 -4.41
CA THR A 25 -2.39 5.14 -4.63
C THR A 25 -1.75 3.75 -4.46
N LEU A 26 -2.39 2.91 -3.66
CA LEU A 26 -1.88 1.57 -3.41
C LEU A 26 -2.84 0.51 -3.95
N ASP A 27 -2.64 0.12 -5.20
CA ASP A 27 -3.49 -0.88 -5.84
C ASP A 27 -2.81 -2.24 -5.82
N GLY A 28 -3.57 -3.27 -5.42
CA GLY A 28 -3.03 -4.62 -5.37
C GLY A 28 -3.58 -5.51 -6.46
N SER A 29 -3.90 -4.90 -7.60
CA SER A 29 -4.44 -5.65 -8.73
C SER A 29 -3.42 -6.67 -9.25
N LYS A 30 -2.15 -6.32 -9.12
CA LYS A 30 -1.07 -7.20 -9.58
C LYS A 30 -0.76 -8.26 -8.53
N SER A 31 -1.80 -8.93 -8.04
CA SER A 31 -1.64 -9.97 -7.03
C SER A 31 -1.10 -11.25 -7.66
N SER A 32 -0.75 -12.22 -6.81
CA SER A 32 -0.21 -13.48 -7.27
C SER A 32 -0.88 -13.90 -8.59
N ASP A 33 -0.12 -14.61 -9.42
CA ASP A 33 -0.63 -15.07 -10.71
C ASP A 33 -2.11 -15.43 -10.61
N ASP A 34 -2.45 -16.26 -9.62
CA ASP A 34 -3.83 -16.69 -9.41
C ASP A 34 -4.77 -15.49 -9.44
N GLN A 35 -5.99 -15.71 -9.91
CA GLN A 35 -6.99 -14.65 -9.99
C GLN A 35 -8.27 -15.05 -9.26
N LYS A 36 -8.12 -15.58 -8.06
CA LYS A 36 -9.26 -16.02 -7.26
C LYS A 36 -9.44 -15.13 -6.03
N ILE A 37 -8.99 -13.88 -6.14
CA ILE A 37 -9.10 -12.93 -5.05
C ILE A 37 -10.46 -12.26 -5.04
N ILE A 38 -11.12 -12.29 -3.88
CA ILE A 38 -12.44 -11.67 -3.73
C ILE A 38 -12.51 -10.79 -2.49
N SER A 39 -11.33 -10.37 -2.01
CA SER A 39 -11.26 -9.53 -0.83
C SER A 39 -10.05 -8.62 -0.89
N TYR A 40 -10.20 -7.40 -0.37
CA TYR A 40 -9.12 -6.43 -0.36
C TYR A 40 -9.22 -5.50 0.84
N LEU A 41 -8.10 -5.31 1.53
CA LEU A 41 -8.06 -4.45 2.71
C LEU A 41 -6.76 -3.63 2.74
N TRP A 42 -6.87 -2.39 3.19
CA TRP A 42 -5.71 -1.51 3.28
C TRP A 42 -5.68 -0.77 4.62
N GLU A 43 -4.64 -1.02 5.41
CA GLU A 43 -4.50 -0.38 6.70
C GLU A 43 -3.03 -0.06 7.00
N LYS A 44 -2.80 1.09 7.62
CA LYS A 44 -1.45 1.52 7.96
C LYS A 44 -0.96 0.84 9.23
N THR A 45 0.03 -0.03 9.10
CA THR A 45 0.58 -0.74 10.24
C THR A 45 1.49 0.16 11.07
N GLN A 46 2.23 1.03 10.38
CA GLN A 46 3.14 1.94 11.06
C GLN A 46 3.08 3.33 10.43
N GLY A 47 3.69 4.31 11.09
CA GLY A 47 3.69 5.66 10.58
C GLY A 47 2.91 6.61 11.47
N PRO A 48 3.05 7.92 11.20
CA PRO A 48 2.35 8.96 11.96
C PRO A 48 0.85 8.97 11.72
N ASP A 49 0.08 8.64 12.74
CA ASP A 49 -1.38 8.61 12.65
C ASP A 49 -1.92 9.97 12.23
N GLY A 50 -2.64 10.01 11.12
CA GLY A 50 -3.20 11.25 10.64
C GLY A 50 -3.74 11.14 9.23
N VAL A 51 -2.94 10.57 8.33
CA VAL A 51 -3.35 10.39 6.94
C VAL A 51 -4.74 9.81 6.84
N GLN A 52 -5.33 9.90 5.65
CA GLN A 52 -6.68 9.38 5.43
C GLN A 52 -6.69 8.38 4.27
N LEU A 53 -7.18 7.17 4.55
CA LEU A 53 -7.25 6.13 3.53
C LEU A 53 -8.65 6.04 2.93
N GLU A 54 -8.72 6.02 1.61
CA GLU A 54 -9.99 5.95 0.90
C GLU A 54 -10.08 4.66 0.08
N ASN A 55 -11.26 4.04 0.09
CA ASN A 55 -11.48 2.81 -0.65
C ASN A 55 -10.55 1.70 -0.15
N ALA A 56 -10.28 1.70 1.15
CA ALA A 56 -9.41 0.71 1.75
C ALA A 56 -9.98 -0.70 1.57
N ASN A 57 -11.30 -0.79 1.46
CA ASN A 57 -11.97 -2.07 1.27
C ASN A 57 -12.02 -2.46 -0.20
N SER A 58 -11.17 -1.83 -1.00
CA SER A 58 -11.12 -2.10 -2.44
C SER A 58 -9.69 -2.36 -2.89
N SER A 59 -9.54 -3.24 -3.87
CA SER A 59 -8.22 -3.58 -4.40
C SER A 59 -7.35 -2.33 -4.52
N VAL A 60 -7.99 -1.20 -4.78
CA VAL A 60 -7.27 0.07 -4.92
C VAL A 60 -7.59 1.01 -3.77
N ALA A 61 -6.56 1.57 -3.15
CA ALA A 61 -6.73 2.49 -2.03
C ALA A 61 -5.97 3.79 -2.27
N THR A 62 -6.33 4.83 -1.54
CA THR A 62 -5.68 6.13 -1.67
C THR A 62 -5.43 6.76 -0.31
N VAL A 63 -4.20 7.24 -0.09
CA VAL A 63 -3.83 7.87 1.17
C VAL A 63 -3.56 9.35 0.99
N THR A 64 -4.33 10.19 1.68
CA THR A 64 -4.16 11.63 1.59
C THR A 64 -3.61 12.20 2.88
N GLY A 65 -3.09 13.42 2.82
CA GLY A 65 -2.53 14.06 4.00
C GLY A 65 -1.18 13.51 4.37
N LEU A 66 -0.37 13.20 3.37
CA LEU A 66 0.97 12.65 3.59
C LEU A 66 1.98 13.78 3.79
N GLN A 67 3.11 13.44 4.42
CA GLN A 67 4.16 14.41 4.67
C GLN A 67 5.49 13.72 4.96
N VAL A 68 6.57 14.49 4.95
CA VAL A 68 7.90 13.95 5.21
C VAL A 68 7.87 12.96 6.37
N GLY A 69 8.06 11.68 6.05
CA GLY A 69 8.04 10.65 7.08
C GLY A 69 7.91 9.26 6.50
N THR A 70 7.61 8.29 7.36
CA THR A 70 7.46 6.90 6.93
C THR A 70 6.02 6.42 7.13
N TYR A 71 5.57 5.54 6.26
CA TYR A 71 4.22 5.00 6.33
C TYR A 71 4.17 3.57 5.81
N VAL A 72 3.82 2.63 6.69
CA VAL A 72 3.75 1.22 6.32
C VAL A 72 2.30 0.78 6.18
N PHE A 73 1.89 0.51 4.93
CA PHE A 73 0.52 0.08 4.66
C PHE A 73 0.48 -1.40 4.32
N THR A 74 -0.15 -2.20 5.19
CA THR A 74 -0.26 -3.63 4.98
C THR A 74 -1.63 -4.01 4.42
N LEU A 75 -1.62 -4.77 3.33
CA LEU A 75 -2.87 -5.20 2.70
C LEU A 75 -3.07 -6.70 2.86
N THR A 76 -4.31 -7.11 3.08
CA THR A 76 -4.65 -8.52 3.25
C THR A 76 -5.80 -8.93 2.34
N VAL A 77 -5.57 -9.97 1.54
CA VAL A 77 -6.59 -10.46 0.62
C VAL A 77 -6.95 -11.91 0.93
N LYS A 78 -8.06 -12.37 0.35
CA LYS A 78 -8.52 -13.74 0.56
C LYS A 78 -8.95 -14.38 -0.75
N ASP A 79 -8.57 -15.63 -0.94
CA ASP A 79 -8.92 -16.37 -2.15
C ASP A 79 -10.12 -17.29 -1.91
N GLU A 80 -10.51 -18.02 -2.95
CA GLU A 80 -11.65 -18.93 -2.85
C GLU A 80 -11.48 -19.87 -1.67
N ARG A 81 -10.23 -20.26 -1.39
CA ARG A 81 -9.94 -21.15 -0.28
C ARG A 81 -9.82 -20.38 1.03
N ASN A 82 -10.32 -19.15 1.04
CA ASN A 82 -10.26 -18.31 2.23
C ASN A 82 -8.83 -18.16 2.72
N LEU A 83 -7.87 -18.27 1.81
CA LEU A 83 -6.46 -18.14 2.15
C LEU A 83 -6.14 -16.75 2.67
N GLN A 84 -5.63 -16.68 3.89
CA GLN A 84 -5.29 -15.40 4.50
C GLN A 84 -3.85 -15.02 4.18
N SER A 85 -3.68 -13.89 3.50
CA SER A 85 -2.36 -13.42 3.12
C SER A 85 -2.03 -12.10 3.82
N GLN A 86 -0.87 -11.54 3.51
CA GLN A 86 -0.43 -10.28 4.11
C GLN A 86 0.81 -9.74 3.41
N SER A 87 0.87 -8.42 3.25
CA SER A 87 1.99 -7.78 2.59
C SER A 87 2.07 -6.29 2.95
N SER A 88 3.26 -5.86 3.35
CA SER A 88 3.46 -4.45 3.73
C SER A 88 4.29 -3.73 2.69
N VAL A 89 4.11 -2.42 2.61
CA VAL A 89 4.85 -1.59 1.65
C VAL A 89 5.51 -0.40 2.34
N ASN A 90 6.61 0.07 1.76
CA ASN A 90 7.34 1.20 2.32
C ASN A 90 7.03 2.49 1.55
N VAL A 91 6.30 3.40 2.19
CA VAL A 91 5.94 4.66 1.56
C VAL A 91 6.75 5.82 2.15
N ILE A 92 7.73 6.29 1.39
CA ILE A 92 8.58 7.39 1.82
C ILE A 92 8.15 8.70 1.18
N VAL A 93 8.16 9.77 1.97
CA VAL A 93 7.77 11.09 1.48
C VAL A 93 8.93 12.08 1.59
N LYS A 94 9.44 12.51 0.45
CA LYS A 94 10.54 13.45 0.42
C LYS A 94 10.07 14.84 0.01
N GLU A 95 10.86 15.86 0.34
CA GLU A 95 10.51 17.24 0.01
C GLU A 95 10.95 17.59 -1.41
N GLU A 96 10.25 18.53 -2.03
CA GLU A 96 10.58 18.96 -3.38
C GLU A 96 12.06 19.32 -3.50
N SER A 97 12.81 18.50 -4.22
CA SER A 97 14.23 18.73 -4.42
C SER A 97 14.48 20.08 -5.08
N GLY A 98 15.01 21.03 -4.30
CA GLY A 98 15.28 22.34 -4.82
C GLY A 98 16.59 22.41 -5.60
N PRO A 99 16.62 23.24 -6.65
CA PRO A 99 17.81 23.40 -7.49
C PRO A 99 18.94 24.11 -6.76
N SER A 100 18.62 24.74 -5.63
CA SER A 100 19.62 25.45 -4.85
C SER A 100 19.54 25.05 -3.38
N SER A 101 20.57 25.41 -2.62
CA SER A 101 20.63 25.08 -1.19
C SER A 101 20.91 26.32 -0.36
N GLY A 102 20.14 26.50 0.70
CA GLY A 102 20.32 27.66 1.57
C GLY A 102 19.01 28.24 2.05
N GLY A 1 2.20 -22.00 9.00
CA GLY A 1 2.25 -21.21 7.77
C GLY A 1 2.34 -22.08 6.53
N SER A 2 1.55 -21.75 5.52
CA SER A 2 1.55 -22.50 4.28
C SER A 2 2.97 -22.89 3.86
N SER A 3 3.09 -24.00 3.15
CA SER A 3 4.40 -24.48 2.70
C SER A 3 5.03 -23.47 1.74
N GLY A 4 4.27 -23.04 0.75
CA GLY A 4 4.77 -22.09 -0.23
C GLY A 4 4.01 -20.78 -0.21
N SER A 5 3.91 -20.13 -1.37
CA SER A 5 3.21 -18.87 -1.47
C SER A 5 2.12 -18.93 -2.54
N SER A 6 2.46 -19.52 -3.68
CA SER A 6 1.50 -19.66 -4.79
C SER A 6 0.77 -18.34 -5.02
N GLY A 7 1.52 -17.26 -5.13
CA GLY A 7 0.92 -15.96 -5.36
C GLY A 7 0.28 -15.39 -4.11
N GLN A 8 0.75 -14.22 -3.68
CA GLN A 8 0.23 -13.57 -2.49
C GLN A 8 0.01 -12.08 -2.73
N ALA A 9 -0.84 -11.47 -1.92
CA ALA A 9 -1.14 -10.05 -2.05
C ALA A 9 0.10 -9.27 -2.48
N ASP A 10 -0.11 -8.24 -3.29
CA ASP A 10 1.00 -7.42 -3.78
C ASP A 10 0.79 -5.96 -3.41
N ALA A 11 1.56 -5.49 -2.44
CA ALA A 11 1.46 -4.10 -1.99
C ALA A 11 2.39 -3.19 -2.80
N GLY A 12 2.67 -3.60 -4.03
CA GLY A 12 3.53 -2.81 -4.89
C GLY A 12 4.90 -2.57 -4.27
N PRO A 13 5.88 -2.17 -5.10
CA PRO A 13 7.24 -1.90 -4.65
C PRO A 13 7.33 -0.64 -3.80
N ASP A 14 8.52 -0.36 -3.29
CA ASP A 14 8.74 0.82 -2.46
C ASP A 14 8.04 2.04 -3.05
N LYS A 15 7.42 2.84 -2.18
CA LYS A 15 6.72 4.04 -2.62
C LYS A 15 7.45 5.29 -2.17
N GLU A 16 7.80 6.15 -3.12
CA GLU A 16 8.51 7.39 -2.82
C GLU A 16 7.74 8.60 -3.36
N LEU A 17 7.42 9.53 -2.48
CA LEU A 17 6.69 10.73 -2.87
C LEU A 17 7.44 11.99 -2.44
N THR A 18 7.20 13.09 -3.15
CA THR A 18 7.85 14.36 -2.84
C THR A 18 6.88 15.52 -2.94
N LEU A 19 6.74 16.26 -1.86
CA LEU A 19 5.84 17.41 -1.83
C LEU A 19 5.99 18.26 -3.09
N PRO A 20 4.93 19.02 -3.42
CA PRO A 20 3.69 19.03 -2.64
C PRO A 20 2.91 17.73 -2.75
N VAL A 21 3.37 16.85 -3.64
CA VAL A 21 2.72 15.55 -3.83
C VAL A 21 2.42 14.88 -2.50
N ASP A 22 1.20 15.05 -2.02
CA ASP A 22 0.78 14.45 -0.75
C ASP A 22 -0.33 13.44 -0.97
N SER A 23 -0.28 12.74 -2.10
CA SER A 23 -1.27 11.73 -2.43
C SER A 23 -0.67 10.62 -3.30
N THR A 24 -0.97 9.38 -2.95
CA THR A 24 -0.46 8.24 -3.70
C THR A 24 -1.53 7.15 -3.84
N THR A 25 -1.22 6.13 -4.62
CA THR A 25 -2.16 5.03 -4.85
C THR A 25 -1.46 3.68 -4.68
N LEU A 26 -2.07 2.81 -3.87
CA LEU A 26 -1.51 1.48 -3.63
C LEU A 26 -2.34 0.40 -4.32
N ASP A 27 -2.02 0.13 -5.58
CA ASP A 27 -2.74 -0.88 -6.35
C ASP A 27 -2.25 -2.27 -6.00
N GLY A 28 -3.17 -3.16 -5.62
CA GLY A 28 -2.81 -4.52 -5.26
C GLY A 28 -3.71 -5.54 -5.92
N SER A 29 -4.21 -5.22 -7.11
CA SER A 29 -5.09 -6.12 -7.85
C SER A 29 -4.33 -7.37 -8.30
N LYS A 30 -3.01 -7.28 -8.29
CA LYS A 30 -2.17 -8.40 -8.70
C LYS A 30 -1.81 -9.28 -7.52
N SER A 31 -2.74 -9.40 -6.57
CA SER A 31 -2.51 -10.21 -5.38
C SER A 31 -2.14 -11.65 -5.75
N SER A 32 -2.88 -12.21 -6.71
CA SER A 32 -2.63 -13.58 -7.16
C SER A 32 -3.53 -13.92 -8.35
N ASP A 33 -2.98 -14.71 -9.27
CA ASP A 33 -3.73 -15.12 -10.46
C ASP A 33 -4.30 -16.52 -10.29
N ASP A 34 -3.56 -17.37 -9.58
CA ASP A 34 -3.98 -18.74 -9.34
C ASP A 34 -5.46 -18.80 -9.00
N GLN A 35 -5.85 -18.08 -7.97
CA GLN A 35 -7.25 -18.05 -7.53
C GLN A 35 -7.80 -16.63 -7.57
N LYS A 36 -9.10 -16.51 -7.83
CA LYS A 36 -9.75 -15.21 -7.90
C LYS A 36 -9.93 -14.61 -6.51
N ILE A 37 -9.26 -13.49 -6.26
CA ILE A 37 -9.35 -12.82 -4.97
C ILE A 37 -10.73 -12.20 -4.76
N ILE A 38 -11.25 -12.31 -3.55
CA ILE A 38 -12.55 -11.76 -3.22
C ILE A 38 -12.49 -10.92 -1.94
N SER A 39 -11.30 -10.46 -1.60
CA SER A 39 -11.11 -9.65 -0.40
C SER A 39 -10.00 -8.61 -0.62
N TYR A 40 -10.26 -7.39 -0.17
CA TYR A 40 -9.28 -6.31 -0.32
C TYR A 40 -9.39 -5.33 0.84
N LEU A 41 -8.31 -5.20 1.60
CA LEU A 41 -8.28 -4.30 2.75
C LEU A 41 -6.96 -3.52 2.79
N TRP A 42 -7.03 -2.28 3.24
CA TRP A 42 -5.84 -1.44 3.34
C TRP A 42 -5.84 -0.65 4.64
N GLU A 43 -4.85 -0.92 5.49
CA GLU A 43 -4.74 -0.24 6.77
C GLU A 43 -3.29 0.10 7.09
N LYS A 44 -3.06 1.27 7.67
CA LYS A 44 -1.72 1.70 8.03
C LYS A 44 -1.25 1.04 9.31
N THR A 45 -0.21 0.22 9.21
CA THR A 45 0.33 -0.48 10.37
C THR A 45 1.21 0.44 11.21
N GLN A 46 2.11 1.17 10.55
CA GLN A 46 3.00 2.09 11.23
C GLN A 46 2.95 3.47 10.59
N GLY A 47 3.64 4.42 11.21
CA GLY A 47 3.67 5.78 10.69
C GLY A 47 2.80 6.72 11.50
N PRO A 48 2.93 8.04 11.22
CA PRO A 48 2.16 9.08 11.92
C PRO A 48 0.68 9.04 11.56
N ASP A 49 -0.15 8.68 12.52
CA ASP A 49 -1.59 8.60 12.31
C ASP A 49 -2.15 9.98 11.92
N GLY A 50 -2.83 10.03 10.79
CA GLY A 50 -3.40 11.28 10.33
C GLY A 50 -3.87 11.22 8.88
N VAL A 51 -3.07 10.56 8.04
CA VAL A 51 -3.39 10.44 6.63
C VAL A 51 -4.81 9.91 6.44
N GLN A 52 -5.32 10.00 5.22
CA GLN A 52 -6.66 9.54 4.90
C GLN A 52 -6.63 8.46 3.83
N LEU A 53 -7.10 7.27 4.17
CA LEU A 53 -7.13 6.14 3.23
C LEU A 53 -8.51 6.00 2.60
N GLU A 54 -8.57 6.09 1.28
CA GLU A 54 -9.82 5.96 0.55
C GLU A 54 -9.89 4.63 -0.21
N ASN A 55 -11.10 4.11 -0.37
CA ASN A 55 -11.29 2.85 -1.08
C ASN A 55 -10.48 1.74 -0.44
N ALA A 56 -10.21 1.88 0.85
CA ALA A 56 -9.45 0.88 1.59
C ALA A 56 -9.96 -0.53 1.30
N ASN A 57 -11.27 -0.64 1.10
CA ASN A 57 -11.89 -1.94 0.82
C ASN A 57 -11.80 -2.27 -0.67
N SER A 58 -10.72 -1.81 -1.30
CA SER A 58 -10.51 -2.06 -2.73
C SER A 58 -9.06 -2.44 -3.01
N SER A 59 -8.85 -3.18 -4.09
CA SER A 59 -7.51 -3.62 -4.47
C SER A 59 -6.55 -2.43 -4.55
N VAL A 60 -7.09 -1.27 -4.89
CA VAL A 60 -6.29 -0.05 -5.00
C VAL A 60 -6.76 1.01 -4.02
N ALA A 61 -5.91 1.34 -3.06
CA ALA A 61 -6.23 2.35 -2.05
C ALA A 61 -5.52 3.66 -2.35
N THR A 62 -5.97 4.73 -1.70
CA THR A 62 -5.38 6.04 -1.89
C THR A 62 -5.17 6.75 -0.56
N VAL A 63 -3.92 7.14 -0.29
CA VAL A 63 -3.58 7.83 0.95
C VAL A 63 -3.37 9.31 0.72
N THR A 64 -4.21 10.14 1.32
CA THR A 64 -4.11 11.59 1.18
C THR A 64 -3.67 12.24 2.48
N GLY A 65 -3.07 13.42 2.37
CA GLY A 65 -2.62 14.14 3.55
C GLY A 65 -1.35 13.55 4.13
N LEU A 66 -0.34 13.38 3.29
CA LEU A 66 0.94 12.81 3.72
C LEU A 66 1.92 13.92 4.09
N GLN A 67 3.06 13.52 4.64
CA GLN A 67 4.09 14.48 5.04
C GLN A 67 5.41 13.78 5.32
N VAL A 68 6.51 14.51 5.16
CA VAL A 68 7.84 13.96 5.39
C VAL A 68 7.83 12.97 6.55
N GLY A 69 7.69 11.70 6.23
CA GLY A 69 7.66 10.67 7.27
C GLY A 69 7.58 9.27 6.70
N THR A 70 7.49 8.28 7.57
CA THR A 70 7.42 6.89 7.15
C THR A 70 6.04 6.31 7.39
N TYR A 71 5.43 5.75 6.34
CA TYR A 71 4.11 5.17 6.45
C TYR A 71 4.11 3.73 5.96
N VAL A 72 3.77 2.80 6.85
CA VAL A 72 3.73 1.38 6.52
C VAL A 72 2.29 0.89 6.41
N PHE A 73 1.86 0.62 5.18
CA PHE A 73 0.51 0.14 4.94
C PHE A 73 0.51 -1.35 4.59
N THR A 74 -0.30 -2.12 5.30
CA THR A 74 -0.38 -3.56 5.07
C THR A 74 -1.63 -3.92 4.27
N LEU A 75 -1.45 -4.79 3.28
CA LEU A 75 -2.56 -5.21 2.44
C LEU A 75 -2.95 -6.66 2.72
N THR A 76 -4.08 -6.83 3.41
CA THR A 76 -4.56 -8.17 3.76
C THR A 76 -5.68 -8.61 2.81
N VAL A 77 -5.40 -9.63 2.02
CA VAL A 77 -6.38 -10.15 1.07
C VAL A 77 -6.61 -11.64 1.29
N LYS A 78 -7.57 -12.20 0.54
CA LYS A 78 -7.89 -13.61 0.65
C LYS A 78 -8.36 -14.18 -0.68
N ASP A 79 -8.21 -15.48 -0.87
CA ASP A 79 -8.62 -16.13 -2.10
C ASP A 79 -9.77 -17.10 -1.84
N GLU A 80 -10.31 -17.66 -2.92
CA GLU A 80 -11.43 -18.61 -2.80
C GLU A 80 -11.12 -19.68 -1.77
N ARG A 81 -9.84 -20.02 -1.63
CA ARG A 81 -9.41 -21.03 -0.68
C ARG A 81 -9.22 -20.43 0.72
N ASN A 82 -9.92 -19.33 0.97
CA ASN A 82 -9.83 -18.65 2.26
C ASN A 82 -8.38 -18.53 2.71
N LEU A 83 -7.47 -18.38 1.74
CA LEU A 83 -6.05 -18.25 2.04
C LEU A 83 -5.72 -16.84 2.55
N GLN A 84 -5.19 -16.77 3.76
CA GLN A 84 -4.84 -15.49 4.36
C GLN A 84 -3.43 -15.07 3.95
N SER A 85 -3.28 -13.80 3.57
CA SER A 85 -1.98 -13.28 3.15
C SER A 85 -1.72 -11.92 3.77
N GLN A 86 -0.57 -11.33 3.42
CA GLN A 86 -0.21 -10.02 3.94
C GLN A 86 0.95 -9.42 3.16
N SER A 87 0.91 -8.11 2.95
CA SER A 87 1.95 -7.42 2.20
C SER A 87 2.01 -5.95 2.59
N SER A 88 3.14 -5.55 3.20
CA SER A 88 3.32 -4.17 3.64
C SER A 88 4.19 -3.40 2.65
N VAL A 89 3.98 -2.09 2.57
CA VAL A 89 4.75 -1.25 1.67
C VAL A 89 5.33 -0.04 2.40
N ASN A 90 6.57 0.30 2.08
CA ASN A 90 7.23 1.44 2.71
C ASN A 90 7.03 2.71 1.89
N VAL A 91 6.23 3.63 2.41
CA VAL A 91 5.95 4.88 1.72
C VAL A 91 6.77 6.01 2.32
N ILE A 92 7.80 6.43 1.58
CA ILE A 92 8.67 7.52 2.03
C ILE A 92 8.29 8.83 1.36
N VAL A 93 8.29 9.91 2.13
CA VAL A 93 7.95 11.22 1.62
C VAL A 93 9.09 12.21 1.84
N LYS A 94 9.46 12.93 0.79
CA LYS A 94 10.54 13.91 0.87
C LYS A 94 10.02 15.32 0.57
N GLU A 95 10.84 16.32 0.88
CA GLU A 95 10.46 17.71 0.65
C GLU A 95 10.82 18.14 -0.78
N GLU A 96 10.17 19.20 -1.24
CA GLU A 96 10.43 19.70 -2.59
C GLU A 96 11.86 20.22 -2.71
N SER A 97 12.38 20.21 -3.93
CA SER A 97 13.75 20.67 -4.19
C SER A 97 13.73 21.92 -5.06
N GLY A 98 13.72 23.08 -4.41
CA GLY A 98 13.71 24.34 -5.14
C GLY A 98 14.84 25.26 -4.72
N PRO A 99 14.66 26.57 -4.97
CA PRO A 99 15.67 27.57 -4.63
C PRO A 99 15.78 27.79 -3.12
N SER A 100 16.65 28.72 -2.72
CA SER A 100 16.85 29.01 -1.31
C SER A 100 16.65 30.50 -1.03
N SER A 101 17.38 31.33 -1.77
CA SER A 101 17.28 32.78 -1.60
C SER A 101 15.92 33.29 -2.06
N GLY A 102 15.50 32.86 -3.25
CA GLY A 102 14.22 33.29 -3.78
C GLY A 102 14.08 32.98 -5.26
N GLY A 1 7.26 -20.39 -5.77
CA GLY A 1 8.40 -20.08 -4.92
C GLY A 1 8.31 -20.78 -3.57
N SER A 2 9.46 -20.95 -2.93
CA SER A 2 9.52 -21.62 -1.64
C SER A 2 8.72 -20.85 -0.59
N SER A 3 8.39 -21.51 0.51
CA SER A 3 7.62 -20.89 1.58
C SER A 3 8.44 -19.81 2.29
N GLY A 4 7.77 -18.98 3.08
CA GLY A 4 8.46 -17.93 3.79
C GLY A 4 8.16 -16.55 3.22
N SER A 5 8.59 -16.33 1.98
CA SER A 5 8.38 -15.04 1.33
C SER A 5 6.92 -14.89 0.90
N SER A 6 6.46 -13.65 0.83
CA SER A 6 5.08 -13.36 0.43
C SER A 6 4.85 -13.74 -1.03
N GLY A 7 3.60 -14.05 -1.36
CA GLY A 7 3.27 -14.43 -2.73
C GLY A 7 1.80 -14.24 -3.04
N GLN A 8 0.95 -14.55 -2.07
CA GLN A 8 -0.50 -14.41 -2.24
C GLN A 8 -0.89 -12.95 -2.36
N ALA A 9 -0.23 -12.10 -1.58
CA ALA A 9 -0.51 -10.67 -1.59
C ALA A 9 0.68 -9.88 -2.11
N ASP A 10 0.43 -9.00 -3.06
CA ASP A 10 1.49 -8.17 -3.64
C ASP A 10 1.16 -6.69 -3.53
N ALA A 11 1.44 -6.11 -2.37
CA ALA A 11 1.17 -4.70 -2.13
C ALA A 11 1.90 -3.82 -3.14
N GLY A 12 3.08 -4.28 -3.58
CA GLY A 12 3.86 -3.52 -4.54
C GLY A 12 5.20 -3.10 -3.99
N PRO A 13 6.05 -2.55 -4.85
CA PRO A 13 7.39 -2.09 -4.47
C PRO A 13 7.34 -0.84 -3.58
N ASP A 14 8.52 -0.33 -3.24
CA ASP A 14 8.61 0.87 -2.40
C ASP A 14 7.97 2.07 -3.08
N LYS A 15 7.49 3.02 -2.29
CA LYS A 15 6.87 4.22 -2.83
C LYS A 15 7.62 5.47 -2.38
N GLU A 16 8.05 6.27 -3.33
CA GLU A 16 8.78 7.50 -3.05
C GLU A 16 8.06 8.72 -3.63
N LEU A 17 7.47 9.53 -2.75
CA LEU A 17 6.75 10.72 -3.19
C LEU A 17 7.51 11.99 -2.80
N THR A 18 7.28 13.06 -3.55
CA THR A 18 7.95 14.32 -3.29
C THR A 18 6.95 15.47 -3.24
N LEU A 19 6.85 16.12 -2.08
CA LEU A 19 5.93 17.24 -1.90
C LEU A 19 5.94 18.15 -3.12
N PRO A 20 4.84 18.89 -3.33
CA PRO A 20 3.67 18.82 -2.44
C PRO A 20 2.93 17.50 -2.55
N VAL A 21 3.40 16.63 -3.43
CA VAL A 21 2.78 15.33 -3.63
C VAL A 21 2.59 14.60 -2.31
N ASP A 22 1.38 14.66 -1.77
CA ASP A 22 1.06 14.01 -0.51
C ASP A 22 -0.08 13.02 -0.68
N SER A 23 -0.15 12.38 -1.84
CA SER A 23 -1.19 11.42 -2.13
C SER A 23 -0.70 10.35 -3.11
N THR A 24 -1.00 9.09 -2.80
CA THR A 24 -0.58 7.98 -3.64
C THR A 24 -1.67 6.92 -3.74
N THR A 25 -1.51 5.99 -4.67
CA THR A 25 -2.49 4.92 -4.88
C THR A 25 -1.84 3.56 -4.73
N LEU A 26 -2.31 2.77 -3.78
CA LEU A 26 -1.77 1.44 -3.54
C LEU A 26 -2.60 0.38 -4.27
N ASP A 27 -2.21 0.07 -5.50
CA ASP A 27 -2.92 -0.93 -6.30
C ASP A 27 -2.37 -2.32 -6.03
N GLY A 28 -3.26 -3.27 -5.78
CA GLY A 28 -2.86 -4.64 -5.51
C GLY A 28 -3.58 -5.64 -6.38
N SER A 29 -4.05 -5.19 -7.54
CA SER A 29 -4.77 -6.05 -8.46
C SER A 29 -3.90 -7.21 -8.93
N LYS A 30 -2.59 -7.07 -8.72
CA LYS A 30 -1.63 -8.10 -9.12
C LYS A 30 -1.24 -8.97 -7.92
N SER A 31 -2.24 -9.30 -7.09
CA SER A 31 -1.99 -10.12 -5.91
C SER A 31 -1.47 -11.49 -6.30
N SER A 32 -2.07 -12.07 -7.35
CA SER A 32 -1.67 -13.39 -7.82
C SER A 32 -1.87 -13.50 -9.34
N ASP A 33 -1.38 -14.60 -9.91
CA ASP A 33 -1.51 -14.82 -11.35
C ASP A 33 -2.87 -14.35 -11.85
N ASP A 34 -3.93 -14.72 -11.14
CA ASP A 34 -5.27 -14.32 -11.52
C ASP A 34 -5.96 -13.55 -10.38
N GLN A 35 -7.23 -13.24 -10.57
CA GLN A 35 -8.00 -12.50 -9.57
C GLN A 35 -8.85 -13.45 -8.73
N LYS A 36 -8.20 -14.40 -8.08
CA LYS A 36 -8.90 -15.37 -7.24
C LYS A 36 -9.17 -14.79 -5.85
N ILE A 37 -8.60 -13.62 -5.58
CA ILE A 37 -8.78 -12.97 -4.29
C ILE A 37 -10.13 -12.27 -4.21
N ILE A 38 -11.08 -12.87 -3.51
CA ILE A 38 -12.41 -12.30 -3.35
C ILE A 38 -12.48 -11.42 -2.11
N SER A 39 -11.37 -10.77 -1.78
CA SER A 39 -11.30 -9.90 -0.61
C SER A 39 -10.19 -8.88 -0.76
N TYR A 40 -10.41 -7.68 -0.23
CA TYR A 40 -9.43 -6.61 -0.30
C TYR A 40 -9.54 -5.68 0.91
N LEU A 41 -8.42 -5.49 1.60
CA LEU A 41 -8.39 -4.63 2.78
C LEU A 41 -7.06 -3.89 2.87
N TRP A 42 -7.13 -2.59 3.16
CA TRP A 42 -5.93 -1.76 3.28
C TRP A 42 -5.92 -1.01 4.61
N GLU A 43 -4.86 -1.22 5.39
CA GLU A 43 -4.73 -0.56 6.68
C GLU A 43 -3.28 -0.17 6.95
N LYS A 44 -3.09 0.98 7.59
CA LYS A 44 -1.75 1.47 7.91
C LYS A 44 -1.22 0.79 9.17
N THR A 45 -0.16 0.00 9.02
CA THR A 45 0.44 -0.69 10.15
C THR A 45 1.31 0.25 10.97
N GLN A 46 2.26 0.90 10.31
CA GLN A 46 3.16 1.84 10.99
C GLN A 46 3.04 3.23 10.38
N GLY A 47 3.87 4.15 10.89
CA GLY A 47 3.85 5.51 10.38
C GLY A 47 2.96 6.42 11.21
N PRO A 48 3.04 7.73 10.95
CA PRO A 48 2.26 8.74 11.66
C PRO A 48 0.77 8.67 11.31
N ASP A 49 -0.08 9.07 12.25
CA ASP A 49 -1.51 9.06 12.03
C ASP A 49 -1.99 10.38 11.43
N GLY A 50 -3.16 10.35 10.78
CA GLY A 50 -3.70 11.54 10.17
C GLY A 50 -4.14 11.31 8.73
N VAL A 51 -3.29 10.66 7.94
CA VAL A 51 -3.59 10.37 6.55
C VAL A 51 -5.01 9.83 6.41
N GLN A 52 -5.52 9.83 5.17
CA GLN A 52 -6.86 9.35 4.90
C GLN A 52 -6.84 8.27 3.82
N LEU A 53 -7.27 7.07 4.18
CA LEU A 53 -7.31 5.96 3.23
C LEU A 53 -8.65 5.87 2.52
N GLU A 54 -8.62 5.89 1.19
CA GLU A 54 -9.85 5.82 0.41
C GLU A 54 -9.93 4.50 -0.35
N ASN A 55 -11.12 3.92 -0.40
CA ASN A 55 -11.32 2.65 -1.10
C ASN A 55 -10.41 1.58 -0.54
N ALA A 56 -10.24 1.57 0.77
CA ALA A 56 -9.38 0.58 1.43
C ALA A 56 -9.97 -0.83 1.30
N ASN A 57 -11.28 -0.90 1.13
CA ASN A 57 -11.96 -2.18 0.99
C ASN A 57 -11.91 -2.66 -0.45
N SER A 58 -10.93 -2.17 -1.21
CA SER A 58 -10.78 -2.55 -2.60
C SER A 58 -9.34 -2.92 -2.91
N SER A 59 -9.08 -3.36 -4.13
CA SER A 59 -7.74 -3.76 -4.55
C SER A 59 -6.87 -2.53 -4.81
N VAL A 60 -7.53 -1.40 -5.08
CA VAL A 60 -6.81 -0.14 -5.33
C VAL A 60 -7.23 0.94 -4.35
N ALA A 61 -6.36 1.22 -3.38
CA ALA A 61 -6.63 2.24 -2.38
C ALA A 61 -5.89 3.54 -2.69
N THR A 62 -6.28 4.62 -2.02
CA THR A 62 -5.65 5.92 -2.24
C THR A 62 -5.53 6.68 -0.92
N VAL A 63 -4.29 6.88 -0.48
CA VAL A 63 -4.04 7.60 0.76
C VAL A 63 -3.69 9.07 0.49
N THR A 64 -4.33 9.97 1.24
CA THR A 64 -4.08 11.39 1.07
C THR A 64 -3.68 12.04 2.39
N GLY A 65 -3.03 13.20 2.31
CA GLY A 65 -2.61 13.89 3.51
C GLY A 65 -1.31 13.35 4.08
N LEU A 66 -0.40 12.97 3.19
CA LEU A 66 0.89 12.42 3.60
C LEU A 66 1.86 13.54 3.97
N GLN A 67 2.88 13.20 4.74
CA GLN A 67 3.88 14.17 5.16
C GLN A 67 5.27 13.53 5.22
N VAL A 68 6.31 14.37 5.16
CA VAL A 68 7.68 13.89 5.21
C VAL A 68 7.88 12.90 6.35
N GLY A 69 7.67 11.62 6.06
CA GLY A 69 7.83 10.60 7.07
C GLY A 69 7.77 9.19 6.50
N THR A 70 7.60 8.20 7.37
CA THR A 70 7.53 6.81 6.95
C THR A 70 6.12 6.26 7.13
N TYR A 71 5.61 5.60 6.09
CA TYR A 71 4.27 5.02 6.14
C TYR A 71 4.29 3.57 5.67
N VAL A 72 3.87 2.67 6.55
CA VAL A 72 3.84 1.24 6.23
C VAL A 72 2.40 0.74 6.12
N PHE A 73 1.95 0.53 4.89
CA PHE A 73 0.59 0.04 4.64
C PHE A 73 0.60 -1.45 4.33
N THR A 74 -0.21 -2.20 5.07
CA THR A 74 -0.29 -3.65 4.87
C THR A 74 -1.66 -4.03 4.29
N LEU A 75 -1.64 -4.66 3.11
CA LEU A 75 -2.86 -5.09 2.45
C LEU A 75 -3.23 -6.51 2.85
N THR A 76 -4.36 -6.64 3.54
CA THR A 76 -4.83 -7.95 4.00
C THR A 76 -5.97 -8.45 3.12
N VAL A 77 -5.72 -9.54 2.40
CA VAL A 77 -6.73 -10.12 1.52
C VAL A 77 -6.87 -11.62 1.77
N LYS A 78 -8.08 -12.14 1.56
CA LYS A 78 -8.34 -13.56 1.76
C LYS A 78 -8.87 -14.19 0.47
N ASP A 79 -8.38 -15.39 0.16
CA ASP A 79 -8.80 -16.11 -1.03
C ASP A 79 -10.06 -16.91 -0.77
N GLU A 80 -10.61 -17.51 -1.82
CA GLU A 80 -11.82 -18.32 -1.71
C GLU A 80 -11.65 -19.42 -0.67
N ARG A 81 -10.41 -19.87 -0.49
CA ARG A 81 -10.11 -20.93 0.46
C ARG A 81 -9.84 -20.35 1.85
N ASN A 82 -10.26 -19.11 2.05
CA ASN A 82 -10.07 -18.44 3.34
C ASN A 82 -8.58 -18.29 3.65
N LEU A 83 -7.76 -18.27 2.61
CA LEU A 83 -6.33 -18.14 2.78
C LEU A 83 -5.96 -16.73 3.23
N GLN A 84 -5.43 -16.62 4.46
CA GLN A 84 -5.05 -15.33 5.01
C GLN A 84 -3.62 -14.97 4.61
N SER A 85 -3.46 -13.80 4.00
CA SER A 85 -2.15 -13.34 3.56
C SER A 85 -2.14 -11.82 3.36
N GLN A 86 -0.98 -11.21 3.57
CA GLN A 86 -0.84 -9.77 3.41
C GLN A 86 0.62 -9.38 3.22
N SER A 87 0.85 -8.15 2.77
CA SER A 87 2.20 -7.66 2.54
C SER A 87 2.30 -6.17 2.85
N SER A 88 3.44 -5.77 3.42
CA SER A 88 3.66 -4.37 3.77
C SER A 88 4.52 -3.68 2.73
N VAL A 89 4.28 -2.39 2.53
CA VAL A 89 5.03 -1.60 1.56
C VAL A 89 5.60 -0.34 2.20
N ASN A 90 6.88 -0.09 1.95
CA ASN A 90 7.55 1.08 2.50
C ASN A 90 7.24 2.33 1.68
N VAL A 91 6.54 3.28 2.30
CA VAL A 91 6.18 4.51 1.63
C VAL A 91 6.91 5.72 2.22
N ILE A 92 7.95 6.17 1.54
CA ILE A 92 8.74 7.30 2.00
C ILE A 92 8.32 8.59 1.30
N VAL A 93 8.15 9.66 2.07
CA VAL A 93 7.76 10.95 1.52
C VAL A 93 8.86 11.99 1.73
N LYS A 94 9.14 12.75 0.67
CA LYS A 94 10.17 13.79 0.73
C LYS A 94 9.55 15.18 0.57
N GLU A 95 10.38 16.20 0.69
CA GLU A 95 9.91 17.57 0.57
C GLU A 95 10.40 18.20 -0.74
N GLU A 96 9.71 19.24 -1.18
CA GLU A 96 10.08 19.93 -2.42
C GLU A 96 11.49 20.51 -2.33
N SER A 97 12.33 20.14 -3.30
CA SER A 97 13.71 20.61 -3.32
C SER A 97 13.92 21.62 -4.45
N GLY A 98 14.67 22.68 -4.16
CA GLY A 98 14.93 23.70 -5.16
C GLY A 98 13.70 24.54 -5.47
N PRO A 99 13.92 25.82 -5.79
CA PRO A 99 12.84 26.75 -6.12
C PRO A 99 12.17 26.43 -7.45
N SER A 100 11.18 25.55 -7.41
CA SER A 100 10.46 25.16 -8.62
C SER A 100 11.42 24.55 -9.65
N SER A 101 12.49 23.94 -9.15
CA SER A 101 13.48 23.33 -10.02
C SER A 101 13.95 24.30 -11.09
N GLY A 102 14.42 25.47 -10.65
CA GLY A 102 14.90 26.48 -11.59
C GLY A 102 15.55 27.65 -10.88
N GLY A 1 6.57 -31.82 2.08
CA GLY A 1 5.96 -31.22 0.91
C GLY A 1 6.19 -29.73 0.83
N SER A 2 5.12 -28.95 0.86
CA SER A 2 5.22 -27.50 0.80
C SER A 2 4.42 -26.84 1.91
N SER A 3 3.19 -27.31 2.12
CA SER A 3 2.32 -26.77 3.16
C SER A 3 2.53 -25.26 3.30
N GLY A 4 2.64 -24.58 2.17
CA GLY A 4 2.83 -23.15 2.18
C GLY A 4 1.86 -22.43 1.26
N SER A 5 1.50 -21.20 1.62
CA SER A 5 0.58 -20.40 0.82
C SER A 5 1.30 -19.72 -0.33
N SER A 6 1.05 -20.21 -1.55
CA SER A 6 1.68 -19.66 -2.73
C SER A 6 1.14 -18.28 -3.04
N GLY A 7 -0.17 -18.20 -3.30
CA GLY A 7 -0.79 -16.92 -3.61
C GLY A 7 -0.82 -15.99 -2.42
N GLN A 8 -0.22 -14.81 -2.56
CA GLN A 8 -0.19 -13.83 -1.49
C GLN A 8 -0.49 -12.43 -2.02
N ALA A 9 -0.47 -11.45 -1.13
CA ALA A 9 -0.74 -10.07 -1.50
C ALA A 9 0.47 -9.43 -2.17
N ASP A 10 0.22 -8.62 -3.19
CA ASP A 10 1.29 -7.95 -3.92
C ASP A 10 1.13 -6.43 -3.82
N ALA A 11 1.36 -5.89 -2.63
CA ALA A 11 1.25 -4.45 -2.43
C ALA A 11 1.96 -3.68 -3.52
N GLY A 12 3.08 -4.21 -3.99
CA GLY A 12 3.83 -3.55 -5.05
C GLY A 12 5.16 -3.02 -4.55
N PRO A 13 5.88 -2.29 -5.43
CA PRO A 13 7.18 -1.71 -5.11
C PRO A 13 7.07 -0.57 -4.10
N ASP A 14 8.21 -0.14 -3.57
CA ASP A 14 8.24 0.95 -2.61
C ASP A 14 7.56 2.20 -3.16
N LYS A 15 7.32 3.17 -2.30
CA LYS A 15 6.67 4.42 -2.71
C LYS A 15 7.48 5.63 -2.24
N GLU A 16 7.85 6.48 -3.20
CA GLU A 16 8.63 7.68 -2.88
C GLU A 16 7.95 8.93 -3.46
N LEU A 17 7.31 9.69 -2.59
CA LEU A 17 6.62 10.92 -3.02
C LEU A 17 7.46 12.15 -2.68
N THR A 18 7.15 13.26 -3.33
CA THR A 18 7.86 14.51 -3.10
C THR A 18 6.90 15.69 -3.06
N LEU A 19 6.76 16.27 -1.87
CA LEU A 19 5.87 17.42 -1.69
C LEU A 19 5.95 18.36 -2.89
N PRO A 20 4.88 19.15 -3.10
CA PRO A 20 3.69 19.11 -2.23
C PRO A 20 2.90 17.82 -2.40
N VAL A 21 3.35 16.96 -3.31
CA VAL A 21 2.69 15.69 -3.56
C VAL A 21 2.51 14.90 -2.27
N ASP A 22 1.36 15.08 -1.62
CA ASP A 22 1.06 14.38 -0.38
C ASP A 22 -0.06 13.38 -0.58
N SER A 23 -0.08 12.74 -1.75
CA SER A 23 -1.11 11.76 -2.07
C SER A 23 -0.57 10.70 -3.02
N THR A 24 -0.83 9.43 -2.70
CA THR A 24 -0.37 8.33 -3.52
C THR A 24 -1.46 7.28 -3.71
N THR A 25 -1.20 6.29 -4.56
CA THR A 25 -2.16 5.23 -4.82
C THR A 25 -1.54 3.85 -4.61
N LEU A 26 -2.12 3.08 -3.71
CA LEU A 26 -1.62 1.73 -3.42
C LEU A 26 -2.42 0.68 -4.18
N ASP A 27 -2.00 0.41 -5.40
CA ASP A 27 -2.68 -0.59 -6.23
C ASP A 27 -2.10 -1.99 -6.00
N GLY A 28 -2.87 -2.84 -5.34
CA GLY A 28 -2.42 -4.19 -5.07
C GLY A 28 -3.21 -5.23 -5.82
N SER A 29 -3.59 -4.91 -7.06
CA SER A 29 -4.37 -5.83 -7.89
C SER A 29 -3.45 -6.64 -8.79
N LYS A 30 -2.33 -7.11 -8.23
CA LYS A 30 -1.38 -7.91 -8.99
C LYS A 30 -1.19 -9.28 -8.34
N SER A 31 -2.26 -9.81 -7.77
CA SER A 31 -2.21 -11.12 -7.12
C SER A 31 -2.29 -12.24 -8.15
N SER A 32 -1.61 -13.35 -7.87
CA SER A 32 -1.61 -14.49 -8.77
C SER A 32 -2.99 -14.69 -9.41
N ASP A 33 -2.99 -15.13 -10.66
CA ASP A 33 -4.24 -15.35 -11.38
C ASP A 33 -4.95 -16.60 -10.85
N ASP A 34 -4.23 -17.71 -10.80
CA ASP A 34 -4.79 -18.96 -10.31
C ASP A 34 -5.74 -18.71 -9.15
N GLN A 35 -5.26 -18.02 -8.12
CA GLN A 35 -6.07 -17.72 -6.95
C GLN A 35 -6.58 -16.27 -6.99
N LYS A 36 -7.50 -16.01 -7.91
CA LYS A 36 -8.06 -14.67 -8.06
C LYS A 36 -8.58 -14.15 -6.72
N ILE A 37 -7.89 -13.14 -6.19
CA ILE A 37 -8.28 -12.56 -4.91
C ILE A 37 -9.75 -12.15 -4.92
N ILE A 38 -10.40 -12.27 -3.76
CA ILE A 38 -11.81 -11.91 -3.63
C ILE A 38 -12.01 -10.84 -2.57
N SER A 39 -10.99 -10.64 -1.74
CA SER A 39 -11.05 -9.64 -0.67
C SER A 39 -9.90 -8.64 -0.79
N TYR A 40 -10.16 -7.41 -0.39
CA TYR A 40 -9.15 -6.35 -0.46
C TYR A 40 -9.29 -5.40 0.72
N LEU A 41 -8.23 -5.28 1.51
CA LEU A 41 -8.23 -4.40 2.66
C LEU A 41 -6.91 -3.64 2.77
N TRP A 42 -6.99 -2.36 3.13
CA TRP A 42 -5.80 -1.52 3.27
C TRP A 42 -5.80 -0.80 4.60
N GLU A 43 -4.87 -1.18 5.48
CA GLU A 43 -4.77 -0.57 6.80
C GLU A 43 -3.33 -0.19 7.10
N LYS A 44 -3.14 1.00 7.66
CA LYS A 44 -1.80 1.48 8.01
C LYS A 44 -1.30 0.81 9.29
N THR A 45 -0.16 0.12 9.18
CA THR A 45 0.43 -0.56 10.32
C THR A 45 1.34 0.37 11.11
N GLN A 46 2.21 1.08 10.41
CA GLN A 46 3.13 2.02 11.05
C GLN A 46 3.04 3.40 10.42
N GLY A 47 3.59 4.40 11.11
CA GLY A 47 3.55 5.76 10.60
C GLY A 47 2.71 6.68 11.46
N PRO A 48 2.84 7.99 11.23
CA PRO A 48 2.09 9.00 11.98
C PRO A 48 0.60 8.99 11.65
N ASP A 49 -0.21 8.65 12.64
CA ASP A 49 -1.66 8.61 12.46
C ASP A 49 -2.20 9.97 12.03
N GLY A 50 -3.05 9.96 11.01
CA GLY A 50 -3.62 11.21 10.52
C GLY A 50 -4.08 11.11 9.07
N VAL A 51 -3.27 10.47 8.24
CA VAL A 51 -3.60 10.31 6.83
C VAL A 51 -5.00 9.71 6.66
N GLN A 52 -5.56 9.86 5.46
CA GLN A 52 -6.89 9.35 5.17
C GLN A 52 -6.84 8.29 4.07
N LEU A 53 -7.31 7.09 4.37
CA LEU A 53 -7.32 6.00 3.41
C LEU A 53 -8.68 5.87 2.74
N GLU A 54 -8.71 6.05 1.42
CA GLU A 54 -9.95 5.95 0.67
C GLU A 54 -10.03 4.63 -0.08
N ASN A 55 -11.23 4.06 -0.16
CA ASN A 55 -11.44 2.79 -0.84
C ASN A 55 -10.50 1.72 -0.30
N ALA A 56 -10.12 1.87 0.96
CA ALA A 56 -9.23 0.91 1.60
C ALA A 56 -9.72 -0.52 1.39
N ASN A 57 -11.03 -0.69 1.30
CA ASN A 57 -11.63 -2.00 1.10
C ASN A 57 -11.70 -2.35 -0.38
N SER A 58 -10.68 -1.93 -1.13
CA SER A 58 -10.63 -2.19 -2.56
C SER A 58 -9.20 -2.50 -3.00
N SER A 59 -9.06 -2.99 -4.24
CA SER A 59 -7.75 -3.33 -4.78
C SER A 59 -6.85 -2.11 -4.83
N VAL A 60 -7.43 -0.97 -5.21
CA VAL A 60 -6.68 0.27 -5.30
C VAL A 60 -7.16 1.29 -4.27
N ALA A 61 -6.26 1.68 -3.38
CA ALA A 61 -6.60 2.65 -2.33
C ALA A 61 -5.80 3.94 -2.52
N THR A 62 -6.29 5.01 -1.90
CA THR A 62 -5.63 6.31 -1.98
C THR A 62 -5.44 6.94 -0.61
N VAL A 63 -4.21 7.31 -0.29
CA VAL A 63 -3.90 7.92 0.99
C VAL A 63 -3.56 9.40 0.84
N THR A 64 -4.32 10.26 1.51
CA THR A 64 -4.10 11.70 1.45
C THR A 64 -3.67 12.26 2.81
N GLY A 65 -3.11 13.46 2.80
CA GLY A 65 -2.67 14.08 4.03
C GLY A 65 -1.36 13.51 4.54
N LEU A 66 -0.43 13.27 3.62
CA LEU A 66 0.87 12.71 3.98
C LEU A 66 1.88 13.82 4.23
N GLN A 67 3.07 13.44 4.70
CA GLN A 67 4.13 14.40 4.98
C GLN A 67 5.46 13.69 5.23
N VAL A 68 6.55 14.44 5.14
CA VAL A 68 7.88 13.89 5.35
C VAL A 68 7.88 12.87 6.49
N GLY A 69 7.77 11.60 6.14
CA GLY A 69 7.75 10.55 7.13
C GLY A 69 7.63 9.17 6.52
N THR A 70 7.63 8.15 7.38
CA THR A 70 7.52 6.77 6.91
C THR A 70 6.13 6.21 7.15
N TYR A 71 5.55 5.63 6.11
CA TYR A 71 4.20 5.05 6.21
C TYR A 71 4.19 3.62 5.71
N VAL A 72 3.88 2.69 6.61
CA VAL A 72 3.82 1.27 6.27
C VAL A 72 2.39 0.78 6.16
N PHE A 73 1.96 0.50 4.93
CA PHE A 73 0.59 0.02 4.69
C PHE A 73 0.59 -1.47 4.37
N THR A 74 -0.16 -2.23 5.17
CA THR A 74 -0.25 -3.67 4.97
C THR A 74 -1.55 -4.05 4.28
N LEU A 75 -1.44 -4.47 3.02
CA LEU A 75 -2.62 -4.87 2.25
C LEU A 75 -3.01 -6.32 2.55
N THR A 76 -4.18 -6.49 3.16
CA THR A 76 -4.67 -7.82 3.51
C THR A 76 -5.68 -8.32 2.48
N VAL A 77 -5.43 -9.49 1.92
CA VAL A 77 -6.32 -10.08 0.94
C VAL A 77 -6.61 -11.55 1.25
N LYS A 78 -7.74 -12.04 0.75
CA LYS A 78 -8.14 -13.43 0.98
C LYS A 78 -8.63 -14.07 -0.31
N ASP A 79 -8.44 -15.39 -0.42
CA ASP A 79 -8.86 -16.13 -1.60
C ASP A 79 -10.05 -17.02 -1.28
N GLU A 80 -10.61 -17.65 -2.32
CA GLU A 80 -11.75 -18.54 -2.15
C GLU A 80 -11.54 -19.48 -0.97
N ARG A 81 -10.29 -19.92 -0.78
CA ARG A 81 -9.96 -20.83 0.30
C ARG A 81 -9.68 -20.06 1.59
N ASN A 82 -10.38 -18.93 1.76
CA ASN A 82 -10.20 -18.10 2.95
C ASN A 82 -8.74 -18.04 3.36
N LEU A 83 -7.85 -18.06 2.38
CA LEU A 83 -6.42 -18.00 2.64
C LEU A 83 -5.99 -16.60 3.06
N GLN A 84 -5.39 -16.49 4.24
CA GLN A 84 -4.94 -15.20 4.75
C GLN A 84 -3.53 -14.90 4.27
N SER A 85 -3.37 -13.74 3.64
CA SER A 85 -2.07 -13.32 3.12
C SER A 85 -2.05 -11.82 2.85
N GLN A 86 -1.15 -11.12 3.54
CA GLN A 86 -1.02 -9.67 3.38
C GLN A 86 0.43 -9.27 3.15
N SER A 87 0.64 -8.07 2.63
CA SER A 87 1.97 -7.56 2.36
C SER A 87 2.08 -6.08 2.70
N SER A 88 3.21 -5.70 3.29
CA SER A 88 3.44 -4.31 3.67
C SER A 88 4.33 -3.61 2.65
N VAL A 89 4.16 -2.30 2.52
CA VAL A 89 4.95 -1.51 1.59
C VAL A 89 5.57 -0.29 2.27
N ASN A 90 6.77 0.08 1.85
CA ASN A 90 7.46 1.22 2.43
C ASN A 90 7.14 2.50 1.65
N VAL A 91 6.42 3.41 2.30
CA VAL A 91 6.06 4.68 1.68
C VAL A 91 6.77 5.85 2.34
N ILE A 92 7.70 6.46 1.61
CA ILE A 92 8.45 7.60 2.13
C ILE A 92 8.09 8.88 1.39
N VAL A 93 8.07 9.99 2.11
CA VAL A 93 7.75 11.28 1.52
C VAL A 93 8.86 12.29 1.76
N LYS A 94 9.25 13.01 0.70
CA LYS A 94 10.31 14.01 0.80
C LYS A 94 9.77 15.40 0.48
N GLU A 95 10.62 16.41 0.63
CA GLU A 95 10.23 17.78 0.36
C GLU A 95 10.54 18.17 -1.08
N GLU A 96 10.13 19.38 -1.46
CA GLU A 96 10.36 19.86 -2.82
C GLU A 96 11.84 20.20 -3.03
N SER A 97 12.44 19.59 -4.04
CA SER A 97 13.86 19.81 -4.35
C SER A 97 14.12 21.29 -4.56
N GLY A 98 15.37 21.70 -4.33
CA GLY A 98 15.74 23.09 -4.51
C GLY A 98 15.51 23.58 -5.93
N PRO A 99 15.63 24.90 -6.13
CA PRO A 99 15.42 25.52 -7.45
C PRO A 99 16.54 25.17 -8.43
N SER A 100 16.18 25.06 -9.70
CA SER A 100 17.15 24.72 -10.75
C SER A 100 16.79 25.41 -12.06
N SER A 101 17.82 25.82 -12.80
CA SER A 101 17.61 26.50 -14.07
C SER A 101 16.85 25.61 -15.04
N GLY A 102 15.58 25.91 -15.26
CA GLY A 102 14.75 25.14 -16.17
C GLY A 102 13.34 24.95 -15.66
N GLY A 1 12.39 -12.20 -4.69
CA GLY A 1 12.63 -13.58 -5.05
C GLY A 1 11.50 -14.16 -5.89
N SER A 2 10.95 -15.28 -5.45
CA SER A 2 9.87 -15.94 -6.16
C SER A 2 8.64 -16.08 -5.28
N SER A 3 7.51 -16.43 -5.89
CA SER A 3 6.26 -16.60 -5.15
C SER A 3 6.26 -17.89 -4.36
N GLY A 4 5.41 -17.95 -3.34
CA GLY A 4 5.33 -19.14 -2.51
C GLY A 4 3.95 -19.34 -1.91
N SER A 5 3.90 -20.04 -0.78
CA SER A 5 2.62 -20.30 -0.11
C SER A 5 2.31 -19.21 0.93
N SER A 6 3.28 -18.95 1.80
CA SER A 6 3.11 -17.93 2.83
C SER A 6 3.37 -16.53 2.28
N GLY A 7 2.32 -15.91 1.75
CA GLY A 7 2.46 -14.57 1.20
C GLY A 7 1.81 -14.44 -0.17
N GLN A 8 0.51 -14.73 -0.23
CA GLN A 8 -0.22 -14.66 -1.48
C GLN A 8 -0.72 -13.23 -1.73
N ALA A 9 0.16 -12.26 -1.52
CA ALA A 9 -0.19 -10.86 -1.73
C ALA A 9 1.03 -10.04 -2.14
N ASP A 10 0.89 -9.28 -3.22
CA ASP A 10 1.98 -8.45 -3.72
C ASP A 10 1.58 -6.98 -3.73
N ALA A 11 1.64 -6.36 -2.56
CA ALA A 11 1.29 -4.94 -2.42
C ALA A 11 1.89 -4.12 -3.56
N GLY A 12 3.17 -4.35 -3.83
CA GLY A 12 3.84 -3.61 -4.89
C GLY A 12 5.22 -3.12 -4.48
N PRO A 13 5.93 -2.48 -5.41
CA PRO A 13 7.27 -1.95 -5.16
C PRO A 13 7.25 -0.76 -4.21
N ASP A 14 8.42 -0.43 -3.67
CA ASP A 14 8.55 0.68 -2.74
C ASP A 14 7.89 1.93 -3.30
N LYS A 15 7.35 2.77 -2.42
CA LYS A 15 6.68 4.00 -2.83
C LYS A 15 7.50 5.22 -2.40
N GLU A 16 7.75 6.12 -3.36
CA GLU A 16 8.51 7.33 -3.09
C GLU A 16 7.81 8.56 -3.65
N LEU A 17 7.26 9.39 -2.76
CA LEU A 17 6.57 10.59 -3.17
C LEU A 17 7.38 11.84 -2.83
N THR A 18 7.16 12.92 -3.57
CA THR A 18 7.86 14.16 -3.35
C THR A 18 6.90 15.35 -3.28
N LEU A 19 6.87 16.02 -2.14
CA LEU A 19 5.99 17.16 -1.95
C LEU A 19 5.99 18.07 -3.18
N PRO A 20 4.91 18.84 -3.35
CA PRO A 20 3.78 18.83 -2.43
C PRO A 20 2.99 17.53 -2.49
N VAL A 21 3.38 16.64 -3.41
CA VAL A 21 2.71 15.36 -3.58
C VAL A 21 2.52 14.66 -2.24
N ASP A 22 1.36 14.88 -1.63
CA ASP A 22 1.05 14.27 -0.34
C ASP A 22 -0.07 13.25 -0.47
N SER A 23 -0.05 12.50 -1.57
CA SER A 23 -1.07 11.49 -1.83
C SER A 23 -0.55 10.43 -2.80
N THR A 24 -0.96 9.19 -2.58
CA THR A 24 -0.54 8.08 -3.44
C THR A 24 -1.64 7.03 -3.56
N THR A 25 -1.43 6.07 -4.45
CA THR A 25 -2.41 5.01 -4.68
C THR A 25 -1.79 3.63 -4.46
N LEU A 26 -2.43 2.81 -3.65
CA LEU A 26 -1.94 1.47 -3.36
C LEU A 26 -2.70 0.43 -4.18
N ASP A 27 -2.23 0.19 -5.41
CA ASP A 27 -2.86 -0.79 -6.28
C ASP A 27 -2.42 -2.21 -5.93
N GLY A 28 -3.36 -3.04 -5.49
CA GLY A 28 -3.05 -4.41 -5.13
C GLY A 28 -3.53 -5.40 -6.16
N SER A 29 -3.54 -4.99 -7.43
CA SER A 29 -3.98 -5.86 -8.51
C SER A 29 -2.88 -6.83 -8.92
N LYS A 30 -1.64 -6.34 -8.94
CA LYS A 30 -0.49 -7.16 -9.31
C LYS A 30 -0.63 -8.57 -8.73
N SER A 31 -1.08 -8.65 -7.48
CA SER A 31 -1.25 -9.94 -6.82
C SER A 31 -1.71 -11.01 -7.81
N SER A 32 -1.33 -12.25 -7.54
CA SER A 32 -1.71 -13.36 -8.41
C SER A 32 -3.13 -13.20 -8.93
N ASP A 33 -3.26 -13.11 -10.25
CA ASP A 33 -4.56 -12.96 -10.88
C ASP A 33 -5.27 -14.30 -11.02
N ASP A 34 -4.51 -15.33 -11.39
CA ASP A 34 -5.07 -16.66 -11.55
C ASP A 34 -6.12 -16.95 -10.49
N GLN A 35 -5.69 -17.05 -9.24
CA GLN A 35 -6.59 -17.33 -8.14
C GLN A 35 -7.33 -16.07 -7.71
N LYS A 36 -8.38 -15.72 -8.46
CA LYS A 36 -9.18 -14.54 -8.15
C LYS A 36 -9.27 -14.31 -6.65
N ILE A 37 -9.35 -13.05 -6.25
CA ILE A 37 -9.44 -12.70 -4.84
C ILE A 37 -10.76 -11.99 -4.54
N ILE A 38 -11.42 -12.40 -3.46
CA ILE A 38 -12.69 -11.81 -3.06
C ILE A 38 -12.56 -11.10 -1.71
N SER A 39 -11.44 -10.43 -1.51
CA SER A 39 -11.20 -9.71 -0.26
C SER A 39 -10.10 -8.67 -0.44
N TYR A 40 -10.31 -7.49 0.13
CA TYR A 40 -9.34 -6.41 0.03
C TYR A 40 -9.43 -5.49 1.24
N LEU A 41 -8.28 -5.24 1.87
CA LEU A 41 -8.22 -4.38 3.04
C LEU A 41 -6.95 -3.52 3.03
N TRP A 42 -7.12 -2.23 3.28
CA TRP A 42 -5.99 -1.31 3.30
C TRP A 42 -5.94 -0.54 4.62
N GLU A 43 -4.88 -0.78 5.39
CA GLU A 43 -4.71 -0.12 6.68
C GLU A 43 -3.24 0.23 6.93
N LYS A 44 -3.01 1.34 7.61
CA LYS A 44 -1.65 1.78 7.91
C LYS A 44 -1.16 1.15 9.21
N THR A 45 -0.13 0.32 9.09
CA THR A 45 0.44 -0.36 10.25
C THR A 45 1.36 0.58 11.03
N GLN A 46 2.32 1.18 10.35
CA GLN A 46 3.26 2.09 10.97
C GLN A 46 3.13 3.50 10.38
N GLY A 47 3.91 4.43 10.92
CA GLY A 47 3.87 5.80 10.42
C GLY A 47 2.97 6.70 11.27
N PRO A 48 3.05 8.01 11.03
CA PRO A 48 2.25 8.99 11.75
C PRO A 48 0.77 8.92 11.40
N ASP A 49 -0.07 9.01 12.42
CA ASP A 49 -1.52 8.95 12.21
C ASP A 49 -2.06 10.30 11.74
N GLY A 50 -3.18 10.27 11.02
CA GLY A 50 -3.77 11.50 10.53
C GLY A 50 -4.20 11.39 9.08
N VAL A 51 -3.39 10.71 8.28
CA VAL A 51 -3.68 10.54 6.86
C VAL A 51 -5.07 9.95 6.65
N GLN A 52 -5.59 10.08 5.43
CA GLN A 52 -6.91 9.57 5.11
C GLN A 52 -6.83 8.51 4.02
N LEU A 53 -7.50 7.38 4.24
CA LEU A 53 -7.51 6.29 3.27
C LEU A 53 -8.90 6.09 2.68
N GLU A 54 -8.99 6.11 1.35
CA GLU A 54 -10.25 5.93 0.66
C GLU A 54 -10.28 4.59 -0.08
N ASN A 55 -11.49 4.13 -0.40
CA ASN A 55 -11.66 2.86 -1.10
C ASN A 55 -10.78 1.78 -0.50
N ALA A 56 -10.46 1.92 0.77
CA ALA A 56 -9.62 0.95 1.46
C ALA A 56 -10.17 -0.46 1.31
N ASN A 57 -11.47 -0.56 1.08
CA ASN A 57 -12.12 -1.86 0.91
C ASN A 57 -12.11 -2.27 -0.56
N SER A 58 -11.09 -1.85 -1.29
CA SER A 58 -10.96 -2.18 -2.71
C SER A 58 -9.53 -2.58 -3.05
N SER A 59 -9.34 -3.11 -4.26
CA SER A 59 -8.03 -3.53 -4.72
C SER A 59 -7.06 -2.36 -4.74
N VAL A 60 -7.58 -1.18 -5.09
CA VAL A 60 -6.76 0.03 -5.15
C VAL A 60 -7.21 1.05 -4.13
N ALA A 61 -6.29 1.46 -3.26
CA ALA A 61 -6.59 2.44 -2.23
C ALA A 61 -5.89 3.77 -2.50
N THR A 62 -6.36 4.83 -1.86
CA THR A 62 -5.79 6.16 -2.04
C THR A 62 -5.54 6.84 -0.69
N VAL A 63 -4.30 7.23 -0.45
CA VAL A 63 -3.94 7.90 0.80
C VAL A 63 -3.74 9.40 0.58
N THR A 64 -4.20 10.19 1.55
CA THR A 64 -4.07 11.64 1.47
C THR A 64 -3.64 12.23 2.80
N GLY A 65 -3.11 13.45 2.76
CA GLY A 65 -2.66 14.10 3.97
C GLY A 65 -1.33 13.57 4.47
N LEU A 66 -0.50 13.12 3.54
CA LEU A 66 0.82 12.58 3.89
C LEU A 66 1.81 13.70 4.16
N GLN A 67 2.93 13.34 4.79
CA GLN A 67 3.97 14.32 5.11
C GLN A 67 5.33 13.65 5.25
N VAL A 68 6.38 14.40 4.98
CA VAL A 68 7.74 13.87 5.08
C VAL A 68 7.86 12.89 6.24
N GLY A 69 7.72 11.60 5.94
CA GLY A 69 7.82 10.58 6.97
C GLY A 69 7.73 9.18 6.41
N THR A 70 7.61 8.20 7.29
CA THR A 70 7.53 6.80 6.88
C THR A 70 6.14 6.24 7.12
N TYR A 71 5.54 5.68 6.07
CA TYR A 71 4.21 5.10 6.17
C TYR A 71 4.20 3.66 5.67
N VAL A 72 3.77 2.75 6.54
CA VAL A 72 3.71 1.33 6.20
C VAL A 72 2.27 0.84 6.11
N PHE A 73 1.83 0.53 4.89
CA PHE A 73 0.48 0.05 4.67
C PHE A 73 0.46 -1.43 4.32
N THR A 74 -0.26 -2.21 5.12
CA THR A 74 -0.36 -3.65 4.89
C THR A 74 -1.64 -4.01 4.16
N LEU A 75 -1.51 -4.85 3.13
CA LEU A 75 -2.66 -5.27 2.35
C LEU A 75 -3.03 -6.72 2.66
N THR A 76 -4.09 -6.90 3.45
CA THR A 76 -4.54 -8.23 3.82
C THR A 76 -5.70 -8.68 2.95
N VAL A 77 -5.41 -9.62 2.03
CA VAL A 77 -6.43 -10.13 1.13
C VAL A 77 -6.65 -11.63 1.36
N LYS A 78 -7.79 -12.13 0.87
CA LYS A 78 -8.13 -13.54 1.02
C LYS A 78 -8.51 -14.15 -0.32
N ASP A 79 -8.31 -15.46 -0.46
CA ASP A 79 -8.65 -16.17 -1.69
C ASP A 79 -9.90 -17.02 -1.51
N GLU A 80 -10.24 -17.79 -2.53
CA GLU A 80 -11.42 -18.65 -2.49
C GLU A 80 -11.29 -19.69 -1.38
N ARG A 81 -10.06 -20.16 -1.17
CA ARG A 81 -9.79 -21.17 -0.14
C ARG A 81 -9.61 -20.51 1.22
N ASN A 82 -10.00 -19.26 1.33
CA ASN A 82 -9.89 -18.51 2.58
C ASN A 82 -8.43 -18.35 2.98
N LEU A 83 -7.55 -18.35 1.98
CA LEU A 83 -6.12 -18.19 2.24
C LEU A 83 -5.80 -16.78 2.74
N GLN A 84 -5.21 -16.72 3.93
CA GLN A 84 -4.85 -15.43 4.52
C GLN A 84 -3.40 -15.06 4.20
N SER A 85 -3.22 -13.92 3.53
CA SER A 85 -1.89 -13.46 3.15
C SER A 85 -1.59 -12.10 3.78
N GLN A 86 -0.42 -11.57 3.46
CA GLN A 86 -0.01 -10.27 4.01
C GLN A 86 1.12 -9.67 3.17
N SER A 87 1.07 -8.36 2.96
CA SER A 87 2.08 -7.67 2.18
C SER A 87 2.10 -6.18 2.51
N SER A 88 3.20 -5.73 3.11
CA SER A 88 3.35 -4.33 3.48
C SER A 88 4.18 -3.57 2.45
N VAL A 89 3.90 -2.28 2.31
CA VAL A 89 4.62 -1.44 1.36
C VAL A 89 5.22 -0.22 2.05
N ASN A 90 6.50 0.01 1.80
CA ASN A 90 7.21 1.14 2.39
C ASN A 90 6.96 2.42 1.59
N VAL A 91 6.28 3.38 2.20
CA VAL A 91 5.99 4.64 1.53
C VAL A 91 6.80 5.78 2.15
N ILE A 92 7.86 6.18 1.44
CA ILE A 92 8.72 7.27 1.92
C ILE A 92 8.35 8.59 1.25
N VAL A 93 8.01 9.58 2.07
CA VAL A 93 7.64 10.89 1.55
C VAL A 93 8.77 11.90 1.75
N LYS A 94 9.20 12.52 0.65
CA LYS A 94 10.28 13.50 0.70
C LYS A 94 9.76 14.89 0.31
N GLU A 95 10.43 15.93 0.81
CA GLU A 95 10.05 17.30 0.51
C GLU A 95 10.58 17.73 -0.85
N GLU A 96 9.95 18.74 -1.44
CA GLU A 96 10.36 19.25 -2.74
C GLU A 96 11.78 19.80 -2.68
N SER A 97 12.48 19.74 -3.81
CA SER A 97 13.86 20.23 -3.89
C SER A 97 13.89 21.66 -4.42
N GLY A 98 13.74 22.62 -3.52
CA GLY A 98 13.75 24.02 -3.91
C GLY A 98 14.77 24.83 -3.14
N PRO A 99 15.37 25.82 -3.80
CA PRO A 99 16.38 26.69 -3.18
C PRO A 99 15.78 27.62 -2.13
N SER A 100 16.65 28.34 -1.43
CA SER A 100 16.21 29.26 -0.39
C SER A 100 16.38 30.70 -0.83
N SER A 101 17.63 31.10 -1.10
CA SER A 101 17.93 32.45 -1.53
C SER A 101 17.91 32.56 -3.05
N GLY A 102 18.06 31.41 -3.72
CA GLY A 102 18.05 31.39 -5.17
C GLY A 102 19.27 32.08 -5.76
N GLY A 1 -11.19 -24.42 8.26
CA GLY A 1 -10.18 -25.41 8.59
C GLY A 1 -8.76 -24.89 8.37
N SER A 2 -7.77 -25.60 8.88
CA SER A 2 -6.38 -25.21 8.73
C SER A 2 -5.83 -25.63 7.38
N SER A 3 -4.84 -24.91 6.89
CA SER A 3 -4.23 -25.20 5.61
C SER A 3 -2.87 -24.50 5.47
N GLY A 4 -2.02 -25.06 4.62
CA GLY A 4 -0.70 -24.48 4.41
C GLY A 4 -0.76 -22.98 4.20
N SER A 5 0.29 -22.29 4.66
CA SER A 5 0.35 -20.83 4.52
C SER A 5 0.79 -20.44 3.12
N SER A 6 0.08 -19.49 2.53
CA SER A 6 0.39 -19.01 1.18
C SER A 6 1.16 -17.70 1.23
N GLY A 7 0.60 -16.72 1.95
CA GLY A 7 1.24 -15.43 2.06
C GLY A 7 1.43 -14.75 0.71
N GLN A 8 0.49 -14.98 -0.20
CA GLN A 8 0.57 -14.40 -1.54
C GLN A 8 -0.22 -13.08 -1.60
N ALA A 9 0.50 -11.98 -1.71
CA ALA A 9 -0.11 -10.66 -1.79
C ALA A 9 0.80 -9.66 -2.47
N ASP A 10 0.23 -8.84 -3.35
CA ASP A 10 0.99 -7.83 -4.07
C ASP A 10 0.52 -6.43 -3.71
N ALA A 11 1.31 -5.73 -2.90
CA ALA A 11 0.96 -4.38 -2.47
C ALA A 11 1.77 -3.35 -3.24
N GLY A 12 2.11 -3.69 -4.49
CA GLY A 12 2.89 -2.77 -5.32
C GLY A 12 4.30 -2.58 -4.81
N PRO A 13 5.20 -2.12 -5.69
CA PRO A 13 6.60 -1.88 -5.35
C PRO A 13 6.78 -0.69 -4.41
N ASP A 14 8.02 -0.44 -4.01
CA ASP A 14 8.32 0.66 -3.10
C ASP A 14 7.68 1.95 -3.59
N LYS A 15 7.19 2.76 -2.65
CA LYS A 15 6.55 4.03 -2.98
C LYS A 15 7.41 5.21 -2.53
N GLU A 16 7.67 6.13 -3.45
CA GLU A 16 8.47 7.30 -3.14
C GLU A 16 7.79 8.58 -3.64
N LEU A 17 7.31 9.38 -2.70
CA LEU A 17 6.64 10.64 -3.04
C LEU A 17 7.39 11.83 -2.46
N THR A 18 7.20 13.00 -3.07
CA THR A 18 7.85 14.22 -2.62
C THR A 18 6.89 15.40 -2.65
N LEU A 19 6.66 15.99 -1.49
CA LEU A 19 5.76 17.13 -1.37
C LEU A 19 5.96 18.10 -2.53
N PRO A 20 4.94 18.94 -2.80
CA PRO A 20 3.70 18.93 -2.02
C PRO A 20 2.86 17.68 -2.26
N VAL A 21 3.33 16.83 -3.16
CA VAL A 21 2.63 15.59 -3.49
C VAL A 21 2.25 14.83 -2.23
N ASP A 22 1.03 15.04 -1.76
CA ASP A 22 0.54 14.36 -0.56
C ASP A 22 -0.66 13.47 -0.88
N SER A 23 -0.61 12.81 -2.03
CA SER A 23 -1.69 11.94 -2.46
C SER A 23 -1.18 10.89 -3.44
N THR A 24 -1.56 9.63 -3.21
CA THR A 24 -1.14 8.53 -4.07
C THR A 24 -2.19 7.43 -4.10
N THR A 25 -2.01 6.48 -5.01
CA THR A 25 -2.95 5.37 -5.15
C THR A 25 -2.22 4.03 -5.05
N LEU A 26 -2.73 3.15 -4.19
CA LEU A 26 -2.13 1.83 -3.99
C LEU A 26 -3.02 0.75 -4.59
N ASP A 27 -2.84 0.48 -5.87
CA ASP A 27 -3.62 -0.55 -6.56
C ASP A 27 -2.97 -1.92 -6.40
N GLY A 28 -3.76 -2.88 -5.94
CA GLY A 28 -3.26 -4.22 -5.75
C GLY A 28 -3.98 -5.24 -6.61
N SER A 29 -4.43 -4.81 -7.78
CA SER A 29 -5.14 -5.70 -8.70
C SER A 29 -4.24 -6.83 -9.16
N LYS A 30 -2.94 -6.59 -9.15
CA LYS A 30 -1.97 -7.60 -9.57
C LYS A 30 -1.49 -8.41 -8.37
N SER A 31 -2.43 -8.89 -7.56
CA SER A 31 -2.10 -9.69 -6.38
C SER A 31 -1.20 -10.87 -6.76
N SER A 32 -0.25 -11.18 -5.89
CA SER A 32 0.67 -12.29 -6.13
C SER A 32 -0.09 -13.54 -6.58
N ASP A 33 -1.13 -13.89 -5.85
CA ASP A 33 -1.94 -15.06 -6.18
C ASP A 33 -2.81 -14.79 -7.40
N ASP A 34 -2.86 -15.75 -8.31
CA ASP A 34 -3.65 -15.62 -9.53
C ASP A 34 -5.07 -16.12 -9.30
N GLN A 35 -5.28 -16.83 -8.20
CA GLN A 35 -6.60 -17.35 -7.87
C GLN A 35 -7.53 -16.24 -7.42
N LYS A 36 -8.81 -16.37 -7.75
CA LYS A 36 -9.81 -15.37 -7.36
C LYS A 36 -9.51 -14.81 -5.98
N ILE A 37 -9.37 -13.49 -5.91
CA ILE A 37 -9.07 -12.82 -4.64
C ILE A 37 -10.36 -12.42 -3.94
N ILE A 38 -11.28 -11.81 -4.69
CA ILE A 38 -12.55 -11.38 -4.13
C ILE A 38 -12.37 -10.76 -2.74
N SER A 39 -11.21 -10.15 -2.53
CA SER A 39 -10.91 -9.52 -1.25
C SER A 39 -9.82 -8.46 -1.41
N TYR A 40 -10.05 -7.29 -0.82
CA TYR A 40 -9.09 -6.20 -0.90
C TYR A 40 -9.19 -5.31 0.34
N LEU A 41 -8.10 -5.24 1.09
CA LEU A 41 -8.05 -4.41 2.30
C LEU A 41 -6.78 -3.58 2.35
N TRP A 42 -6.89 -2.38 2.91
CA TRP A 42 -5.75 -1.48 3.02
C TRP A 42 -5.71 -0.81 4.39
N GLU A 43 -4.66 -1.09 5.16
CA GLU A 43 -4.50 -0.51 6.48
C GLU A 43 -3.05 -0.14 6.75
N LYS A 44 -2.85 0.93 7.51
CA LYS A 44 -1.51 1.39 7.84
C LYS A 44 -1.02 0.76 9.14
N THR A 45 -0.03 -0.13 9.05
CA THR A 45 0.52 -0.79 10.21
C THR A 45 1.44 0.13 11.00
N GLN A 46 2.30 0.85 10.27
CA GLN A 46 3.24 1.77 10.89
C GLN A 46 3.18 3.14 10.23
N GLY A 47 3.96 4.08 10.75
CA GLY A 47 3.98 5.42 10.19
C GLY A 47 3.17 6.41 11.03
N PRO A 48 3.32 7.70 10.72
CA PRO A 48 2.61 8.76 11.44
C PRO A 48 1.11 8.75 11.16
N ASP A 49 0.32 9.10 12.17
CA ASP A 49 -1.14 9.13 12.03
C ASP A 49 -1.62 10.52 11.58
N GLY A 50 -2.28 10.56 10.44
CA GLY A 50 -2.77 11.83 9.92
C GLY A 50 -3.33 11.70 8.52
N VAL A 51 -2.80 10.76 7.74
CA VAL A 51 -3.25 10.54 6.38
C VAL A 51 -4.70 10.06 6.35
N GLN A 52 -5.30 10.08 5.17
CA GLN A 52 -6.68 9.65 5.01
C GLN A 52 -6.80 8.58 3.92
N LEU A 53 -7.22 7.39 4.31
CA LEU A 53 -7.38 6.28 3.37
C LEU A 53 -8.81 6.18 2.88
N GLU A 54 -9.00 6.22 1.58
CA GLU A 54 -10.33 6.13 0.98
C GLU A 54 -10.48 4.84 0.17
N ASN A 55 -11.63 4.18 0.32
CA ASN A 55 -11.89 2.94 -0.39
C ASN A 55 -10.86 1.87 -0.03
N ALA A 56 -10.43 1.89 1.23
CA ALA A 56 -9.45 0.92 1.71
C ALA A 56 -9.94 -0.52 1.48
N ASN A 57 -11.25 -0.67 1.40
CA ASN A 57 -11.85 -1.99 1.19
C ASN A 57 -11.97 -2.31 -0.29
N SER A 58 -11.06 -1.76 -1.09
CA SER A 58 -11.06 -1.98 -2.52
C SER A 58 -9.65 -2.28 -3.04
N SER A 59 -9.57 -2.83 -4.25
CA SER A 59 -8.28 -3.16 -4.84
C SER A 59 -7.40 -1.92 -4.96
N VAL A 60 -8.02 -0.78 -5.22
CA VAL A 60 -7.29 0.48 -5.35
C VAL A 60 -7.69 1.46 -4.25
N ALA A 61 -6.74 1.77 -3.38
CA ALA A 61 -6.98 2.70 -2.28
C ALA A 61 -6.32 4.04 -2.53
N THR A 62 -6.81 5.09 -1.88
CA THR A 62 -6.26 6.42 -2.03
C THR A 62 -5.91 7.03 -0.68
N VAL A 63 -4.66 7.45 -0.53
CA VAL A 63 -4.19 8.05 0.71
C VAL A 63 -3.86 9.53 0.52
N THR A 64 -4.34 10.37 1.42
CA THR A 64 -4.10 11.80 1.36
C THR A 64 -3.53 12.32 2.67
N GLY A 65 -2.96 13.53 2.61
CA GLY A 65 -2.38 14.12 3.81
C GLY A 65 -1.09 13.45 4.22
N LEU A 66 -0.25 13.13 3.24
CA LEU A 66 1.02 12.47 3.51
C LEU A 66 2.10 13.51 3.86
N GLN A 67 3.16 13.04 4.52
CA GLN A 67 4.26 13.91 4.90
C GLN A 67 5.56 13.14 5.01
N VAL A 68 6.68 13.83 4.81
CA VAL A 68 7.99 13.21 4.88
C VAL A 68 8.08 12.25 6.06
N GLY A 69 8.32 10.97 5.75
CA GLY A 69 8.42 9.96 6.80
C GLY A 69 8.36 8.56 6.25
N THR A 70 7.80 7.64 7.03
CA THR A 70 7.69 6.24 6.61
C THR A 70 6.30 5.69 6.91
N TYR A 71 5.63 5.22 5.86
CA TYR A 71 4.29 4.65 6.00
C TYR A 71 4.26 3.20 5.55
N VAL A 72 3.84 2.32 6.46
CA VAL A 72 3.76 0.89 6.16
C VAL A 72 2.32 0.43 6.08
N PHE A 73 1.85 0.18 4.86
CA PHE A 73 0.48 -0.28 4.64
C PHE A 73 0.44 -1.77 4.32
N THR A 74 -0.24 -2.53 5.17
CA THR A 74 -0.35 -3.97 4.99
C THR A 74 -1.64 -4.33 4.26
N LEU A 75 -1.50 -4.77 3.00
CA LEU A 75 -2.65 -5.14 2.20
C LEU A 75 -3.04 -6.60 2.45
N THR A 76 -4.18 -6.79 3.11
CA THR A 76 -4.67 -8.12 3.42
C THR A 76 -5.63 -8.62 2.35
N VAL A 77 -5.34 -9.78 1.78
CA VAL A 77 -6.18 -10.36 0.74
C VAL A 77 -6.44 -11.84 1.02
N LYS A 78 -7.67 -12.27 0.76
CA LYS A 78 -8.06 -13.66 0.97
C LYS A 78 -8.50 -14.31 -0.34
N ASP A 79 -7.79 -15.36 -0.75
CA ASP A 79 -8.12 -16.06 -1.97
C ASP A 79 -9.40 -16.86 -1.82
N GLU A 80 -9.90 -17.42 -2.92
CA GLU A 80 -11.11 -18.20 -2.91
C GLU A 80 -11.04 -19.32 -1.87
N ARG A 81 -9.82 -19.72 -1.54
CA ARG A 81 -9.60 -20.77 -0.56
C ARG A 81 -9.40 -20.19 0.83
N ASN A 82 -10.06 -19.07 1.09
CA ASN A 82 -9.97 -18.41 2.39
C ASN A 82 -8.51 -18.33 2.85
N LEU A 83 -7.59 -18.35 1.90
CA LEU A 83 -6.17 -18.29 2.21
C LEU A 83 -5.80 -16.92 2.75
N GLN A 84 -5.20 -16.90 3.94
CA GLN A 84 -4.78 -15.65 4.57
C GLN A 84 -3.38 -15.26 4.12
N SER A 85 -3.27 -14.05 3.56
CA SER A 85 -1.97 -13.56 3.09
C SER A 85 -2.01 -12.04 2.90
N GLN A 86 -1.06 -11.35 3.50
CA GLN A 86 -0.98 -9.89 3.40
C GLN A 86 0.44 -9.45 3.09
N SER A 87 0.57 -8.35 2.35
CA SER A 87 1.87 -7.81 1.98
C SER A 87 1.97 -6.33 2.33
N SER A 88 3.08 -5.95 2.96
CA SER A 88 3.30 -4.56 3.36
C SER A 88 4.20 -3.85 2.36
N VAL A 89 3.91 -2.58 2.11
CA VAL A 89 4.70 -1.79 1.17
C VAL A 89 5.36 -0.60 1.87
N ASN A 90 6.62 -0.35 1.54
CA ASN A 90 7.36 0.75 2.15
C ASN A 90 7.14 2.04 1.36
N VAL A 91 6.45 2.99 1.98
CA VAL A 91 6.17 4.27 1.34
C VAL A 91 6.99 5.39 1.98
N ILE A 92 8.03 5.83 1.29
CA ILE A 92 8.89 6.89 1.78
C ILE A 92 8.48 8.25 1.21
N VAL A 93 8.39 9.25 2.07
CA VAL A 93 8.01 10.59 1.65
C VAL A 93 9.11 11.60 1.97
N LYS A 94 9.29 12.57 1.08
CA LYS A 94 10.31 13.60 1.26
C LYS A 94 9.70 15.00 1.14
N GLU A 95 10.48 16.01 1.52
CA GLU A 95 10.01 17.38 1.45
C GLU A 95 10.45 18.05 0.15
N GLU A 96 9.74 19.11 -0.24
CA GLU A 96 10.06 19.82 -1.47
C GLU A 96 11.30 20.70 -1.28
N SER A 97 12.19 20.68 -2.28
CA SER A 97 13.40 21.46 -2.22
C SER A 97 13.10 22.95 -2.12
N GLY A 98 13.19 23.50 -0.91
CA GLY A 98 12.92 24.90 -0.70
C GLY A 98 14.13 25.66 -0.19
N PRO A 99 14.23 26.94 -0.57
CA PRO A 99 15.34 27.81 -0.16
C PRO A 99 15.29 28.15 1.33
N SER A 100 16.29 27.68 2.07
CA SER A 100 16.35 27.93 3.50
C SER A 100 16.06 29.40 3.81
N SER A 101 14.93 29.65 4.46
CA SER A 101 14.53 31.01 4.82
C SER A 101 15.59 31.68 5.70
N GLY A 102 16.57 32.30 5.06
CA GLY A 102 17.62 32.97 5.80
C GLY A 102 18.93 33.01 5.03
#